data_2HTG
#
_entry.id   2HTG
#
_entity_poly.entity_id   1
_entity_poly.type   'polypeptide(L)'
_entity_poly.pdbx_seq_one_letter_code
;HINELLHILVFGESLLNDAVTVVLYKK(NH2)
;
_entity_poly.pdbx_strand_id   A
#
# COMPACT_ATOMS: atom_id res chain seq x y z
N HIS A 1 4.96 -4.13 19.36
CA HIS A 1 6.28 -4.68 18.96
C HIS A 1 7.09 -3.62 18.24
N ILE A 2 8.40 -3.86 18.10
CA ILE A 2 9.28 -2.90 17.43
C ILE A 2 10.37 -3.63 16.66
N ASN A 3 10.19 -4.93 16.48
CA ASN A 3 11.18 -5.74 15.76
C ASN A 3 10.95 -5.65 14.26
N GLU A 4 9.68 -5.57 13.86
CA GLU A 4 9.35 -5.48 12.45
C GLU A 4 9.18 -4.02 12.05
N LEU A 5 9.31 -3.13 13.04
CA LEU A 5 9.18 -1.70 12.79
C LEU A 5 9.97 -1.29 11.55
N LEU A 6 10.83 -2.18 11.07
CA LEU A 6 11.63 -1.91 9.89
C LEU A 6 11.05 -2.63 8.68
N HIS A 7 10.57 -3.85 8.89
CA HIS A 7 9.99 -4.65 7.82
C HIS A 7 8.53 -4.30 7.59
N ILE A 8 7.64 -4.91 8.38
CA ILE A 8 6.22 -4.65 8.24
C ILE A 8 5.97 -3.16 8.04
N LEU A 9 6.91 -2.34 8.47
CA LEU A 9 6.78 -0.91 8.33
C LEU A 9 6.79 -0.52 6.85
N VAL A 10 7.89 -0.84 6.17
CA VAL A 10 8.02 -0.51 4.75
C VAL A 10 7.29 -1.54 3.88
N PHE A 11 7.16 -2.75 4.38
CA PHE A 11 6.49 -3.81 3.63
C PHE A 11 5.24 -3.28 2.94
N GLY A 12 4.73 -2.15 3.44
CA GLY A 12 3.54 -1.55 2.86
C GLY A 12 3.43 -0.08 3.24
N GLU A 13 4.57 0.60 3.32
CA GLU A 13 4.58 2.02 3.69
C GLU A 13 3.45 2.76 2.98
N SER A 14 3.72 3.23 1.76
CA SER A 14 2.73 3.95 0.99
C SER A 14 1.95 3.00 0.08
N LEU A 15 2.55 1.85 -0.21
CA LEU A 15 1.91 0.86 -1.06
C LEU A 15 0.49 0.57 -0.57
N LEU A 16 0.21 0.95 0.67
CA LEU A 16 -1.10 0.72 1.25
C LEU A 16 -2.02 1.91 0.98
N ASN A 17 -1.47 3.10 1.05
CA ASN A 17 -2.24 4.31 0.80
C ASN A 17 -2.70 4.38 -0.64
N ASP A 18 -2.05 3.59 -1.50
CA ASP A 18 -2.39 3.56 -2.91
C ASP A 18 -3.46 2.50 -3.18
N ALA A 19 -3.50 1.49 -2.32
CA ALA A 19 -4.47 0.42 -2.47
C ALA A 19 -5.73 0.72 -1.66
N VAL A 20 -5.64 1.72 -0.80
CA VAL A 20 -6.77 2.12 0.03
C VAL A 20 -7.67 3.10 -0.71
N THR A 21 -7.12 3.73 -1.74
CA THR A 21 -7.88 4.69 -2.54
C THR A 21 -8.54 4.00 -3.72
N VAL A 22 -7.72 3.38 -4.58
CA VAL A 22 -8.24 2.68 -5.75
C VAL A 22 -9.46 1.84 -5.37
N VAL A 23 -9.50 1.39 -4.12
CA VAL A 23 -10.62 0.58 -3.66
C VAL A 23 -11.73 1.44 -3.07
N LEU A 24 -11.36 2.63 -2.58
CA LEU A 24 -12.33 3.54 -1.98
C LEU A 24 -12.86 4.51 -3.03
N TYR A 25 -12.02 4.86 -4.00
CA TYR A 25 -12.41 5.79 -5.05
C TYR A 25 -12.99 5.03 -6.24
N LYS A 26 -12.11 4.51 -7.08
CA LYS A 26 -12.53 3.77 -8.26
C LYS A 26 -13.29 2.51 -7.87
N LYS A 27 -13.06 2.04 -6.66
CA LYS A 27 -13.74 0.84 -6.18
C LYS A 27 -13.76 -0.23 -7.27
N HIS A 1 7.79 6.56 -11.25
CA HIS A 1 7.76 7.67 -10.25
C HIS A 1 8.94 8.61 -10.51
N ILE A 2 9.50 9.15 -9.44
CA ILE A 2 10.63 10.07 -9.57
C ILE A 2 11.94 9.35 -9.24
N ASN A 3 13.05 9.99 -9.58
CA ASN A 3 14.36 9.40 -9.31
C ASN A 3 14.84 9.77 -7.92
N GLU A 4 14.33 10.87 -7.39
CA GLU A 4 14.70 11.32 -6.06
C GLU A 4 13.79 10.72 -5.00
N LEU A 5 12.48 10.77 -5.25
CA LEU A 5 11.51 10.22 -4.32
C LEU A 5 11.39 8.71 -4.49
N LEU A 6 12.18 8.16 -5.41
CA LEU A 6 12.15 6.72 -5.67
C LEU A 6 12.26 5.94 -4.36
N HIS A 7 12.59 6.64 -3.28
CA HIS A 7 12.72 6.00 -1.98
C HIS A 7 11.64 4.95 -1.76
N ILE A 8 10.41 5.28 -2.18
CA ILE A 8 9.30 4.35 -2.02
C ILE A 8 9.74 2.92 -2.35
N LEU A 9 10.34 2.75 -3.52
CA LEU A 9 10.81 1.43 -3.94
C LEU A 9 11.43 0.67 -2.78
N VAL A 10 12.09 1.39 -1.88
CA VAL A 10 12.72 0.77 -0.73
C VAL A 10 11.71 -0.05 0.07
N PHE A 11 10.80 0.64 0.75
CA PHE A 11 9.78 -0.04 1.55
C PHE A 11 8.61 -0.46 0.68
N GLY A 12 7.77 0.50 0.32
CA GLY A 12 6.60 0.22 -0.52
C GLY A 12 5.33 0.19 0.31
N GLU A 13 5.42 0.70 1.54
CA GLU A 13 4.26 0.73 2.43
C GLU A 13 3.15 1.60 1.85
N SER A 14 3.42 2.18 0.68
CA SER A 14 2.44 3.03 0.02
C SER A 14 1.20 2.24 -0.36
N LEU A 15 1.21 0.94 -0.03
CA LEU A 15 0.07 0.07 -0.34
C LEU A 15 -1.19 0.57 0.37
N LEU A 16 -1.02 1.04 1.60
CA LEU A 16 -2.16 1.54 2.37
C LEU A 16 -2.36 3.03 2.13
N ASN A 17 -1.52 3.61 1.30
CA ASN A 17 -1.61 5.04 1.00
C ASN A 17 -2.55 5.27 -0.17
N ASP A 18 -2.05 5.07 -1.39
CA ASP A 18 -2.85 5.28 -2.58
C ASP A 18 -3.57 3.98 -2.97
N ALA A 19 -2.80 2.93 -3.19
CA ALA A 19 -3.37 1.64 -3.56
C ALA A 19 -4.63 1.35 -2.75
N VAL A 20 -4.76 2.01 -1.61
CA VAL A 20 -5.93 1.81 -0.75
C VAL A 20 -7.17 2.40 -1.42
N THR A 21 -7.00 2.96 -2.60
CA THR A 21 -8.11 3.55 -3.33
C THR A 21 -8.70 2.55 -4.32
N VAL A 22 -7.93 2.25 -5.37
CA VAL A 22 -8.39 1.30 -6.39
C VAL A 22 -8.75 -0.03 -5.75
N VAL A 23 -7.74 -0.75 -5.27
CA VAL A 23 -7.96 -2.05 -4.64
C VAL A 23 -9.15 -1.99 -3.70
N LEU A 24 -9.54 -0.77 -3.31
CA LEU A 24 -10.66 -0.59 -2.40
C LEU A 24 -11.93 -0.19 -3.16
N TYR A 25 -11.96 1.07 -3.60
CA TYR A 25 -13.12 1.58 -4.34
C TYR A 25 -13.51 0.63 -5.47
N LYS A 26 -12.84 0.76 -6.60
CA LYS A 26 -13.13 -0.07 -7.76
C LYS A 26 -13.30 -1.53 -7.34
N LYS A 27 -12.43 -2.00 -6.46
CA LYS A 27 -12.49 -3.38 -5.99
C LYS A 27 -12.97 -3.43 -4.54
N HIS A 1 8.14 -12.26 -3.70
CA HIS A 1 9.56 -12.26 -4.18
C HIS A 1 10.39 -11.31 -3.32
N ILE A 2 11.71 -11.45 -3.39
CA ILE A 2 12.61 -10.59 -2.63
C ILE A 2 13.41 -9.69 -3.56
N ASN A 3 12.98 -9.61 -4.81
CA ASN A 3 13.65 -8.78 -5.80
C ASN A 3 13.16 -7.34 -5.73
N GLU A 4 11.92 -7.17 -5.28
CA GLU A 4 11.35 -5.83 -5.17
C GLU A 4 12.03 -5.04 -4.05
N LEU A 5 13.03 -5.65 -3.42
CA LEU A 5 13.77 -4.98 -2.35
C LEU A 5 14.23 -3.60 -2.81
N LEU A 6 14.09 -3.34 -4.10
CA LEU A 6 14.49 -2.06 -4.66
C LEU A 6 13.26 -1.19 -4.95
N HIS A 7 12.22 -1.82 -5.50
CA HIS A 7 10.99 -1.10 -5.82
C HIS A 7 10.11 -0.95 -4.58
N ILE A 8 9.33 -1.99 -4.29
CA ILE A 8 8.43 -1.95 -3.14
C ILE A 8 9.15 -1.34 -1.94
N LEU A 9 10.40 -1.72 -1.73
CA LEU A 9 11.17 -1.20 -0.61
C LEU A 9 11.02 0.32 -0.54
N VAL A 10 10.86 0.95 -1.69
CA VAL A 10 10.71 2.40 -1.74
C VAL A 10 9.51 2.85 -0.92
N PHE A 11 8.31 2.64 -1.46
CA PHE A 11 7.08 3.01 -0.77
C PHE A 11 6.77 2.00 0.33
N GLY A 12 6.41 0.79 -0.07
CA GLY A 12 6.08 -0.26 0.88
C GLY A 12 4.86 0.12 1.72
N GLU A 13 5.03 1.11 2.58
CA GLU A 13 3.94 1.56 3.44
C GLU A 13 2.98 2.46 2.66
N SER A 14 3.38 2.82 1.44
CA SER A 14 2.54 3.67 0.60
C SER A 14 1.62 2.81 -0.27
N LEU A 15 2.01 1.57 -0.50
CA LEU A 15 1.21 0.67 -1.30
C LEU A 15 -0.17 0.45 -0.68
N LEU A 16 -0.20 0.28 0.64
CA LEU A 16 -1.45 0.08 1.35
C LEU A 16 -2.27 1.36 1.37
N ASN A 17 -1.58 2.50 1.42
CA ASN A 17 -2.25 3.79 1.44
C ASN A 17 -2.57 4.26 0.01
N ASP A 18 -1.86 3.67 -0.95
CA ASP A 18 -2.06 4.03 -2.35
C ASP A 18 -3.13 3.15 -2.98
N ALA A 19 -3.39 2.00 -2.35
CA ALA A 19 -4.41 1.07 -2.85
C ALA A 19 -5.75 1.35 -2.20
N VAL A 20 -5.70 1.96 -1.02
CA VAL A 20 -6.91 2.27 -0.28
C VAL A 20 -7.75 3.30 -1.03
N THR A 21 -7.19 3.82 -2.12
CA THR A 21 -7.90 4.81 -2.92
C THR A 21 -8.68 4.14 -4.04
N VAL A 22 -8.39 2.86 -4.27
CA VAL A 22 -9.08 2.12 -5.32
C VAL A 22 -10.13 1.20 -4.71
N VAL A 23 -9.68 0.15 -4.02
CA VAL A 23 -10.60 -0.79 -3.40
C VAL A 23 -11.65 -0.06 -2.57
N LEU A 24 -11.43 1.23 -2.35
CA LEU A 24 -12.38 2.03 -1.58
C LEU A 24 -13.36 2.73 -2.51
N TYR A 25 -12.89 3.80 -3.14
CA TYR A 25 -13.73 4.57 -4.06
C TYR A 25 -14.47 3.65 -5.02
N LYS A 26 -13.80 2.61 -5.48
CA LYS A 26 -14.42 1.66 -6.41
C LYS A 26 -15.41 0.76 -5.67
N LYS A 27 -15.34 0.78 -4.34
CA LYS A 27 -16.23 -0.02 -3.53
C LYS A 27 -17.23 0.86 -2.78
N HIS A 1 3.22 9.92 -7.34
CA HIS A 1 4.56 9.87 -6.68
C HIS A 1 5.37 11.09 -7.07
N ILE A 2 6.05 11.68 -6.10
CA ILE A 2 6.87 12.86 -6.35
C ILE A 2 8.32 12.47 -6.59
N ASN A 3 9.22 13.45 -6.47
CA ASN A 3 10.64 13.20 -6.67
C ASN A 3 11.32 12.81 -5.35
N GLU A 4 10.51 12.67 -4.30
CA GLU A 4 11.03 12.31 -2.99
C GLU A 4 11.37 10.82 -2.96
N LEU A 5 11.29 10.17 -4.11
CA LEU A 5 11.59 8.75 -4.21
C LEU A 5 12.85 8.39 -3.44
N LEU A 6 13.61 9.41 -3.04
CA LEU A 6 14.83 9.20 -2.28
C LEU A 6 14.56 9.34 -0.79
N HIS A 7 13.68 10.29 -0.45
CA HIS A 7 13.34 10.55 0.95
C HIS A 7 12.07 9.80 1.35
N ILE A 8 10.92 10.31 0.90
CA ILE A 8 9.63 9.69 1.24
C ILE A 8 9.74 8.17 1.24
N LEU A 9 10.55 7.64 0.32
CA LEU A 9 10.73 6.19 0.22
C LEU A 9 10.75 5.54 1.59
N VAL A 10 11.17 6.31 2.59
CA VAL A 10 11.23 5.80 3.96
C VAL A 10 10.00 4.96 4.28
N PHE A 11 8.83 5.50 3.99
CA PHE A 11 7.58 4.78 4.24
C PHE A 11 7.64 3.39 3.64
N GLY A 12 7.40 3.29 2.34
CA GLY A 12 7.43 2.00 1.65
C GLY A 12 6.05 1.34 1.67
N GLU A 13 5.16 1.87 2.51
CA GLU A 13 3.81 1.32 2.60
C GLU A 13 2.87 2.03 1.63
N SER A 14 3.42 2.97 0.87
CA SER A 14 2.62 3.71 -0.11
C SER A 14 1.67 2.77 -0.84
N LEU A 15 2.17 1.59 -1.21
CA LEU A 15 1.35 0.62 -1.92
C LEU A 15 0.04 0.38 -1.17
N LEU A 16 0.05 0.62 0.14
CA LEU A 16 -1.13 0.44 0.96
C LEU A 16 -1.94 1.73 1.02
N ASN A 17 -1.26 2.84 0.75
CA ASN A 17 -1.91 4.15 0.77
C ASN A 17 -2.50 4.48 -0.60
N ASP A 18 -2.07 3.74 -1.62
CA ASP A 18 -2.54 3.96 -2.97
C ASP A 18 -3.81 3.15 -3.23
N ALA A 19 -3.98 2.07 -2.46
CA ALA A 19 -5.15 1.22 -2.63
C ALA A 19 -6.29 1.69 -1.72
N VAL A 20 -5.96 2.02 -0.48
CA VAL A 20 -6.95 2.50 0.47
C VAL A 20 -7.80 3.60 -0.15
N THR A 21 -7.16 4.47 -0.92
CA THR A 21 -7.87 5.57 -1.56
C THR A 21 -8.79 5.04 -2.66
N VAL A 22 -8.65 3.77 -2.98
CA VAL A 22 -9.47 3.13 -4.01
C VAL A 22 -10.39 2.08 -3.39
N VAL A 23 -9.96 1.53 -2.26
CA VAL A 23 -10.74 0.51 -1.58
C VAL A 23 -11.64 1.14 -0.52
N LEU A 24 -11.24 2.30 -0.02
CA LEU A 24 -12.02 3.00 1.00
C LEU A 24 -13.05 3.91 0.35
N TYR A 25 -12.63 4.69 -0.63
CA TYR A 25 -13.53 5.61 -1.31
C TYR A 25 -14.62 4.84 -2.05
N LYS A 26 -14.22 3.85 -2.84
CA LYS A 26 -15.18 3.05 -3.58
C LYS A 26 -16.29 2.55 -2.68
N LYS A 27 -16.09 2.71 -1.37
CA LYS A 27 -17.09 2.27 -0.40
C LYS A 27 -16.76 2.81 0.99
N HIS A 1 23.91 4.03 3.91
CA HIS A 1 22.98 3.10 4.62
C HIS A 1 21.61 3.18 4.00
N ILE A 2 20.73 2.25 4.38
CA ILE A 2 19.37 2.22 3.84
C ILE A 2 18.38 2.72 4.89
N ASN A 3 18.90 3.37 5.92
CA ASN A 3 18.05 3.89 7.00
C ASN A 3 17.61 5.32 6.68
N GLU A 4 18.56 6.15 6.28
CA GLU A 4 18.26 7.53 5.95
C GLU A 4 17.01 7.63 5.09
N LEU A 5 16.75 6.58 4.30
CA LEU A 5 15.59 6.56 3.43
C LEU A 5 14.31 6.34 4.24
N LEU A 6 14.47 6.16 5.55
CA LEU A 6 13.33 5.94 6.43
C LEU A 6 12.19 6.89 6.08
N HIS A 7 12.49 8.19 6.09
CA HIS A 7 11.49 9.19 5.77
C HIS A 7 10.97 9.01 4.35
N ILE A 8 11.80 8.40 3.50
CA ILE A 8 11.42 8.16 2.12
C ILE A 8 10.67 6.84 1.99
N LEU A 9 10.96 5.90 2.88
CA LEU A 9 10.32 4.59 2.86
C LEU A 9 8.80 4.75 2.90
N VAL A 10 8.34 5.87 3.44
CA VAL A 10 6.91 6.14 3.54
C VAL A 10 6.27 6.13 2.16
N PHE A 11 6.73 7.04 1.29
CA PHE A 11 6.18 7.12 -0.06
C PHE A 11 6.28 5.77 -0.75
N GLY A 12 6.96 4.84 -0.10
CA GLY A 12 7.12 3.50 -0.66
C GLY A 12 6.31 2.47 0.14
N GLU A 13 5.95 2.83 1.36
CA GLU A 13 5.18 1.94 2.22
C GLU A 13 3.68 2.13 1.97
N SER A 14 3.31 3.33 1.53
CA SER A 14 1.90 3.63 1.25
C SER A 14 1.32 2.60 0.28
N LEU A 15 2.18 1.74 -0.25
CA LEU A 15 1.73 0.72 -1.19
C LEU A 15 0.42 0.10 -0.72
N LEU A 16 0.24 0.04 0.60
CA LEU A 16 -0.98 -0.53 1.16
C LEU A 16 -2.10 0.50 1.16
N ASN A 17 -1.77 1.73 1.57
CA ASN A 17 -2.75 2.80 1.61
C ASN A 17 -3.14 3.22 0.20
N ASP A 18 -2.56 2.55 -0.79
CA ASP A 18 -2.85 2.86 -2.18
C ASP A 18 -4.19 2.26 -2.60
N ALA A 19 -4.83 1.57 -1.66
CA ALA A 19 -6.12 0.95 -1.94
C ALA A 19 -7.26 1.91 -1.62
N VAL A 20 -7.00 2.84 -0.71
CA VAL A 20 -8.01 3.82 -0.33
C VAL A 20 -7.91 5.06 -1.21
N THR A 21 -6.76 5.23 -1.87
CA THR A 21 -6.55 6.37 -2.75
C THR A 21 -6.99 6.05 -4.17
N VAL A 22 -7.14 4.76 -4.46
CA VAL A 22 -7.57 4.35 -5.78
C VAL A 22 -8.73 5.21 -6.25
N VAL A 23 -9.48 5.75 -5.30
CA VAL A 23 -10.62 6.60 -5.62
C VAL A 23 -10.24 8.07 -5.51
N LEU A 24 -9.16 8.36 -4.81
CA LEU A 24 -8.71 9.73 -4.64
C LEU A 24 -7.68 10.09 -5.72
N TYR A 25 -7.18 9.09 -6.43
CA TYR A 25 -6.20 9.32 -7.47
C TYR A 25 -6.88 9.54 -8.83
N LYS A 26 -8.21 9.42 -8.82
CA LYS A 26 -8.98 9.60 -10.05
C LYS A 26 -8.81 11.03 -10.56
N LYS A 27 -8.60 11.97 -9.64
CA LYS A 27 -8.44 13.37 -10.01
C LYS A 27 -6.96 13.75 -9.99
N HIS A 1 9.01 -3.00 10.23
CA HIS A 1 10.28 -2.46 9.68
C HIS A 1 11.39 -3.49 9.87
N ILE A 2 11.88 -3.61 11.10
CA ILE A 2 12.95 -4.56 11.40
C ILE A 2 14.18 -4.26 10.57
N ASN A 3 14.77 -5.30 9.99
CA ASN A 3 15.96 -5.14 9.16
C ASN A 3 15.57 -4.77 7.73
N GLU A 4 14.34 -5.09 7.36
CA GLU A 4 13.85 -4.79 6.03
C GLU A 4 13.80 -3.28 5.80
N LEU A 5 14.22 -2.53 6.81
CA LEU A 5 14.23 -1.07 6.71
C LEU A 5 14.91 -0.63 5.42
N LEU A 6 15.55 -1.57 4.74
CA LEU A 6 16.23 -1.26 3.49
C LEU A 6 15.36 -1.67 2.30
N HIS A 7 14.72 -2.82 2.41
CA HIS A 7 13.85 -3.32 1.35
C HIS A 7 12.42 -2.84 1.55
N ILE A 8 11.85 -3.17 2.69
CA ILE A 8 10.48 -2.79 3.00
C ILE A 8 10.32 -1.27 2.92
N LEU A 9 11.12 -0.55 3.69
CA LEU A 9 11.05 0.92 3.71
C LEU A 9 10.81 1.46 2.31
N VAL A 10 11.39 0.81 1.31
CA VAL A 10 11.24 1.26 -0.07
C VAL A 10 9.80 1.69 -0.33
N PHE A 11 8.89 0.71 -0.39
CA PHE A 11 7.49 1.00 -0.64
C PHE A 11 6.75 1.24 0.67
N GLY A 12 6.97 0.36 1.64
CA GLY A 12 6.32 0.48 2.94
C GLY A 12 4.81 0.63 2.77
N GLU A 13 4.29 1.79 3.16
CA GLU A 13 2.86 2.05 3.05
C GLU A 13 2.52 2.68 1.70
N SER A 14 3.54 2.87 0.86
CA SER A 14 3.34 3.47 -0.46
C SER A 14 2.11 2.87 -1.13
N LEU A 15 2.27 1.70 -1.74
CA LEU A 15 1.16 1.05 -2.42
C LEU A 15 -0.05 0.96 -1.50
N LEU A 16 0.21 0.72 -0.22
CA LEU A 16 -0.87 0.62 0.76
C LEU A 16 -1.75 1.87 0.73
N ASN A 17 -1.14 2.99 0.40
CA ASN A 17 -1.88 4.25 0.34
C ASN A 17 -2.55 4.42 -1.02
N ASP A 18 -1.76 4.37 -2.08
CA ASP A 18 -2.30 4.50 -3.43
C ASP A 18 -3.42 3.49 -3.66
N ALA A 19 -3.45 2.45 -2.84
CA ALA A 19 -4.47 1.42 -2.96
C ALA A 19 -5.69 1.74 -2.08
N VAL A 20 -5.46 1.73 -0.77
CA VAL A 20 -6.54 2.01 0.17
C VAL A 20 -7.40 3.18 -0.30
N THR A 21 -6.84 4.02 -1.16
CA THR A 21 -7.57 5.18 -1.67
C THR A 21 -8.23 4.87 -3.01
N VAL A 22 -7.65 3.92 -3.75
CA VAL A 22 -8.20 3.56 -5.06
C VAL A 22 -8.95 2.24 -5.00
N VAL A 23 -8.65 1.42 -4.01
CA VAL A 23 -9.30 0.13 -3.86
C VAL A 23 -10.56 0.27 -3.01
N LEU A 24 -10.68 1.40 -2.32
CA LEU A 24 -11.83 1.65 -1.46
C LEU A 24 -12.84 2.58 -2.15
N TYR A 25 -12.43 3.82 -2.35
CA TYR A 25 -13.30 4.81 -2.98
C TYR A 25 -13.75 4.37 -4.37
N LYS A 26 -12.94 4.69 -5.38
CA LYS A 26 -13.27 4.34 -6.76
C LYS A 26 -13.86 2.93 -6.83
N LYS A 27 -13.14 1.97 -6.28
CA LYS A 27 -13.61 0.59 -6.29
C LYS A 27 -14.22 0.21 -4.95
N HIS A 1 17.73 -6.82 11.38
CA HIS A 1 18.01 -5.48 11.96
C HIS A 1 16.70 -4.74 12.18
N ILE A 2 16.55 -4.15 13.38
CA ILE A 2 15.34 -3.42 13.71
C ILE A 2 15.57 -1.91 13.59
N ASN A 3 16.67 -1.54 12.94
CA ASN A 3 17.01 -0.13 12.78
C ASN A 3 16.41 0.41 11.49
N GLU A 4 15.93 -0.49 10.64
CA GLU A 4 15.33 -0.10 9.37
C GLU A 4 13.83 0.07 9.52
N LEU A 5 13.34 -0.15 10.74
CA LEU A 5 11.91 -0.01 11.02
C LEU A 5 11.36 1.27 10.40
N LEU A 6 12.27 2.16 10.02
CA LEU A 6 11.90 3.42 9.40
C LEU A 6 12.15 3.38 7.90
N HIS A 7 13.29 2.78 7.53
CA HIS A 7 13.66 2.69 6.11
C HIS A 7 12.94 1.54 5.43
N ILE A 8 13.44 0.32 5.63
CA ILE A 8 12.82 -0.85 5.01
C ILE A 8 11.31 -0.77 5.10
N LEU A 9 10.82 -0.18 6.19
CA LEU A 9 9.38 -0.03 6.38
C LEU A 9 8.70 0.37 5.08
N VAL A 10 9.40 1.17 4.29
CA VAL A 10 8.87 1.63 3.01
C VAL A 10 8.60 0.45 2.08
N PHE A 11 8.87 -0.76 2.57
CA PHE A 11 8.65 -1.95 1.77
C PHE A 11 7.32 -1.86 1.02
N GLY A 12 6.43 -1.01 1.52
CA GLY A 12 5.12 -0.83 0.89
C GLY A 12 4.24 0.08 1.73
N GLU A 13 4.83 1.13 2.30
CA GLU A 13 4.09 2.07 3.13
C GLU A 13 3.01 2.78 2.30
N SER A 14 3.37 3.15 1.07
CA SER A 14 2.45 3.84 0.19
C SER A 14 1.63 2.84 -0.61
N LEU A 15 2.07 1.59 -0.62
CA LEU A 15 1.37 0.54 -1.35
C LEU A 15 -0.02 0.32 -0.78
N LEU A 16 -0.18 0.63 0.51
CA LEU A 16 -1.47 0.47 1.17
C LEU A 16 -2.34 1.70 0.99
N ASN A 17 -1.69 2.83 0.72
CA ASN A 17 -2.41 4.08 0.53
C ASN A 17 -2.93 4.19 -0.90
N ASP A 18 -2.11 3.74 -1.85
CA ASP A 18 -2.51 3.78 -3.26
C ASP A 18 -3.60 2.75 -3.54
N ALA A 19 -3.64 1.70 -2.71
CA ALA A 19 -4.63 0.65 -2.89
C ALA A 19 -5.89 0.96 -2.09
N VAL A 20 -5.71 1.74 -1.01
CA VAL A 20 -6.84 2.12 -0.17
C VAL A 20 -7.52 3.37 -0.72
N THR A 21 -6.90 3.99 -1.70
CA THR A 21 -7.45 5.21 -2.30
C THR A 21 -8.52 4.84 -3.34
N VAL A 22 -8.09 4.14 -4.39
CA VAL A 22 -9.02 3.74 -5.45
C VAL A 22 -10.31 3.19 -4.85
N VAL A 23 -10.25 2.83 -3.57
CA VAL A 23 -11.42 2.28 -2.89
C VAL A 23 -12.17 3.37 -2.14
N LEU A 24 -11.43 4.37 -1.66
CA LEU A 24 -12.03 5.47 -0.92
C LEU A 24 -12.45 6.61 -1.85
N TYR A 25 -11.69 6.80 -2.93
CA TYR A 25 -12.01 7.87 -3.88
C TYR A 25 -13.32 7.58 -4.58
N LYS A 26 -13.89 6.41 -4.33
CA LYS A 26 -15.15 6.03 -4.93
C LYS A 26 -16.32 6.73 -4.24
N LYS A 27 -16.07 7.21 -3.03
CA LYS A 27 -17.09 7.91 -2.26
C LYS A 27 -16.50 9.14 -1.57
N HIS A 1 -1.78 -8.39 5.30
CA HIS A 1 -3.00 -8.21 6.11
C HIS A 1 -3.88 -9.44 5.97
N ILE A 2 -3.27 -10.62 6.04
CA ILE A 2 -3.99 -11.88 5.92
C ILE A 2 -4.61 -12.02 4.53
N ASN A 3 -5.15 -10.92 4.00
CA ASN A 3 -5.78 -10.96 2.68
C ASN A 3 -4.76 -10.59 1.60
N GLU A 4 -4.21 -9.38 1.70
CA GLU A 4 -3.23 -8.90 0.72
C GLU A 4 -1.81 -9.28 1.15
N LEU A 5 -1.72 -10.11 2.19
CA LEU A 5 -0.42 -10.53 2.69
C LEU A 5 0.54 -10.88 1.56
N LEU A 6 0.00 -11.07 0.36
CA LEU A 6 0.83 -11.41 -0.80
C LEU A 6 1.17 -10.15 -1.59
N HIS A 7 0.22 -9.23 -1.67
CA HIS A 7 0.42 -7.99 -2.42
C HIS A 7 0.97 -6.89 -1.51
N ILE A 8 0.09 -6.26 -0.74
CA ILE A 8 0.48 -5.20 0.16
C ILE A 8 1.82 -5.50 0.84
N LEU A 9 2.07 -6.78 1.10
CA LEU A 9 3.31 -7.19 1.74
C LEU A 9 4.51 -6.91 0.84
N VAL A 10 4.30 -7.05 -0.47
CA VAL A 10 5.39 -6.83 -1.43
C VAL A 10 5.96 -5.42 -1.26
N PHE A 11 5.32 -4.45 -1.91
CA PHE A 11 5.78 -3.07 -1.82
C PHE A 11 5.61 -2.53 -0.41
N GLY A 12 4.92 -3.28 0.43
CA GLY A 12 4.69 -2.88 1.81
C GLY A 12 3.59 -1.82 1.89
N GLU A 13 3.73 -0.89 2.84
CA GLU A 13 2.75 0.17 3.01
C GLU A 13 3.12 1.39 2.17
N SER A 14 4.19 1.26 1.40
CA SER A 14 4.63 2.36 0.54
C SER A 14 3.50 2.83 -0.35
N LEU A 15 2.73 1.89 -0.89
CA LEU A 15 1.61 2.22 -1.77
C LEU A 15 0.31 2.29 -0.99
N LEU A 16 0.38 2.09 0.33
CA LEU A 16 -0.81 2.13 1.17
C LEU A 16 -1.73 3.26 0.72
N ASN A 17 -1.19 4.48 0.70
CA ASN A 17 -1.97 5.64 0.29
C ASN A 17 -2.82 5.31 -0.93
N ASP A 18 -2.20 4.63 -1.90
CA ASP A 18 -2.91 4.26 -3.12
C ASP A 18 -3.55 2.88 -2.98
N ALA A 19 -3.20 2.17 -1.91
CA ALA A 19 -3.74 0.84 -1.67
C ALA A 19 -4.99 0.91 -0.80
N VAL A 20 -4.99 1.88 0.12
CA VAL A 20 -6.13 2.05 1.03
C VAL A 20 -7.44 2.06 0.25
N THR A 21 -7.35 2.34 -1.05
CA THR A 21 -8.54 2.38 -1.88
C THR A 21 -8.90 0.98 -2.37
N VAL A 22 -8.10 -0.01 -1.94
CA VAL A 22 -8.34 -1.40 -2.33
C VAL A 22 -8.56 -2.26 -1.09
N VAL A 23 -7.50 -2.47 -0.32
CA VAL A 23 -7.59 -3.28 0.89
C VAL A 23 -8.85 -2.93 1.67
N LEU A 24 -9.43 -1.77 1.39
CA LEU A 24 -10.63 -1.33 2.07
C LEU A 24 -11.73 -2.39 1.95
N TYR A 25 -12.22 -2.58 0.72
CA TYR A 25 -13.27 -3.56 0.47
C TYR A 25 -12.66 -4.92 0.12
N LYS A 26 -11.61 -4.89 -0.69
CA LYS A 26 -10.94 -6.12 -1.11
C LYS A 26 -10.79 -7.06 0.09
N LYS A 27 -10.80 -6.50 1.29
CA LYS A 27 -10.67 -7.29 2.50
C LYS A 27 -12.02 -7.48 3.17
N HIS A 1 -9.69 -14.06 -6.18
CA HIS A 1 -8.86 -13.18 -5.33
C HIS A 1 -7.96 -14.02 -4.45
N ILE A 2 -6.91 -14.58 -5.04
CA ILE A 2 -5.97 -15.42 -4.31
C ILE A 2 -4.68 -14.64 -4.03
N ASN A 3 -3.54 -15.30 -4.24
CA ASN A 3 -2.25 -14.67 -4.01
C ASN A 3 -1.96 -13.65 -5.10
N GLU A 4 -2.41 -13.95 -6.31
CA GLU A 4 -2.18 -13.05 -7.45
C GLU A 4 -2.42 -11.61 -7.04
N LEU A 5 -3.37 -11.41 -6.14
CA LEU A 5 -3.69 -10.07 -5.66
C LEU A 5 -2.49 -9.47 -4.94
N LEU A 6 -1.40 -10.22 -4.87
CA LEU A 6 -0.19 -9.75 -4.21
C LEU A 6 0.22 -8.39 -4.74
N HIS A 7 -0.39 -7.97 -5.84
CA HIS A 7 -0.09 -6.68 -6.44
C HIS A 7 0.05 -5.61 -5.37
N ILE A 8 -0.61 -5.83 -4.24
CA ILE A 8 -0.56 -4.88 -3.14
C ILE A 8 0.57 -5.24 -2.18
N LEU A 9 0.84 -6.54 -2.05
CA LEU A 9 1.90 -7.00 -1.16
C LEU A 9 3.23 -6.35 -1.50
N VAL A 10 3.41 -6.06 -2.79
CA VAL A 10 4.66 -5.43 -3.24
C VAL A 10 5.05 -4.29 -2.32
N PHE A 11 4.36 -3.16 -2.44
CA PHE A 11 4.65 -2.00 -1.60
C PHE A 11 4.10 -2.22 -0.19
N GLY A 12 2.78 -2.24 -0.06
CA GLY A 12 2.15 -2.44 1.23
C GLY A 12 2.45 -1.29 2.17
N GLU A 13 3.72 -1.09 2.49
CA GLU A 13 4.13 -0.02 3.39
C GLU A 13 4.44 1.25 2.60
N SER A 14 4.33 1.17 1.29
CA SER A 14 4.60 2.33 0.44
C SER A 14 3.30 3.05 0.08
N LEU A 15 2.39 2.32 -0.56
CA LEU A 15 1.11 2.89 -0.97
C LEU A 15 0.05 2.71 0.11
N LEU A 16 0.49 2.30 1.31
CA LEU A 16 -0.44 2.08 2.41
C LEU A 16 -1.54 3.14 2.43
N ASN A 17 -1.25 4.30 1.85
CA ASN A 17 -2.23 5.37 1.80
C ASN A 17 -3.21 5.17 0.64
N ASP A 18 -2.66 4.93 -0.54
CA ASP A 18 -3.50 4.71 -1.72
C ASP A 18 -4.05 3.29 -1.74
N ALA A 19 -3.51 2.45 -0.85
CA ALA A 19 -3.95 1.06 -0.75
C ALA A 19 -5.47 0.97 -0.90
N VAL A 20 -6.16 2.05 -0.55
CA VAL A 20 -7.61 2.08 -0.64
C VAL A 20 -8.05 1.80 -2.07
N THR A 21 -7.08 1.68 -2.97
CA THR A 21 -7.39 1.40 -4.37
C THR A 21 -8.12 0.08 -4.51
N VAL A 22 -7.84 -0.85 -3.61
CA VAL A 22 -8.48 -2.16 -3.63
C VAL A 22 -8.93 -2.57 -2.23
N VAL A 23 -8.15 -2.21 -1.23
CA VAL A 23 -8.48 -2.54 0.15
C VAL A 23 -9.92 -2.14 0.46
N LEU A 24 -10.43 -1.16 -0.28
CA LEU A 24 -11.80 -0.70 -0.07
C LEU A 24 -12.77 -1.88 -0.10
N TYR A 25 -12.26 -3.05 -0.51
CA TYR A 25 -13.08 -4.24 -0.58
C TYR A 25 -13.04 -5.00 0.75
N LYS A 26 -11.99 -4.75 1.53
CA LYS A 26 -11.82 -5.41 2.81
C LYS A 26 -13.01 -5.11 3.72
N LYS A 27 -13.54 -3.90 3.62
CA LYS A 27 -14.67 -3.49 4.43
C LYS A 27 -15.98 -3.79 3.72
N HIS A 1 2.54 -6.88 0.34
CA HIS A 1 1.45 -7.68 -0.27
C HIS A 1 2.05 -8.90 -0.97
N ILE A 2 1.24 -9.59 -1.77
CA ILE A 2 1.71 -10.76 -2.49
C ILE A 2 2.47 -10.35 -3.75
N ASN A 3 2.44 -11.22 -4.76
CA ASN A 3 3.13 -10.93 -6.01
C ASN A 3 2.18 -10.29 -7.02
N GLU A 4 1.05 -10.95 -7.28
CA GLU A 4 0.08 -10.43 -8.24
C GLU A 4 -0.08 -8.92 -8.10
N LEU A 5 -0.24 -8.46 -6.86
CA LEU A 5 -0.42 -7.02 -6.60
C LEU A 5 0.82 -6.23 -7.02
N LEU A 6 1.78 -6.91 -7.64
CA LEU A 6 3.01 -6.25 -8.08
C LEU A 6 2.68 -4.99 -8.89
N HIS A 7 1.41 -4.80 -9.21
CA HIS A 7 0.99 -3.63 -9.97
C HIS A 7 1.03 -2.37 -9.10
N ILE A 8 0.59 -2.50 -7.85
CA ILE A 8 0.57 -1.38 -6.94
C ILE A 8 1.88 -1.26 -6.17
N LEU A 9 2.80 -2.19 -6.43
CA LEU A 9 4.09 -2.18 -5.75
C LEU A 9 4.87 -0.91 -6.12
N VAL A 10 4.26 -0.07 -6.93
CA VAL A 10 4.91 1.17 -7.35
C VAL A 10 5.44 1.94 -6.14
N PHE A 11 4.63 1.98 -5.08
CA PHE A 11 5.04 2.70 -3.87
C PHE A 11 5.78 1.77 -2.92
N GLY A 12 5.03 0.93 -2.21
CA GLY A 12 5.63 -0.01 -1.26
C GLY A 12 5.22 0.34 0.17
N GLU A 13 5.52 1.57 0.57
CA GLU A 13 5.19 2.03 1.92
C GLU A 13 3.74 2.48 1.97
N SER A 14 3.24 2.98 0.83
CA SER A 14 1.87 3.45 0.75
C SER A 14 0.94 2.30 0.35
N LEU A 15 1.51 1.10 0.21
CA LEU A 15 0.74 -0.07 -0.16
C LEU A 15 -0.62 -0.08 0.54
N LEU A 16 -0.69 0.64 1.66
CA LEU A 16 -1.94 0.71 2.42
C LEU A 16 -2.72 1.97 2.07
N ASN A 17 -1.99 3.05 1.79
CA ASN A 17 -2.64 4.33 1.46
C ASN A 17 -2.89 4.43 -0.05
N ASP A 18 -1.84 4.72 -0.80
CA ASP A 18 -1.96 4.84 -2.26
C ASP A 18 -2.81 3.70 -2.83
N ALA A 19 -3.03 2.66 -2.04
CA ALA A 19 -3.81 1.52 -2.49
C ALA A 19 -5.28 1.71 -2.12
N VAL A 20 -5.52 2.40 -1.01
CA VAL A 20 -6.88 2.63 -0.55
C VAL A 20 -7.73 3.24 -1.67
N THR A 21 -7.07 3.77 -2.69
CA THR A 21 -7.76 4.37 -3.81
C THR A 21 -8.00 3.36 -4.92
N VAL A 22 -7.54 2.13 -4.70
CA VAL A 22 -7.70 1.07 -5.69
C VAL A 22 -8.10 -0.23 -5.03
N VAL A 23 -7.23 -0.74 -4.15
CA VAL A 23 -7.50 -1.99 -3.45
C VAL A 23 -8.75 -1.86 -2.58
N LEU A 24 -9.37 -0.69 -2.60
CA LEU A 24 -10.57 -0.46 -1.80
C LEU A 24 -11.83 -0.76 -2.60
N TYR A 25 -12.26 0.19 -3.42
CA TYR A 25 -13.46 0.01 -4.23
C TYR A 25 -13.12 -0.55 -5.61
N LYS A 26 -12.22 0.12 -6.31
CA LYS A 26 -11.82 -0.32 -7.65
C LYS A 26 -11.70 -1.83 -7.70
N LYS A 27 -11.15 -2.43 -6.65
CA LYS A 27 -10.99 -3.88 -6.60
C LYS A 27 -12.04 -4.49 -5.70
N HIS A 1 -9.99 -11.93 4.92
CA HIS A 1 -8.85 -12.33 5.78
C HIS A 1 -7.78 -11.26 5.75
N ILE A 2 -6.63 -11.54 6.38
CA ILE A 2 -5.54 -10.59 6.42
C ILE A 2 -4.38 -11.07 5.55
N ASN A 3 -4.28 -12.39 5.40
CA ASN A 3 -3.21 -12.97 4.59
C ASN A 3 -3.45 -12.70 3.11
N GLU A 4 -4.71 -12.82 2.70
CA GLU A 4 -5.06 -12.58 1.30
C GLU A 4 -4.48 -11.25 0.82
N LEU A 5 -4.26 -10.34 1.76
CA LEU A 5 -3.71 -9.04 1.44
C LEU A 5 -2.19 -9.13 1.24
N LEU A 6 -1.64 -10.30 1.52
CA LEU A 6 -0.20 -10.52 1.38
C LEU A 6 0.33 -9.83 0.14
N HIS A 7 -0.51 -9.73 -0.88
CA HIS A 7 -0.11 -9.09 -2.13
C HIS A 7 0.07 -7.60 -1.93
N ILE A 8 -0.87 -6.97 -1.24
CA ILE A 8 -0.80 -5.54 -1.01
C ILE A 8 -0.12 -5.25 0.33
N LEU A 9 -0.09 -6.26 1.20
CA LEU A 9 0.53 -6.10 2.51
C LEU A 9 2.01 -5.76 2.36
N VAL A 10 2.69 -6.44 1.44
CA VAL A 10 4.11 -6.19 1.21
C VAL A 10 4.41 -4.69 1.26
N PHE A 11 4.14 -4.00 0.16
CA PHE A 11 4.39 -2.57 0.09
C PHE A 11 3.22 -1.78 0.67
N GLY A 12 2.22 -2.50 1.17
CA GLY A 12 1.05 -1.85 1.76
C GLY A 12 1.45 -0.72 2.70
N GLU A 13 2.74 -0.66 3.04
CA GLU A 13 3.22 0.38 3.94
C GLU A 13 3.59 1.64 3.16
N SER A 14 4.01 1.46 1.92
CA SER A 14 4.41 2.60 1.08
C SER A 14 3.21 3.11 0.29
N LEU A 15 2.74 2.31 -0.67
CA LEU A 15 1.60 2.70 -1.49
C LEU A 15 0.34 2.81 -0.65
N LEU A 16 0.48 2.64 0.67
CA LEU A 16 -0.65 2.72 1.59
C LEU A 16 -1.66 3.77 1.13
N ASN A 17 -1.16 4.90 0.64
CA ASN A 17 -2.03 5.96 0.18
C ASN A 17 -2.99 5.44 -0.90
N ASP A 18 -2.45 4.77 -1.90
CA ASP A 18 -3.25 4.22 -2.98
C ASP A 18 -3.69 2.79 -2.66
N ALA A 19 -2.84 2.08 -1.94
CA ALA A 19 -3.14 0.69 -1.57
C ALA A 19 -4.59 0.57 -1.13
N VAL A 20 -4.95 1.32 -0.09
CA VAL A 20 -6.31 1.28 0.43
C VAL A 20 -7.32 1.26 -0.72
N THR A 21 -7.00 1.96 -1.80
CA THR A 21 -7.87 2.01 -2.96
C THR A 21 -7.98 0.63 -3.60
N VAL A 22 -6.85 -0.04 -3.75
CA VAL A 22 -6.83 -1.37 -4.34
C VAL A 22 -7.58 -2.36 -3.47
N VAL A 23 -7.62 -2.07 -2.17
CA VAL A 23 -8.30 -2.95 -1.22
C VAL A 23 -9.77 -2.55 -1.07
N LEU A 24 -10.17 -1.51 -1.80
CA LEU A 24 -11.56 -1.03 -1.74
C LEU A 24 -12.43 -1.81 -2.70
N TYR A 25 -12.28 -1.56 -4.00
CA TYR A 25 -13.07 -2.24 -5.01
C TYR A 25 -12.34 -3.47 -5.54
N LYS A 26 -11.12 -3.25 -6.04
CA LYS A 26 -10.32 -4.34 -6.58
C LYS A 26 -10.44 -5.58 -5.70
N LYS A 27 -9.80 -5.54 -4.52
CA LYS A 27 -9.86 -6.66 -3.61
C LYS A 27 -9.23 -6.29 -2.26
N HIS A 1 18.35 14.23 -5.73
CA HIS A 1 18.84 14.32 -4.33
C HIS A 1 19.01 12.91 -3.76
N ILE A 2 19.82 12.80 -2.71
CA ILE A 2 20.06 11.50 -2.08
C ILE A 2 19.07 11.28 -0.94
N ASN A 3 18.66 12.38 -0.32
CA ASN A 3 17.71 12.29 0.79
C ASN A 3 16.50 11.46 0.41
N GLU A 4 16.28 11.31 -0.90
CA GLU A 4 15.15 10.54 -1.40
C GLU A 4 15.11 9.17 -0.73
N LEU A 5 16.15 8.84 0.02
CA LEU A 5 16.23 7.54 0.69
C LEU A 5 14.88 7.20 1.33
N LEU A 6 14.03 8.21 1.50
CA LEU A 6 12.71 8.00 2.09
C LEU A 6 11.79 7.29 1.10
N HIS A 7 11.99 7.58 -0.19
CA HIS A 7 11.18 6.96 -1.24
C HIS A 7 11.17 5.45 -1.07
N ILE A 8 12.27 4.81 -1.46
CA ILE A 8 12.38 3.35 -1.35
C ILE A 8 11.91 2.90 0.02
N LEU A 9 11.83 3.83 0.96
CA LEU A 9 11.39 3.52 2.32
C LEU A 9 9.88 3.69 2.44
N VAL A 10 9.35 4.66 1.71
CA VAL A 10 7.91 4.92 1.74
C VAL A 10 7.18 4.10 0.67
N PHE A 11 7.87 3.84 -0.43
CA PHE A 11 7.28 3.05 -1.51
C PHE A 11 6.57 1.83 -0.95
N GLY A 12 7.25 1.13 -0.03
CA GLY A 12 6.67 -0.06 0.58
C GLY A 12 5.50 0.30 1.49
N GLU A 13 5.42 1.58 1.85
CA GLU A 13 4.34 2.05 2.72
C GLU A 13 3.15 2.52 1.89
N SER A 14 3.39 3.54 1.05
CA SER A 14 2.33 4.06 0.21
C SER A 14 1.56 2.94 -0.47
N LEU A 15 2.20 1.79 -0.59
CA LEU A 15 1.57 0.63 -1.23
C LEU A 15 0.17 0.43 -0.67
N LEU A 16 0.01 0.67 0.63
CA LEU A 16 -1.28 0.51 1.28
C LEU A 16 -2.13 1.76 1.08
N ASN A 17 -1.50 2.92 1.25
CA ASN A 17 -2.21 4.19 1.09
C ASN A 17 -2.62 4.39 -0.36
N ASP A 18 -1.89 3.75 -1.27
CA ASP A 18 -2.19 3.86 -2.68
C ASP A 18 -3.25 2.83 -3.09
N ALA A 19 -3.32 1.73 -2.35
CA ALA A 19 -4.30 0.70 -2.62
C ALA A 19 -5.61 0.99 -1.92
N VAL A 20 -5.55 1.82 -0.88
CA VAL A 20 -6.74 2.19 -0.12
C VAL A 20 -7.40 3.42 -0.73
N THR A 21 -6.74 4.02 -1.71
CA THR A 21 -7.26 5.21 -2.37
C THR A 21 -8.09 4.82 -3.58
N VAL A 22 -7.53 3.94 -4.41
CA VAL A 22 -8.24 3.49 -5.60
C VAL A 22 -9.62 2.97 -5.24
N VAL A 23 -9.88 2.84 -3.94
CA VAL A 23 -11.16 2.35 -3.47
C VAL A 23 -12.14 3.50 -3.23
N LEU A 24 -11.68 4.73 -3.47
CA LEU A 24 -12.53 5.90 -3.27
C LEU A 24 -13.28 6.26 -4.55
N TYR A 25 -12.60 6.96 -5.45
CA TYR A 25 -13.23 7.38 -6.71
C TYR A 25 -13.01 6.34 -7.81
N LYS A 26 -11.75 6.02 -8.06
CA LYS A 26 -11.42 5.05 -9.10
C LYS A 26 -12.39 3.88 -9.09
N LYS A 27 -12.40 3.14 -7.98
CA LYS A 27 -13.28 2.00 -7.84
C LYS A 27 -14.38 2.30 -6.83
N HIS A 1 15.51 -11.65 5.03
CA HIS A 1 16.04 -10.97 3.82
C HIS A 1 17.16 -10.01 4.23
N ILE A 2 17.96 -9.60 3.26
CA ILE A 2 19.07 -8.68 3.53
C ILE A 2 18.56 -7.24 3.65
N ASN A 3 19.25 -6.33 2.98
CA ASN A 3 18.86 -4.92 3.01
C ASN A 3 17.44 -4.75 2.46
N GLU A 4 16.86 -5.85 1.98
CA GLU A 4 15.51 -5.80 1.42
C GLU A 4 14.47 -6.04 2.52
N LEU A 5 14.88 -6.72 3.58
CA LEU A 5 13.98 -7.01 4.69
C LEU A 5 13.10 -5.80 5.00
N LEU A 6 13.62 -4.61 4.70
CA LEU A 6 12.86 -3.38 4.95
C LEU A 6 12.06 -2.99 3.71
N HIS A 7 12.64 -3.22 2.55
CA HIS A 7 11.96 -2.89 1.29
C HIS A 7 10.53 -3.42 1.29
N ILE A 8 10.40 -4.73 1.44
CA ILE A 8 9.08 -5.35 1.46
C ILE A 8 8.20 -4.71 2.52
N LEU A 9 8.83 -4.15 3.55
CA LEU A 9 8.09 -3.51 4.64
C LEU A 9 7.45 -2.22 4.14
N VAL A 10 8.27 -1.29 3.68
CA VAL A 10 7.76 -0.01 3.18
C VAL A 10 6.83 -0.23 1.99
N PHE A 11 7.27 -1.07 1.05
CA PHE A 11 6.46 -1.36 -0.13
C PHE A 11 5.02 -1.67 0.26
N GLY A 12 4.81 -1.92 1.55
CA GLY A 12 3.47 -2.23 2.05
C GLY A 12 2.86 -1.00 2.71
N GLU A 13 3.70 -0.10 3.17
CA GLU A 13 3.23 1.12 3.82
C GLU A 13 3.10 2.25 2.81
N SER A 14 3.92 2.20 1.76
CA SER A 14 3.89 3.23 0.73
C SER A 14 2.75 2.97 -0.25
N LEU A 15 2.77 1.81 -0.90
CA LEU A 15 1.73 1.47 -1.86
C LEU A 15 0.39 1.38 -1.16
N LEU A 16 0.39 1.60 0.15
CA LEU A 16 -0.83 1.54 0.94
C LEU A 16 -1.81 2.63 0.47
N ASN A 17 -1.41 3.89 0.64
CA ASN A 17 -2.26 5.00 0.24
C ASN A 17 -2.83 4.77 -1.15
N ASP A 18 -2.12 3.99 -1.95
CA ASP A 18 -2.57 3.69 -3.31
C ASP A 18 -3.59 2.55 -3.31
N ALA A 19 -3.46 1.66 -2.33
CA ALA A 19 -4.37 0.53 -2.22
C ALA A 19 -5.60 0.90 -1.39
N VAL A 20 -5.36 1.41 -0.19
CA VAL A 20 -6.46 1.81 0.68
C VAL A 20 -7.54 2.54 -0.10
N THR A 21 -7.16 3.05 -1.26
CA THR A 21 -8.13 3.77 -2.11
C THR A 21 -8.76 2.83 -3.11
N VAL A 22 -8.03 2.51 -4.17
CA VAL A 22 -8.54 1.62 -5.21
C VAL A 22 -9.22 0.40 -4.59
N VAL A 23 -8.83 0.08 -3.36
CA VAL A 23 -9.41 -1.08 -2.68
C VAL A 23 -10.66 -0.68 -1.90
N LEU A 24 -10.75 0.60 -1.55
CA LEU A 24 -11.90 1.10 -0.80
C LEU A 24 -12.85 1.85 -1.73
N TYR A 25 -12.30 2.65 -2.62
CA TYR A 25 -13.11 3.43 -3.55
C TYR A 25 -13.69 2.55 -4.65
N LYS A 26 -12.88 2.30 -5.68
CA LYS A 26 -13.33 1.47 -6.81
C LYS A 26 -13.95 0.17 -6.31
N LYS A 27 -13.33 -0.43 -5.30
CA LYS A 27 -13.84 -1.68 -4.74
C LYS A 27 -14.54 -1.42 -3.41
N HIS A 1 -10.35 -9.42 -11.70
CA HIS A 1 -9.47 -9.35 -10.50
C HIS A 1 -8.05 -8.99 -10.94
N ILE A 2 -7.70 -7.72 -10.82
CA ILE A 2 -6.37 -7.26 -11.21
C ILE A 2 -5.30 -8.25 -10.76
N ASN A 3 -4.09 -8.10 -11.31
CA ASN A 3 -2.99 -8.99 -10.96
C ASN A 3 -2.16 -8.40 -9.83
N GLU A 4 -1.92 -7.10 -9.90
CA GLU A 4 -1.13 -6.41 -8.89
C GLU A 4 -1.55 -6.87 -7.49
N LEU A 5 -2.77 -7.36 -7.37
CA LEU A 5 -3.27 -7.82 -6.08
C LEU A 5 -2.21 -8.66 -5.38
N LEU A 6 -1.29 -9.21 -6.15
CA LEU A 6 -0.22 -10.03 -5.59
C LEU A 6 0.99 -9.17 -5.26
N HIS A 7 1.19 -8.11 -6.05
CA HIS A 7 2.32 -7.22 -5.84
C HIS A 7 2.11 -6.35 -4.60
N ILE A 8 1.06 -5.53 -4.63
CA ILE A 8 0.75 -4.67 -3.50
C ILE A 8 0.68 -5.48 -2.21
N LEU A 9 0.36 -6.76 -2.34
CA LEU A 9 0.26 -7.63 -1.18
C LEU A 9 1.64 -7.89 -0.57
N VAL A 10 2.67 -7.37 -1.22
CA VAL A 10 4.04 -7.55 -0.74
C VAL A 10 4.42 -6.43 0.23
N PHE A 11 4.79 -5.27 -0.32
CA PHE A 11 5.16 -4.14 0.51
C PHE A 11 3.93 -3.47 1.11
N GLY A 12 3.14 -2.82 0.25
CA GLY A 12 1.93 -2.15 0.71
C GLY A 12 2.20 -1.33 1.96
N GLU A 13 3.45 -0.89 2.11
CA GLU A 13 3.83 -0.10 3.28
C GLU A 13 3.64 1.39 3.00
N SER A 14 4.18 1.85 1.87
CA SER A 14 4.07 3.25 1.50
C SER A 14 2.82 3.48 0.65
N LEU A 15 2.43 2.46 -0.10
CA LEU A 15 1.25 2.56 -0.96
C LEU A 15 -0.02 2.56 -0.12
N LEU A 16 0.15 2.54 1.20
CA LEU A 16 -0.99 2.53 2.11
C LEU A 16 -2.09 3.45 1.60
N ASN A 17 -1.71 4.44 0.79
CA ASN A 17 -2.67 5.39 0.24
C ASN A 17 -3.18 4.90 -1.11
N ASP A 18 -2.29 4.30 -1.89
CA ASP A 18 -2.67 3.79 -3.21
C ASP A 18 -3.14 2.34 -3.10
N ALA A 19 -3.04 1.78 -1.91
CA ALA A 19 -3.47 0.39 -1.69
C ALA A 19 -4.93 0.35 -1.27
N VAL A 20 -5.28 1.13 -0.26
CA VAL A 20 -6.66 1.17 0.23
C VAL A 20 -7.63 1.22 -0.95
N THR A 21 -7.42 2.19 -1.84
CA THR A 21 -8.29 2.34 -3.00
C THR A 21 -8.37 1.04 -3.79
N VAL A 22 -7.55 0.07 -3.39
CA VAL A 22 -7.53 -1.23 -4.06
C VAL A 22 -7.88 -2.35 -3.09
N VAL A 23 -7.16 -2.40 -1.97
CA VAL A 23 -7.40 -3.42 -0.96
C VAL A 23 -8.79 -3.29 -0.37
N LEU A 24 -9.30 -2.06 -0.31
CA LEU A 24 -10.63 -1.82 0.24
C LEU A 24 -11.69 -2.02 -0.83
N TYR A 25 -11.30 -1.84 -2.09
CA TYR A 25 -12.24 -2.00 -3.20
C TYR A 25 -12.66 -3.45 -3.33
N LYS A 26 -11.69 -4.34 -3.54
CA LYS A 26 -11.97 -5.75 -3.69
C LYS A 26 -12.37 -6.36 -2.35
N LYS A 27 -12.03 -5.65 -1.27
CA LYS A 27 -12.34 -6.11 0.07
C LYS A 27 -11.87 -5.10 1.12
N HIS A 1 -10.45 -8.26 -9.80
CA HIS A 1 -9.59 -8.61 -8.63
C HIS A 1 -9.16 -10.06 -8.73
N ILE A 2 -7.89 -10.31 -8.42
CA ILE A 2 -7.33 -11.66 -8.48
C ILE A 2 -6.88 -12.11 -7.09
N ASN A 3 -5.77 -12.83 -7.06
CA ASN A 3 -5.22 -13.33 -5.80
C ASN A 3 -4.18 -12.37 -5.25
N GLU A 4 -3.74 -11.44 -6.11
CA GLU A 4 -2.74 -10.46 -5.69
C GLU A 4 -3.18 -9.75 -4.42
N LEU A 5 -4.40 -10.01 -3.99
CA LEU A 5 -4.95 -9.39 -2.78
C LEU A 5 -3.90 -9.37 -1.67
N LEU A 6 -2.87 -10.20 -1.80
CA LEU A 6 -1.82 -10.26 -0.79
C LEU A 6 -0.75 -9.18 -1.03
N HIS A 7 -0.59 -8.79 -2.30
CA HIS A 7 0.41 -7.78 -2.64
C HIS A 7 0.41 -6.66 -1.61
N ILE A 8 -0.61 -5.82 -1.64
CA ILE A 8 -0.70 -4.71 -0.70
C ILE A 8 -0.33 -5.19 0.71
N LEU A 9 -0.45 -6.49 0.94
CA LEU A 9 -0.13 -7.05 2.25
C LEU A 9 1.37 -7.27 2.37
N VAL A 10 2.00 -7.65 1.26
CA VAL A 10 3.44 -7.89 1.25
C VAL A 10 4.19 -6.72 1.89
N PHE A 11 4.29 -5.62 1.15
CA PHE A 11 4.98 -4.43 1.65
C PHE A 11 4.11 -3.70 2.66
N GLY A 12 3.08 -3.00 2.16
CA GLY A 12 2.18 -2.26 3.01
C GLY A 12 2.88 -1.08 3.68
N GLU A 13 3.84 -0.48 2.97
CA GLU A 13 4.57 0.66 3.50
C GLU A 13 3.92 1.97 3.08
N SER A 14 4.33 2.47 1.92
CA SER A 14 3.78 3.73 1.41
C SER A 14 2.73 3.45 0.34
N LEU A 15 2.63 2.19 -0.06
CA LEU A 15 1.66 1.80 -1.09
C LEU A 15 0.24 1.88 -0.56
N LEU A 16 0.01 1.30 0.61
CA LEU A 16 -1.32 1.30 1.22
C LEU A 16 -2.00 2.65 1.03
N ASN A 17 -1.20 3.69 0.82
CA ASN A 17 -1.74 5.03 0.62
C ASN A 17 -2.78 5.03 -0.50
N ASP A 18 -2.32 4.71 -1.71
CA ASP A 18 -3.21 4.68 -2.86
C ASP A 18 -4.00 3.37 -2.89
N ALA A 19 -3.38 2.31 -2.37
CA ALA A 19 -4.03 1.00 -2.34
C ALA A 19 -5.31 1.07 -1.51
N VAL A 20 -5.47 2.13 -0.74
CA VAL A 20 -6.64 2.30 0.08
C VAL A 20 -7.91 2.30 -0.77
N THR A 21 -7.73 2.20 -2.07
CA THR A 21 -8.86 2.18 -2.99
C THR A 21 -9.27 0.75 -3.31
N VAL A 22 -8.53 0.11 -4.21
CA VAL A 22 -8.81 -1.25 -4.62
C VAL A 22 -9.24 -2.10 -3.42
N VAL A 23 -8.32 -2.25 -2.47
CA VAL A 23 -8.62 -3.04 -1.27
C VAL A 23 -9.90 -2.56 -0.61
N LEU A 24 -10.28 -1.32 -0.89
CA LEU A 24 -11.49 -0.75 -0.30
C LEU A 24 -12.66 -0.84 -1.28
N TYR A 25 -12.63 0.03 -2.29
CA TYR A 25 -13.69 0.05 -3.29
C TYR A 25 -13.98 -1.35 -3.82
N LYS A 26 -13.13 -1.82 -4.72
CA LYS A 26 -13.30 -3.15 -5.29
C LYS A 26 -13.67 -4.17 -4.21
N LYS A 27 -12.86 -4.21 -3.16
CA LYS A 27 -13.12 -5.13 -2.06
C LYS A 27 -13.69 -4.40 -0.86
N HIS A 1 -3.68 -0.79 -10.85
CA HIS A 1 -2.33 -0.94 -11.45
C HIS A 1 -1.67 0.43 -11.58
N ILE A 2 -0.42 0.52 -11.14
CA ILE A 2 0.32 1.78 -11.20
C ILE A 2 1.67 1.57 -11.88
N ASN A 3 1.64 1.35 -13.20
CA ASN A 3 2.86 1.13 -13.96
C ASN A 3 3.65 2.44 -14.09
N GLU A 4 3.25 3.44 -13.31
CA GLU A 4 3.92 4.73 -13.34
C GLU A 4 4.90 4.81 -12.18
N LEU A 5 4.50 4.20 -11.07
CA LEU A 5 5.34 4.17 -9.89
C LEU A 5 6.52 3.23 -10.08
N LEU A 6 6.77 2.86 -11.33
CA LEU A 6 7.87 1.95 -11.66
C LEU A 6 9.05 2.13 -10.71
N HIS A 7 9.22 3.34 -10.19
CA HIS A 7 10.30 3.63 -9.27
C HIS A 7 9.90 3.18 -7.86
N ILE A 8 8.69 3.54 -7.45
CA ILE A 8 8.18 3.18 -6.13
C ILE A 8 7.56 1.78 -6.16
N LEU A 9 6.76 1.51 -7.20
CA LEU A 9 6.10 0.22 -7.34
C LEU A 9 7.02 -0.91 -6.85
N VAL A 10 8.32 -0.70 -6.99
CA VAL A 10 9.30 -1.70 -6.57
C VAL A 10 9.21 -1.93 -5.07
N PHE A 11 9.56 -0.90 -4.30
CA PHE A 11 9.52 -1.01 -2.84
C PHE A 11 8.08 -0.88 -2.34
N GLY A 12 7.46 0.26 -2.60
CA GLY A 12 6.09 0.48 -2.16
C GLY A 12 5.92 0.14 -0.69
N GLU A 13 6.13 1.13 0.17
CA GLU A 13 6.01 0.92 1.61
C GLU A 13 4.63 1.34 2.10
N SER A 14 4.24 2.56 1.74
CA SER A 14 2.94 3.09 2.16
C SER A 14 1.85 2.69 1.18
N LEU A 15 2.21 1.86 0.20
CA LEU A 15 1.24 1.41 -0.80
C LEU A 15 -0.09 1.05 -0.16
N LEU A 16 -0.09 0.84 1.15
CA LEU A 16 -1.30 0.49 1.87
C LEU A 16 -2.18 1.72 2.07
N ASN A 17 -1.69 2.87 1.63
CA ASN A 17 -2.44 4.12 1.77
C ASN A 17 -3.33 4.36 0.56
N ASP A 18 -2.70 4.55 -0.60
CA ASP A 18 -3.44 4.79 -1.83
C ASP A 18 -4.39 3.63 -2.11
N ALA A 19 -4.07 2.46 -1.57
CA ALA A 19 -4.90 1.29 -1.79
C ALA A 19 -6.38 1.65 -1.73
N VAL A 20 -6.70 2.67 -0.94
CA VAL A 20 -8.09 3.12 -0.82
C VAL A 20 -8.66 3.48 -2.19
N THR A 21 -7.77 3.59 -3.18
CA THR A 21 -8.19 3.92 -4.53
C THR A 21 -8.84 2.72 -5.20
N VAL A 22 -8.38 1.53 -4.85
CA VAL A 22 -8.93 0.30 -5.43
C VAL A 22 -9.86 -0.38 -4.43
N VAL A 23 -9.35 -0.63 -3.23
CA VAL A 23 -10.15 -1.28 -2.19
C VAL A 23 -11.47 -0.54 -1.98
N LEU A 24 -11.60 0.61 -2.62
CA LEU A 24 -12.81 1.41 -2.49
C LEU A 24 -13.99 0.71 -3.15
N TYR A 25 -14.01 0.72 -4.48
CA TYR A 25 -15.08 0.08 -5.23
C TYR A 25 -14.90 -1.43 -5.23
N LYS A 26 -13.65 -1.87 -5.37
CA LYS A 26 -13.35 -3.30 -5.39
C LYS A 26 -13.92 -3.98 -4.16
N LYS A 27 -14.25 -3.19 -3.14
CA LYS A 27 -14.80 -3.74 -1.91
C LYS A 27 -16.32 -3.58 -1.90
N HIS A 1 -9.04 -17.27 0.24
CA HIS A 1 -7.96 -16.98 1.22
C HIS A 1 -7.60 -15.50 1.17
N ILE A 2 -7.66 -14.84 2.32
CA ILE A 2 -7.34 -13.43 2.39
C ILE A 2 -5.85 -13.22 2.64
N ASN A 3 -5.08 -14.29 2.45
CA ASN A 3 -3.63 -14.22 2.66
C ASN A 3 -2.93 -13.82 1.36
N GLU A 4 -3.25 -14.53 0.28
CA GLU A 4 -2.65 -14.25 -1.02
C GLU A 4 -2.46 -12.75 -1.24
N LEU A 5 -3.46 -11.97 -0.82
CA LEU A 5 -3.40 -10.53 -0.99
C LEU A 5 -2.24 -9.94 -0.21
N LEU A 6 -1.46 -10.80 0.44
CA LEU A 6 -0.32 -10.34 1.22
C LEU A 6 0.58 -9.44 0.39
N HIS A 7 0.58 -9.66 -0.92
CA HIS A 7 1.39 -8.84 -1.82
C HIS A 7 1.26 -7.37 -1.46
N ILE A 8 0.03 -6.95 -1.18
CA ILE A 8 -0.21 -5.55 -0.83
C ILE A 8 0.16 -5.30 0.63
N LEU A 9 -0.32 -6.18 1.52
CA LEU A 9 -0.03 -6.03 2.94
C LEU A 9 1.48 -5.90 3.17
N VAL A 10 2.25 -6.11 2.12
CA VAL A 10 3.71 -6.02 2.22
C VAL A 10 4.18 -4.61 1.91
N PHE A 11 4.29 -4.30 0.62
CA PHE A 11 4.74 -2.98 0.20
C PHE A 11 3.67 -1.93 0.47
N GLY A 12 2.41 -2.38 0.58
CA GLY A 12 1.31 -1.47 0.84
C GLY A 12 1.68 -0.45 1.91
N GLU A 13 2.70 -0.77 2.70
CA GLU A 13 3.14 0.13 3.76
C GLU A 13 3.42 1.52 3.20
N SER A 14 4.06 1.56 2.04
CA SER A 14 4.39 2.84 1.42
C SER A 14 3.29 3.27 0.47
N LEU A 15 2.89 2.36 -0.42
CA LEU A 15 1.83 2.65 -1.38
C LEU A 15 0.47 2.64 -0.69
N LEU A 16 0.48 2.53 0.64
CA LEU A 16 -0.76 2.50 1.41
C LEU A 16 -1.79 3.45 0.80
N ASN A 17 -1.33 4.58 0.28
CA ASN A 17 -2.22 5.56 -0.32
C ASN A 17 -3.09 4.90 -1.39
N ASP A 18 -2.45 4.23 -2.34
CA ASP A 18 -3.17 3.56 -3.41
C ASP A 18 -3.79 2.26 -2.91
N ALA A 19 -3.16 1.66 -1.91
CA ALA A 19 -3.67 0.41 -1.34
C ALA A 19 -5.04 0.64 -0.70
N VAL A 20 -5.15 1.71 0.08
CA VAL A 20 -6.41 2.03 0.74
C VAL A 20 -7.53 2.17 -0.29
N THR A 21 -7.17 2.09 -1.56
CA THR A 21 -8.16 2.21 -2.63
C THR A 21 -8.65 0.83 -3.05
N VAL A 22 -7.88 -0.19 -2.74
CA VAL A 22 -8.24 -1.56 -3.08
C VAL A 22 -8.57 -2.36 -1.82
N VAL A 23 -7.62 -2.42 -0.90
CA VAL A 23 -7.82 -3.15 0.34
C VAL A 23 -9.07 -2.66 1.06
N LEU A 24 -9.52 -1.47 0.70
CA LEU A 24 -10.72 -0.90 1.33
C LEU A 24 -11.95 -1.15 0.47
N TYR A 25 -12.05 -0.43 -0.64
CA TYR A 25 -13.19 -0.59 -1.54
C TYR A 25 -13.38 -2.04 -1.95
N LYS A 26 -12.60 -2.46 -2.94
CA LYS A 26 -12.68 -3.84 -3.44
C LYS A 26 -12.85 -4.82 -2.28
N LYS A 27 -11.99 -4.69 -1.27
CA LYS A 27 -12.05 -5.57 -0.11
C LYS A 27 -12.67 -4.86 1.07
N HIS A 1 20.90 3.28 -1.83
CA HIS A 1 20.28 1.93 -1.90
C HIS A 1 20.53 1.35 -3.29
N ILE A 2 19.57 0.55 -3.77
CA ILE A 2 19.72 -0.08 -5.09
C ILE A 2 18.88 0.68 -6.12
N ASN A 3 19.12 0.37 -7.39
CA ASN A 3 18.39 1.02 -8.48
C ASN A 3 17.21 0.16 -8.94
N GLU A 4 17.35 -1.16 -8.80
CA GLU A 4 16.30 -2.07 -9.21
C GLU A 4 15.10 -1.95 -8.27
N LEU A 5 15.36 -1.97 -6.97
CA LEU A 5 14.29 -1.86 -5.99
C LEU A 5 13.62 -0.49 -6.08
N LEU A 6 14.25 0.41 -6.83
CA LEU A 6 13.72 1.77 -7.00
C LEU A 6 12.20 1.73 -7.15
N HIS A 7 11.68 0.58 -7.58
CA HIS A 7 10.24 0.42 -7.77
C HIS A 7 9.51 0.55 -6.43
N ILE A 8 10.13 0.04 -5.37
CA ILE A 8 9.52 0.10 -4.04
C ILE A 8 9.95 1.37 -3.30
N LEU A 9 11.14 1.87 -3.64
CA LEU A 9 11.65 3.06 -2.99
C LEU A 9 10.73 4.25 -3.25
N VAL A 10 9.97 4.18 -4.34
CA VAL A 10 9.06 5.24 -4.70
C VAL A 10 8.07 5.51 -3.57
N PHE A 11 7.11 4.61 -3.40
CA PHE A 11 6.11 4.76 -2.34
C PHE A 11 6.64 4.22 -1.02
N GLY A 12 6.87 2.91 -0.97
CA GLY A 12 7.37 2.28 0.25
C GLY A 12 6.22 1.72 1.08
N GLU A 13 5.73 2.53 2.01
CA GLU A 13 4.63 2.11 2.88
C GLU A 13 3.29 2.51 2.27
N SER A 14 3.34 3.30 1.20
CA SER A 14 2.11 3.74 0.54
C SER A 14 1.51 2.61 -0.30
N LEU A 15 2.17 1.46 -0.28
CA LEU A 15 1.68 0.31 -1.04
C LEU A 15 0.16 0.19 -0.95
N LEU A 16 -0.37 0.50 0.23
CA LEU A 16 -1.82 0.43 0.43
C LEU A 16 -2.47 1.78 0.11
N ASN A 17 -1.70 2.85 0.20
CA ASN A 17 -2.22 4.18 -0.09
C ASN A 17 -2.64 4.30 -1.55
N ASP A 18 -2.49 3.20 -2.29
CA ASP A 18 -2.86 3.19 -3.70
C ASP A 18 -4.31 2.75 -3.88
N ALA A 19 -4.65 1.60 -3.31
CA ALA A 19 -6.01 1.08 -3.42
C ALA A 19 -6.91 1.71 -2.35
N VAL A 20 -6.55 1.52 -1.09
CA VAL A 20 -7.33 2.07 0.01
C VAL A 20 -7.79 3.49 -0.32
N THR A 21 -7.04 4.17 -1.18
CA THR A 21 -7.39 5.53 -1.58
C THR A 21 -8.26 5.52 -2.83
N VAL A 22 -7.66 5.13 -3.96
CA VAL A 22 -8.39 5.09 -5.22
C VAL A 22 -9.74 4.40 -5.04
N VAL A 23 -9.87 3.64 -3.96
CA VAL A 23 -11.13 2.93 -3.68
C VAL A 23 -12.03 3.78 -2.79
N LEU A 24 -11.44 4.72 -2.07
CA LEU A 24 -12.21 5.59 -1.18
C LEU A 24 -13.07 6.55 -1.98
N TYR A 25 -12.43 7.31 -2.86
CA TYR A 25 -13.16 8.27 -3.69
C TYR A 25 -14.08 7.55 -4.65
N LYS A 26 -13.76 6.30 -4.96
CA LYS A 26 -14.56 5.50 -5.87
C LYS A 26 -16.00 5.39 -5.37
N LYS A 27 -16.17 5.54 -4.05
CA LYS A 27 -17.49 5.46 -3.45
C LYS A 27 -18.00 6.84 -3.08
N HIS A 1 7.80 -6.36 9.72
CA HIS A 1 8.75 -7.18 10.52
C HIS A 1 9.22 -6.37 11.72
N ILE A 2 10.47 -6.59 12.13
CA ILE A 2 11.04 -5.88 13.27
C ILE A 2 12.31 -5.15 12.85
N ASN A 3 13.09 -5.77 11.98
CA ASN A 3 14.33 -5.16 11.49
C ASN A 3 14.07 -4.35 10.23
N GLU A 4 13.07 -4.77 9.47
CA GLU A 4 12.73 -4.09 8.23
C GLU A 4 11.67 -3.02 8.49
N LEU A 5 11.41 -2.75 9.76
CA LEU A 5 10.42 -1.75 10.15
C LEU A 5 10.58 -0.47 9.32
N LEU A 6 11.70 -0.37 8.61
CA LEU A 6 11.96 0.80 7.77
C LEU A 6 11.72 0.48 6.30
N HIS A 7 12.06 -0.74 5.90
CA HIS A 7 11.89 -1.15 4.51
C HIS A 7 10.52 -1.78 4.28
N ILE A 8 10.39 -3.06 4.61
CA ILE A 8 9.12 -3.76 4.42
C ILE A 8 7.97 -2.92 4.96
N LEU A 9 8.29 -1.90 5.73
CA LEU A 9 7.27 -1.03 6.31
C LEU A 9 6.98 0.14 5.37
N VAL A 10 8.03 0.62 4.70
CA VAL A 10 7.88 1.75 3.78
C VAL A 10 7.46 1.28 2.38
N PHE A 11 7.95 0.10 1.98
CA PHE A 11 7.62 -0.42 0.66
C PHE A 11 6.15 -0.78 0.58
N GLY A 12 5.57 -1.13 1.72
CA GLY A 12 4.16 -1.49 1.78
C GLY A 12 3.29 -0.26 1.98
N GLU A 13 3.83 0.74 2.66
CA GLU A 13 3.08 1.97 2.91
C GLU A 13 2.74 2.67 1.60
N SER A 14 3.77 3.02 0.83
CA SER A 14 3.57 3.69 -0.44
C SER A 14 2.51 2.97 -1.27
N LEU A 15 2.40 1.66 -1.08
CA LEU A 15 1.42 0.87 -1.81
C LEU A 15 0.11 0.79 -1.03
N LEU A 16 0.14 1.25 0.21
CA LEU A 16 -1.06 1.23 1.04
C LEU A 16 -1.92 2.46 0.78
N ASN A 17 -1.37 3.64 1.05
CA ASN A 17 -2.10 4.88 0.84
C ASN A 17 -2.58 4.98 -0.61
N ASP A 18 -2.00 4.16 -1.47
CA ASP A 18 -2.38 4.15 -2.89
C ASP A 18 -3.47 3.13 -3.15
N ALA A 19 -3.42 2.02 -2.42
CA ALA A 19 -4.41 0.97 -2.59
C ALA A 19 -5.59 1.16 -1.64
N VAL A 20 -5.28 1.56 -0.41
CA VAL A 20 -6.32 1.77 0.59
C VAL A 20 -7.38 2.73 0.07
N THR A 21 -7.13 3.32 -1.10
CA THR A 21 -8.07 4.25 -1.70
C THR A 21 -8.99 3.53 -2.69
N VAL A 22 -8.51 2.41 -3.20
CA VAL A 22 -9.30 1.62 -4.17
C VAL A 22 -9.68 0.26 -3.59
N VAL A 23 -8.70 -0.61 -3.44
CA VAL A 23 -8.95 -1.95 -2.90
C VAL A 23 -9.81 -1.89 -1.65
N LEU A 24 -9.99 -0.69 -1.10
CA LEU A 24 -10.79 -0.54 0.12
C LEU A 24 -12.23 -0.17 -0.20
N TYR A 25 -12.44 1.06 -0.67
CA TYR A 25 -13.79 1.52 -0.99
C TYR A 25 -14.27 1.00 -2.33
N LYS A 26 -13.78 1.59 -3.42
CA LYS A 26 -14.18 1.16 -4.76
C LYS A 26 -14.30 -0.36 -4.83
N LYS A 27 -13.54 -1.05 -4.00
CA LYS A 27 -13.57 -2.51 -3.98
C LYS A 27 -12.71 -3.05 -2.85
N HIS A 1 16.13 -10.47 13.39
CA HIS A 1 15.22 -9.55 12.65
C HIS A 1 14.85 -10.17 11.30
N ILE A 2 13.72 -10.86 11.27
CA ILE A 2 13.27 -11.50 10.03
C ILE A 2 12.84 -10.44 9.02
N ASN A 3 11.70 -10.68 8.38
CA ASN A 3 11.19 -9.74 7.38
C ASN A 3 10.28 -8.71 8.04
N GLU A 4 10.14 -8.81 9.35
CA GLU A 4 9.29 -7.88 10.10
C GLU A 4 9.46 -6.46 9.57
N LEU A 5 10.51 -5.79 10.01
CA LEU A 5 10.76 -4.42 9.58
C LEU A 5 10.80 -4.34 8.06
N LEU A 6 10.91 -5.51 7.42
CA LEU A 6 10.94 -5.57 5.96
C LEU A 6 9.53 -5.73 5.39
N HIS A 7 8.54 -5.75 6.28
CA HIS A 7 7.15 -5.90 5.86
C HIS A 7 6.88 -5.09 4.60
N ILE A 8 7.65 -4.03 4.40
CA ILE A 8 7.50 -3.19 3.23
C ILE A 8 7.63 -4.03 1.95
N LEU A 9 7.98 -5.29 2.12
CA LEU A 9 8.14 -6.18 0.98
C LEU A 9 6.95 -6.08 0.04
N VAL A 10 5.87 -6.78 0.38
CA VAL A 10 4.66 -6.77 -0.44
C VAL A 10 3.73 -5.64 0.00
N PHE A 11 3.46 -5.57 1.31
CA PHE A 11 2.59 -4.54 1.85
C PHE A 11 2.84 -3.20 1.16
N GLY A 12 4.12 -2.93 0.88
CA GLY A 12 4.49 -1.67 0.24
C GLY A 12 3.87 -0.49 0.96
N GLU A 13 4.43 -0.15 2.11
CA GLU A 13 3.92 0.97 2.90
C GLU A 13 3.59 2.16 1.99
N SER A 14 4.48 2.44 1.05
CA SER A 14 4.27 3.55 0.12
C SER A 14 2.94 3.41 -0.59
N LEU A 15 2.47 2.18 -0.73
CA LEU A 15 1.20 1.91 -1.40
C LEU A 15 0.05 1.98 -0.41
N LEU A 16 0.37 1.88 0.88
CA LEU A 16 -0.66 1.94 1.92
C LEU A 16 -1.69 3.03 1.60
N ASN A 17 -1.26 4.02 0.81
CA ASN A 17 -2.15 5.11 0.44
C ASN A 17 -2.91 4.78 -0.84
N ASP A 18 -2.18 4.30 -1.85
CA ASP A 18 -2.79 3.94 -3.12
C ASP A 18 -3.45 2.57 -3.03
N ALA A 19 -3.37 1.96 -1.85
CA ALA A 19 -3.96 0.64 -1.64
C ALA A 19 -5.37 0.77 -1.08
N VAL A 20 -5.55 1.73 -0.17
CA VAL A 20 -6.86 1.94 0.45
C VAL A 20 -7.91 2.23 -0.62
N THR A 21 -7.47 2.75 -1.76
CA THR A 21 -8.39 3.07 -2.85
C THR A 21 -8.50 1.88 -3.80
N VAL A 22 -7.78 0.81 -3.48
CA VAL A 22 -7.82 -0.40 -4.31
C VAL A 22 -8.62 -1.50 -3.62
N VAL A 23 -8.35 -1.70 -2.34
CA VAL A 23 -9.05 -2.72 -1.57
C VAL A 23 -10.46 -2.25 -1.21
N LEU A 24 -10.66 -0.94 -1.28
CA LEU A 24 -11.94 -0.34 -0.95
C LEU A 24 -12.81 -0.23 -2.21
N TYR A 25 -12.16 0.01 -3.35
CA TYR A 25 -12.87 0.13 -4.60
C TYR A 25 -13.26 -1.24 -5.13
N LYS A 26 -12.27 -2.12 -5.27
CA LYS A 26 -12.53 -3.47 -5.77
C LYS A 26 -13.42 -4.23 -4.80
N LYS A 27 -13.62 -3.65 -3.62
CA LYS A 27 -14.46 -4.29 -2.61
C LYS A 27 -15.92 -3.91 -2.82
N HIS A 1 7.73 -21.57 0.81
CA HIS A 1 6.99 -20.28 1.01
C HIS A 1 7.99 -19.17 1.29
N ILE A 2 8.18 -18.29 0.31
CA ILE A 2 9.11 -17.18 0.46
C ILE A 2 8.36 -15.90 0.85
N ASN A 3 9.09 -14.78 0.88
CA ASN A 3 8.48 -13.51 1.25
C ASN A 3 7.39 -13.12 0.25
N GLU A 4 7.20 -13.97 -0.76
CA GLU A 4 6.19 -13.71 -1.78
C GLU A 4 4.91 -13.14 -1.16
N LEU A 5 4.30 -13.92 -0.27
CA LEU A 5 3.08 -13.47 0.39
C LEU A 5 3.37 -12.35 1.37
N LEU A 6 4.64 -12.20 1.75
CA LEU A 6 5.02 -11.16 2.69
C LEU A 6 5.43 -9.88 1.95
N HIS A 7 5.23 -9.88 0.63
CA HIS A 7 5.57 -8.72 -0.19
C HIS A 7 5.27 -7.42 0.54
N ILE A 8 4.33 -7.49 1.48
CA ILE A 8 3.95 -6.32 2.24
C ILE A 8 5.18 -5.62 2.79
N LEU A 9 6.30 -6.33 2.82
CA LEU A 9 7.55 -5.74 3.31
C LEU A 9 8.26 -4.98 2.21
N VAL A 10 8.00 -5.37 0.96
CA VAL A 10 8.62 -4.70 -0.18
C VAL A 10 8.47 -3.20 -0.06
N PHE A 11 7.26 -2.72 -0.34
CA PHE A 11 6.98 -1.29 -0.26
C PHE A 11 6.57 -0.90 1.15
N GLY A 12 5.48 -1.50 1.62
CA GLY A 12 4.99 -1.20 2.96
C GLY A 12 3.85 -0.21 2.91
N GLU A 13 4.16 1.07 3.17
CA GLU A 13 3.15 2.12 3.14
C GLU A 13 3.11 2.80 1.79
N SER A 14 4.13 2.56 0.97
CA SER A 14 4.20 3.17 -0.35
C SER A 14 2.90 2.96 -1.12
N LEU A 15 2.46 1.72 -1.22
CA LEU A 15 1.23 1.40 -1.94
C LEU A 15 0.02 1.53 -1.01
N LEU A 16 0.14 0.98 0.19
CA LEU A 16 -0.96 1.04 1.15
C LEU A 16 -1.65 2.39 1.12
N ASN A 17 -0.87 3.43 0.79
CA ASN A 17 -1.42 4.78 0.73
C ASN A 17 -2.36 4.92 -0.47
N ASP A 18 -1.91 4.46 -1.63
CA ASP A 18 -2.73 4.54 -2.84
C ASP A 18 -3.57 3.27 -2.99
N ALA A 19 -3.45 2.37 -2.03
CA ALA A 19 -4.22 1.12 -2.08
C ALA A 19 -5.55 1.28 -1.36
N VAL A 20 -5.54 1.98 -0.23
CA VAL A 20 -6.75 2.18 0.54
C VAL A 20 -7.93 2.49 -0.38
N THR A 21 -7.69 3.33 -1.38
CA THR A 21 -8.75 3.70 -2.32
C THR A 21 -9.41 2.45 -2.90
N VAL A 22 -8.82 1.28 -2.62
CA VAL A 22 -9.37 0.03 -3.12
C VAL A 22 -9.34 -1.04 -2.03
N VAL A 23 -8.28 -1.06 -1.24
CA VAL A 23 -8.14 -2.04 -0.16
C VAL A 23 -9.02 -1.65 1.02
N LEU A 24 -9.66 -0.49 0.93
CA LEU A 24 -10.53 -0.02 2.01
C LEU A 24 -11.94 -0.53 1.82
N TYR A 25 -12.68 0.09 0.90
CA TYR A 25 -14.05 -0.33 0.64
C TYR A 25 -14.11 -1.84 0.41
N LYS A 26 -12.98 -2.43 0.05
CA LYS A 26 -12.91 -3.85 -0.19
C LYS A 26 -13.54 -4.63 0.97
N LYS A 27 -12.92 -4.53 2.14
CA LYS A 27 -13.43 -5.22 3.31
C LYS A 27 -14.37 -4.31 4.10
N HIS A 1 17.55 -8.17 13.86
CA HIS A 1 16.78 -6.90 13.80
C HIS A 1 16.47 -6.58 12.34
N ILE A 2 15.55 -5.64 12.13
CA ILE A 2 15.17 -5.25 10.78
C ILE A 2 15.02 -3.72 10.70
N ASN A 3 16.05 -3.02 11.15
CA ASN A 3 16.04 -1.56 11.12
C ASN A 3 15.86 -1.05 9.70
N GLU A 4 15.71 -1.96 8.76
CA GLU A 4 15.53 -1.59 7.36
C GLU A 4 14.04 -1.44 7.05
N LEU A 5 13.22 -1.57 8.09
CA LEU A 5 11.78 -1.44 7.92
C LEU A 5 11.44 -0.15 7.18
N LEU A 6 12.44 0.69 6.98
CA LEU A 6 12.24 1.95 6.28
C LEU A 6 12.32 1.72 4.77
N HIS A 7 13.22 0.83 4.36
CA HIS A 7 13.41 0.51 2.95
C HIS A 7 12.59 -0.72 2.55
N ILE A 8 12.35 -1.60 3.51
CA ILE A 8 11.60 -2.82 3.23
C ILE A 8 10.11 -2.62 3.49
N LEU A 9 9.74 -2.38 4.76
CA LEU A 9 8.34 -2.20 5.10
C LEU A 9 7.66 -1.20 4.17
N VAL A 10 8.45 -0.53 3.32
CA VAL A 10 7.89 0.44 2.39
C VAL A 10 6.58 -0.06 1.79
N PHE A 11 6.40 -1.38 1.80
CA PHE A 11 5.19 -1.97 1.25
C PHE A 11 3.97 -1.54 2.06
N GLY A 12 4.21 -0.98 3.24
CA GLY A 12 3.13 -0.52 4.10
C GLY A 12 3.03 1.00 4.11
N GLU A 13 3.83 1.64 3.25
CA GLU A 13 3.82 3.10 3.17
C GLU A 13 2.80 3.57 2.14
N SER A 14 3.19 3.54 0.87
CA SER A 14 2.30 3.97 -0.20
C SER A 14 1.48 2.79 -0.73
N LEU A 15 2.14 1.65 -0.89
CA LEU A 15 1.47 0.46 -1.40
C LEU A 15 0.13 0.26 -0.69
N LEU A 16 0.02 0.82 0.51
CA LEU A 16 -1.22 0.69 1.28
C LEU A 16 -2.18 1.82 0.94
N ASN A 17 -1.63 2.94 0.49
CA ASN A 17 -2.45 4.08 0.13
C ASN A 17 -3.08 3.89 -1.25
N ASP A 18 -2.24 3.89 -2.28
CA ASP A 18 -2.73 3.71 -3.65
C ASP A 18 -3.71 2.53 -3.72
N ALA A 19 -3.64 1.66 -2.72
CA ALA A 19 -4.52 0.50 -2.67
C ALA A 19 -5.83 0.85 -1.96
N VAL A 20 -5.74 1.70 -0.94
CA VAL A 20 -6.92 2.09 -0.18
C VAL A 20 -7.54 3.34 -0.80
N THR A 21 -6.70 4.31 -1.16
CA THR A 21 -7.19 5.55 -1.76
C THR A 21 -8.24 5.25 -2.82
N VAL A 22 -8.11 4.08 -3.46
CA VAL A 22 -9.06 3.69 -4.50
C VAL A 22 -10.50 3.87 -4.00
N VAL A 23 -10.69 3.71 -2.70
CA VAL A 23 -12.02 3.85 -2.11
C VAL A 23 -12.30 5.31 -1.76
N LEU A 24 -11.37 6.19 -2.13
CA LEU A 24 -11.53 7.62 -1.84
C LEU A 24 -12.42 8.30 -2.87
N TYR A 25 -11.87 8.55 -4.05
CA TYR A 25 -12.62 9.22 -5.12
C TYR A 25 -13.67 8.30 -5.71
N LYS A 26 -13.48 6.99 -5.57
CA LYS A 26 -14.43 6.03 -6.10
C LYS A 26 -15.87 6.48 -5.87
N LYS A 27 -16.06 7.25 -4.80
CA LYS A 27 -17.39 7.76 -4.45
C LYS A 27 -17.35 9.27 -4.29
N HIS A 1 4.69 -16.84 -1.82
CA HIS A 1 3.89 -16.02 -0.89
C HIS A 1 4.81 -15.39 0.15
N ILE A 2 6.05 -15.13 -0.24
CA ILE A 2 7.02 -14.54 0.67
C ILE A 2 7.18 -13.05 0.39
N ASN A 3 7.61 -12.72 -0.82
CA ASN A 3 7.81 -11.33 -1.20
C ASN A 3 6.61 -10.48 -0.77
N GLU A 4 5.41 -11.05 -0.93
CA GLU A 4 4.20 -10.33 -0.55
C GLU A 4 4.34 -9.76 0.85
N LEU A 5 4.87 -10.56 1.76
CA LEU A 5 5.06 -10.12 3.13
C LEU A 5 6.48 -9.61 3.34
N LEU A 6 7.34 -9.83 2.36
CA LEU A 6 8.72 -9.39 2.44
C LEU A 6 8.93 -8.07 1.69
N HIS A 7 8.87 -8.14 0.36
CA HIS A 7 9.07 -6.96 -0.47
C HIS A 7 7.90 -5.98 -0.34
N ILE A 8 6.77 -6.32 -0.96
CA ILE A 8 5.59 -5.47 -0.92
C ILE A 8 5.44 -4.80 0.44
N LEU A 9 5.86 -5.50 1.49
CA LEU A 9 5.76 -4.96 2.85
C LEU A 9 6.73 -3.79 3.03
N VAL A 10 7.98 -4.00 2.60
CA VAL A 10 8.99 -2.97 2.73
C VAL A 10 8.43 -1.61 2.32
N PHE A 11 8.37 -1.37 1.01
CA PHE A 11 7.85 -0.11 0.51
C PHE A 11 6.34 -0.06 0.64
N GLY A 12 5.75 -1.16 1.12
CA GLY A 12 4.30 -1.23 1.29
C GLY A 12 3.75 0.08 1.84
N GLU A 13 4.62 0.85 2.50
CA GLU A 13 4.21 2.12 3.08
C GLU A 13 3.68 3.05 1.98
N SER A 14 4.08 2.79 0.75
CA SER A 14 3.65 3.61 -0.37
C SER A 14 2.34 3.07 -0.96
N LEU A 15 2.20 1.75 -0.97
CA LEU A 15 1.00 1.12 -1.50
C LEU A 15 -0.13 1.19 -0.48
N LEU A 16 0.23 1.17 0.79
CA LEU A 16 -0.77 1.23 1.86
C LEU A 16 -1.75 2.37 1.61
N ASN A 17 -1.26 3.42 0.94
CA ASN A 17 -2.11 4.57 0.64
C ASN A 17 -2.83 4.38 -0.69
N ASP A 18 -2.07 3.99 -1.72
CA ASP A 18 -2.66 3.78 -3.03
C ASP A 18 -3.45 2.47 -3.07
N ALA A 19 -3.40 1.73 -1.97
CA ALA A 19 -4.11 0.46 -1.88
C ALA A 19 -5.55 0.69 -1.41
N VAL A 20 -5.74 1.66 -0.53
CA VAL A 20 -7.06 1.97 -0.02
C VAL A 20 -7.78 2.95 -0.93
N THR A 21 -7.03 3.58 -1.83
CA THR A 21 -7.61 4.55 -2.77
C THR A 21 -8.05 3.85 -4.05
N VAL A 22 -7.07 3.39 -4.84
CA VAL A 22 -7.37 2.71 -6.09
C VAL A 22 -8.52 1.73 -5.91
N VAL A 23 -8.72 1.28 -4.68
CA VAL A 23 -9.80 0.33 -4.39
C VAL A 23 -11.08 1.07 -3.99
N LEU A 24 -10.92 2.26 -3.41
CA LEU A 24 -12.09 3.04 -2.99
C LEU A 24 -12.51 4.01 -4.09
N TYR A 25 -11.54 4.50 -4.85
CA TYR A 25 -11.83 5.44 -5.93
C TYR A 25 -12.26 4.70 -7.20
N LYS A 26 -11.28 4.23 -7.96
CA LYS A 26 -11.57 3.51 -9.20
C LYS A 26 -12.49 2.32 -8.92
N LYS A 27 -12.02 1.41 -8.06
CA LYS A 27 -12.80 0.23 -7.73
C LYS A 27 -11.96 -0.74 -6.91
N HIS A 1 20.80 3.42 -7.38
CA HIS A 1 20.74 2.33 -6.35
C HIS A 1 21.72 2.63 -5.23
N ILE A 2 21.35 3.54 -4.34
CA ILE A 2 22.22 3.91 -3.22
C ILE A 2 21.77 3.20 -1.94
N ASN A 3 21.69 3.95 -0.85
CA ASN A 3 21.27 3.39 0.42
C ASN A 3 19.76 3.28 0.49
N GLU A 4 19.09 3.71 -0.57
CA GLU A 4 17.63 3.65 -0.62
C GLU A 4 17.13 2.30 -0.14
N LEU A 5 17.98 1.29 -0.23
CA LEU A 5 17.61 -0.06 0.21
C LEU A 5 16.82 0.00 1.51
N LEU A 6 17.13 1.00 2.34
CA LEU A 6 16.43 1.16 3.62
C LEU A 6 15.21 2.05 3.44
N HIS A 7 15.28 2.99 2.50
CA HIS A 7 14.18 3.90 2.24
C HIS A 7 13.09 3.20 1.42
N ILE A 8 13.51 2.40 0.45
CA ILE A 8 12.57 1.67 -0.39
C ILE A 8 11.42 1.13 0.45
N LEU A 9 11.70 0.87 1.72
CA LEU A 9 10.68 0.34 2.62
C LEU A 9 9.34 1.03 2.38
N VAL A 10 9.39 2.26 1.87
CA VAL A 10 8.19 3.02 1.60
C VAL A 10 7.24 2.22 0.71
N PHE A 11 7.81 1.38 -0.15
CA PHE A 11 7.01 0.57 -1.06
C PHE A 11 5.98 -0.24 -0.28
N GLY A 12 6.15 -0.29 1.04
CA GLY A 12 5.23 -1.04 1.89
C GLY A 12 4.26 -0.09 2.60
N GLU A 13 4.62 1.19 2.64
CA GLU A 13 3.78 2.18 3.30
C GLU A 13 2.77 2.78 2.32
N SER A 14 3.29 3.31 1.22
CA SER A 14 2.43 3.92 0.21
C SER A 14 1.51 2.86 -0.42
N LEU A 15 2.02 1.63 -0.52
CA LEU A 15 1.25 0.55 -1.11
C LEU A 15 -0.10 0.42 -0.41
N LEU A 16 -0.16 0.89 0.84
CA LEU A 16 -1.40 0.82 1.61
C LEU A 16 -2.25 2.06 1.36
N ASN A 17 -1.60 3.13 0.91
CA ASN A 17 -2.31 4.38 0.63
C ASN A 17 -2.82 4.40 -0.80
N ASP A 18 -1.95 4.03 -1.74
CA ASP A 18 -2.32 4.02 -3.15
C ASP A 18 -3.45 3.02 -3.40
N ALA A 19 -3.64 2.11 -2.45
CA ALA A 19 -4.69 1.11 -2.58
C ALA A 19 -5.99 1.60 -1.96
N VAL A 20 -5.97 1.86 -0.66
CA VAL A 20 -7.15 2.34 0.04
C VAL A 20 -7.63 3.66 -0.56
N THR A 21 -6.82 4.24 -1.44
CA THR A 21 -7.16 5.50 -2.07
C THR A 21 -8.32 5.30 -3.05
N VAL A 22 -8.06 4.57 -4.12
CA VAL A 22 -9.09 4.31 -5.13
C VAL A 22 -10.43 4.05 -4.46
N VAL A 23 -10.39 3.63 -3.20
CA VAL A 23 -11.62 3.34 -2.46
C VAL A 23 -12.01 4.54 -1.58
N LEU A 24 -11.01 5.28 -1.09
CA LEU A 24 -11.27 6.42 -0.23
C LEU A 24 -11.70 7.64 -1.04
N TYR A 25 -10.83 8.10 -1.94
CA TYR A 25 -11.13 9.26 -2.76
C TYR A 25 -12.37 9.03 -3.62
N LYS A 26 -12.99 7.87 -3.44
CA LYS A 26 -14.19 7.52 -4.20
C LYS A 26 -15.09 8.75 -4.39
N LYS A 27 -14.99 9.70 -3.47
CA LYS A 27 -15.79 10.91 -3.55
C LYS A 27 -14.94 12.14 -3.23
N HIS A 1 13.54 -9.38 13.83
CA HIS A 1 12.95 -8.32 12.97
C HIS A 1 13.43 -6.95 13.46
N ILE A 2 14.36 -6.36 12.71
CA ILE A 2 14.89 -5.06 13.07
C ILE A 2 14.18 -3.95 12.30
N ASN A 3 14.54 -2.70 12.59
CA ASN A 3 13.93 -1.56 11.93
C ASN A 3 14.54 -1.36 10.55
N GLU A 4 15.76 -1.87 10.37
CA GLU A 4 16.46 -1.75 9.09
C GLU A 4 15.49 -1.85 7.92
N LEU A 5 14.39 -2.57 8.13
CA LEU A 5 13.38 -2.73 7.09
C LEU A 5 12.79 -1.38 6.70
N LEU A 6 13.26 -0.33 7.36
CA LEU A 6 12.79 1.03 7.10
C LEU A 6 12.53 1.24 5.61
N HIS A 7 13.60 1.39 4.84
CA HIS A 7 13.46 1.60 3.40
C HIS A 7 12.47 0.61 2.82
N ILE A 8 12.56 -0.65 3.27
CA ILE A 8 11.66 -1.68 2.78
C ILE A 8 10.25 -1.44 3.29
N LEU A 9 10.15 -0.66 4.37
CA LEU A 9 8.86 -0.35 4.97
C LEU A 9 8.10 0.67 4.11
N VAL A 10 8.77 1.77 3.79
CA VAL A 10 8.16 2.81 2.97
C VAL A 10 7.59 2.23 1.68
N PHE A 11 8.48 1.80 0.80
CA PHE A 11 8.04 1.22 -0.46
C PHE A 11 6.92 0.22 -0.21
N GLY A 12 6.87 -0.30 1.01
CA GLY A 12 5.85 -1.27 1.39
C GLY A 12 4.63 -0.57 1.99
N GLU A 13 4.85 0.63 2.54
CA GLU A 13 3.76 1.39 3.15
C GLU A 13 3.15 2.36 2.14
N SER A 14 3.97 2.82 1.21
CA SER A 14 3.51 3.77 0.19
C SER A 14 2.39 3.16 -0.64
N LEU A 15 2.64 1.99 -1.21
CA LEU A 15 1.64 1.34 -2.05
C LEU A 15 0.46 0.86 -1.20
N LEU A 16 0.51 1.14 0.09
CA LEU A 16 -0.56 0.74 0.99
C LEU A 16 -1.61 1.85 1.11
N ASN A 17 -1.18 3.10 0.93
CA ASN A 17 -2.08 4.23 1.02
C ASN A 17 -2.76 4.49 -0.33
N ASP A 18 -2.30 3.78 -1.36
CA ASP A 18 -2.87 3.93 -2.69
C ASP A 18 -4.04 2.98 -2.89
N ALA A 19 -4.01 1.86 -2.18
CA ALA A 19 -5.08 0.87 -2.28
C ALA A 19 -6.35 1.39 -1.63
N VAL A 20 -6.22 1.92 -0.42
CA VAL A 20 -7.37 2.45 0.31
C VAL A 20 -8.17 3.41 -0.57
N THR A 21 -7.58 3.80 -1.70
CA THR A 21 -8.24 4.71 -2.62
C THR A 21 -9.06 3.94 -3.66
N VAL A 22 -9.02 2.62 -3.57
CA VAL A 22 -9.77 1.79 -4.51
C VAL A 22 -10.32 0.55 -3.81
N VAL A 23 -9.41 -0.31 -3.33
CA VAL A 23 -9.82 -1.53 -2.65
C VAL A 23 -10.83 -1.24 -1.55
N LEU A 24 -11.02 0.05 -1.26
CA LEU A 24 -11.95 0.45 -0.21
C LEU A 24 -13.33 0.79 -0.78
N TYR A 25 -13.41 1.86 -1.56
CA TYR A 25 -14.69 2.28 -2.14
C TYR A 25 -15.06 1.43 -3.36
N LYS A 26 -14.43 1.71 -4.49
CA LYS A 26 -14.72 0.97 -5.72
C LYS A 26 -14.89 -0.51 -5.43
N LYS A 27 -14.05 -1.05 -4.55
CA LYS A 27 -14.14 -2.46 -4.19
C LYS A 27 -13.44 -2.72 -2.86
N HIS A 1 9.00 -7.13 18.11
CA HIS A 1 8.47 -5.77 18.40
C HIS A 1 7.62 -5.30 17.22
N ILE A 2 7.15 -4.06 17.30
CA ILE A 2 6.33 -3.49 16.23
C ILE A 2 7.17 -2.58 15.34
N ASN A 3 8.21 -1.99 15.93
CA ASN A 3 9.08 -1.08 15.18
C ASN A 3 9.78 -1.83 14.05
N GLU A 4 9.98 -3.13 14.23
CA GLU A 4 10.63 -3.95 13.22
C GLU A 4 9.94 -3.78 11.87
N LEU A 5 8.63 -3.54 11.91
CA LEU A 5 7.87 -3.35 10.69
C LEU A 5 8.26 -2.04 10.01
N LEU A 6 9.25 -1.36 10.58
CA LEU A 6 9.71 -0.09 10.02
C LEU A 6 9.88 -0.20 8.50
N HIS A 7 10.80 -1.06 8.07
CA HIS A 7 11.04 -1.25 6.65
C HIS A 7 9.76 -1.65 5.93
N ILE A 8 8.81 -2.18 6.69
CA ILE A 8 7.54 -2.61 6.11
C ILE A 8 6.51 -1.49 6.17
N LEU A 9 6.71 -0.56 7.10
CA LEU A 9 5.79 0.57 7.26
C LEU A 9 5.73 1.38 5.96
N VAL A 10 6.89 1.78 5.46
CA VAL A 10 6.95 2.57 4.24
C VAL A 10 6.65 1.68 3.02
N PHE A 11 7.39 0.59 2.89
CA PHE A 11 7.18 -0.33 1.78
C PHE A 11 5.72 -0.75 1.69
N GLY A 12 4.97 -0.45 2.75
CA GLY A 12 3.55 -0.79 2.78
C GLY A 12 2.68 0.44 2.53
N GLU A 13 3.09 1.56 3.09
CA GLU A 13 2.34 2.80 2.92
C GLU A 13 2.22 3.17 1.45
N SER A 14 3.34 3.55 0.83
CA SER A 14 3.35 3.93 -0.57
C SER A 14 2.69 2.87 -1.43
N LEU A 15 2.75 1.62 -0.98
CA LEU A 15 2.16 0.52 -1.74
C LEU A 15 0.67 0.40 -1.43
N LEU A 16 0.32 0.47 -0.16
CA LEU A 16 -1.07 0.36 0.25
C LEU A 16 -1.76 1.73 0.22
N ASN A 17 -1.01 2.74 -0.20
CA ASN A 17 -1.55 4.09 -0.28
C ASN A 17 -2.62 4.17 -1.36
N ASP A 18 -2.22 3.94 -2.60
CA ASP A 18 -3.15 3.98 -3.72
C ASP A 18 -4.35 3.08 -3.45
N ALA A 19 -4.14 2.07 -2.61
CA ALA A 19 -5.20 1.13 -2.28
C ALA A 19 -6.04 1.67 -1.13
N VAL A 20 -5.38 2.04 -0.04
CA VAL A 20 -6.08 2.57 1.12
C VAL A 20 -7.07 3.65 0.71
N THR A 21 -6.76 4.35 -0.37
CA THR A 21 -7.63 5.41 -0.87
C THR A 21 -8.99 4.83 -1.25
N VAL A 22 -9.02 4.02 -2.30
CA VAL A 22 -10.26 3.41 -2.74
C VAL A 22 -11.00 2.77 -1.57
N VAL A 23 -10.24 2.42 -0.53
CA VAL A 23 -10.83 1.79 0.64
C VAL A 23 -11.21 2.85 1.68
N LEU A 24 -10.55 4.01 1.61
CA LEU A 24 -10.83 5.10 2.53
C LEU A 24 -11.90 6.02 1.96
N TYR A 25 -12.01 6.06 0.64
CA TYR A 25 -12.99 6.91 -0.02
C TYR A 25 -14.31 6.16 -0.21
N LYS A 26 -14.25 5.01 -0.89
CA LYS A 26 -15.43 4.22 -1.14
C LYS A 26 -16.03 3.71 0.16
N LYS A 27 -15.39 4.06 1.27
CA LYS A 27 -15.87 3.63 2.58
C LYS A 27 -16.60 4.77 3.29
N HIS A 1 -12.45 -14.13 6.64
CA HIS A 1 -12.30 -13.08 5.58
C HIS A 1 -11.22 -12.09 6.01
N ILE A 2 -10.33 -12.54 6.89
CA ILE A 2 -9.26 -11.68 7.38
C ILE A 2 -7.94 -12.02 6.68
N ASN A 3 -7.75 -13.30 6.40
CA ASN A 3 -6.53 -13.75 5.74
C ASN A 3 -6.43 -13.15 4.34
N GLU A 4 -7.52 -12.56 3.88
CA GLU A 4 -7.55 -11.95 2.55
C GLU A 4 -7.00 -10.53 2.60
N LEU A 5 -7.54 -9.72 3.51
CA LEU A 5 -7.09 -8.35 3.66
C LEU A 5 -5.69 -8.30 4.26
N LEU A 6 -5.14 -9.48 4.55
CA LEU A 6 -3.80 -9.56 5.12
C LEU A 6 -2.74 -9.47 4.04
N HIS A 7 -3.19 -9.41 2.78
CA HIS A 7 -2.26 -9.32 1.66
C HIS A 7 -1.85 -7.87 1.44
N ILE A 8 -2.82 -6.97 1.49
CA ILE A 8 -2.54 -5.55 1.30
C ILE A 8 -1.87 -4.97 2.54
N LEU A 9 -1.68 -5.80 3.55
CA LEU A 9 -1.04 -5.36 4.78
C LEU A 9 0.46 -5.56 4.72
N VAL A 10 0.94 -6.13 3.61
CA VAL A 10 2.36 -6.36 3.44
C VAL A 10 3.04 -5.17 2.78
N PHE A 11 2.86 -5.03 1.47
CA PHE A 11 3.45 -3.92 0.73
C PHE A 11 2.66 -2.65 0.95
N GLY A 12 1.59 -2.74 1.73
CA GLY A 12 0.76 -1.57 2.01
C GLY A 12 1.51 -0.56 2.87
N GLU A 13 2.79 -0.37 2.58
CA GLU A 13 3.60 0.58 3.34
C GLU A 13 3.60 1.94 2.66
N SER A 14 4.35 2.06 1.57
CA SER A 14 4.43 3.31 0.84
C SER A 14 3.20 3.50 -0.04
N LEU A 15 2.82 2.44 -0.75
CA LEU A 15 1.65 2.50 -1.62
C LEU A 15 0.37 2.55 -0.79
N LEU A 16 0.55 2.52 0.53
CA LEU A 16 -0.59 2.57 1.45
C LEU A 16 -1.65 3.52 0.94
N ASN A 17 -1.22 4.68 0.44
CA ASN A 17 -2.14 5.68 -0.08
C ASN A 17 -2.92 5.13 -1.26
N ASP A 18 -2.21 4.45 -2.16
CA ASP A 18 -2.83 3.87 -3.35
C ASP A 18 -3.28 2.44 -3.07
N ALA A 19 -3.00 1.97 -1.85
CA ALA A 19 -3.38 0.61 -1.47
C ALA A 19 -4.83 0.57 -0.98
N VAL A 20 -5.10 1.28 0.11
CA VAL A 20 -6.46 1.32 0.66
C VAL A 20 -7.47 1.63 -0.44
N THR A 21 -6.98 2.04 -1.60
CA THR A 21 -7.85 2.38 -2.72
C THR A 21 -8.22 1.11 -3.50
N VAL A 22 -7.20 0.31 -3.82
CA VAL A 22 -7.43 -0.92 -4.57
C VAL A 22 -8.36 -1.86 -3.80
N VAL A 23 -8.39 -1.71 -2.48
CA VAL A 23 -9.24 -2.54 -1.65
C VAL A 23 -10.57 -1.86 -1.38
N LEU A 24 -10.75 -0.67 -1.96
CA LEU A 24 -11.97 0.09 -1.78
C LEU A 24 -13.00 -0.27 -2.86
N TYR A 25 -12.72 0.16 -4.08
CA TYR A 25 -13.62 -0.11 -5.20
C TYR A 25 -13.25 -1.42 -5.90
N LYS A 26 -11.96 -1.70 -6.00
CA LYS A 26 -11.49 -2.92 -6.64
C LYS A 26 -11.76 -4.13 -5.75
N LYS A 27 -12.37 -3.89 -4.60
CA LYS A 27 -12.68 -4.97 -3.67
C LYS A 27 -14.07 -5.54 -3.96
N HIS A 1 -12.27 -9.02 11.19
CA HIS A 1 -10.79 -9.07 11.35
C HIS A 1 -10.14 -8.04 10.43
N ILE A 2 -8.83 -7.85 10.59
CA ILE A 2 -8.11 -6.88 9.78
C ILE A 2 -6.69 -7.38 9.50
N ASN A 3 -6.43 -8.64 9.83
CA ASN A 3 -5.12 -9.23 9.62
C ASN A 3 -5.04 -9.86 8.23
N GLU A 4 -6.07 -10.61 7.87
CA GLU A 4 -6.12 -11.28 6.58
C GLU A 4 -5.55 -10.37 5.49
N LEU A 5 -5.91 -9.10 5.54
CA LEU A 5 -5.45 -8.12 4.56
C LEU A 5 -3.92 -8.02 4.57
N LEU A 6 -3.27 -8.84 5.40
CA LEU A 6 -1.81 -8.85 5.51
C LEU A 6 -1.16 -8.58 4.16
N HIS A 7 -1.66 -9.25 3.13
CA HIS A 7 -1.12 -9.09 1.78
C HIS A 7 -1.10 -7.62 1.38
N ILE A 8 -2.29 -7.08 1.11
CA ILE A 8 -2.42 -5.69 0.69
C ILE A 8 -1.93 -4.73 1.78
N LEU A 9 -1.37 -5.30 2.86
CA LEU A 9 -0.88 -4.47 3.96
C LEU A 9 0.60 -4.12 3.79
N VAL A 10 1.44 -5.13 3.67
CA VAL A 10 2.89 -4.90 3.53
C VAL A 10 3.31 -4.74 2.08
N PHE A 11 2.66 -5.47 1.18
CA PHE A 11 3.00 -5.38 -0.24
C PHE A 11 3.17 -3.91 -0.64
N GLY A 12 2.64 -3.03 0.19
CA GLY A 12 2.72 -1.59 -0.07
C GLY A 12 2.57 -0.80 1.23
N GLU A 13 3.15 -1.33 2.31
CA GLU A 13 3.07 -0.65 3.61
C GLU A 13 3.23 0.86 3.45
N SER A 14 4.10 1.27 2.54
CA SER A 14 4.34 2.69 2.32
C SER A 14 3.42 3.22 1.22
N LEU A 15 2.90 2.31 0.40
CA LEU A 15 2.02 2.70 -0.68
C LEU A 15 0.55 2.60 -0.25
N LEU A 16 0.35 2.31 1.03
CA LEU A 16 -1.00 2.18 1.57
C LEU A 16 -1.92 3.28 1.05
N ASN A 17 -1.32 4.34 0.51
CA ASN A 17 -2.10 5.46 -0.02
C ASN A 17 -2.94 5.02 -1.21
N ASP A 18 -2.31 4.28 -2.13
CA ASP A 18 -3.00 3.80 -3.32
C ASP A 18 -3.63 2.44 -3.06
N ALA A 19 -3.34 1.86 -1.90
CA ALA A 19 -3.87 0.56 -1.54
C ALA A 19 -5.20 0.71 -0.80
N VAL A 20 -5.25 1.66 0.12
CA VAL A 20 -6.47 1.90 0.90
C VAL A 20 -7.70 1.80 0.00
N THR A 21 -7.50 2.04 -1.29
CA THR A 21 -8.61 1.97 -2.24
C THR A 21 -8.72 0.56 -2.82
N VAL A 22 -7.59 -0.03 -3.17
CA VAL A 22 -7.57 -1.36 -3.75
C VAL A 22 -8.34 -2.34 -2.86
N VAL A 23 -8.28 -2.14 -1.57
CA VAL A 23 -8.98 -3.02 -0.63
C VAL A 23 -10.31 -2.43 -0.21
N LEU A 24 -10.68 -1.28 -0.78
CA LEU A 24 -11.93 -0.63 -0.44
C LEU A 24 -13.10 -1.26 -1.20
N TYR A 25 -13.36 -0.75 -2.40
CA TYR A 25 -14.45 -1.28 -3.22
C TYR A 25 -13.93 -2.31 -4.21
N LYS A 26 -12.63 -2.22 -4.50
CA LYS A 26 -12.01 -3.15 -5.44
C LYS A 26 -12.03 -4.57 -4.88
N LYS A 27 -11.30 -4.79 -3.79
CA LYS A 27 -11.24 -6.11 -3.17
C LYS A 27 -10.61 -6.02 -1.78
N HIS A 1 16.94 -10.00 12.71
CA HIS A 1 16.96 -8.59 13.19
C HIS A 1 17.82 -7.75 12.26
N ILE A 2 17.18 -7.14 11.26
CA ILE A 2 17.90 -6.30 10.30
C ILE A 2 17.67 -4.83 10.60
N ASN A 3 18.61 -3.99 10.19
CA ASN A 3 18.49 -2.55 10.43
C ASN A 3 17.57 -1.91 9.39
N GLU A 4 17.52 -2.52 8.21
CA GLU A 4 16.67 -2.00 7.13
C GLU A 4 15.22 -2.39 7.36
N LEU A 5 14.96 -3.06 8.47
CA LEU A 5 13.59 -3.49 8.80
C LEU A 5 12.63 -2.32 8.73
N LEU A 6 13.17 -1.12 8.55
CA LEU A 6 12.32 0.08 8.46
C LEU A 6 11.99 0.38 7.00
N HIS A 7 12.70 -0.28 6.09
CA HIS A 7 12.49 -0.07 4.67
C HIS A 7 11.40 -1.02 4.16
N ILE A 8 11.43 -2.25 4.64
CA ILE A 8 10.44 -3.25 4.22
C ILE A 8 9.04 -2.85 4.69
N LEU A 9 8.97 -1.82 5.53
CA LEU A 9 7.70 -1.34 6.05
C LEU A 9 7.12 -0.26 5.15
N VAL A 10 7.98 0.62 4.66
CA VAL A 10 7.54 1.69 3.78
C VAL A 10 6.81 1.13 2.56
N PHE A 11 7.27 -0.01 2.08
CA PHE A 11 6.65 -0.62 0.92
C PHE A 11 5.13 -0.57 1.04
N GLY A 12 4.64 -0.70 2.27
CA GLY A 12 3.21 -0.65 2.52
C GLY A 12 2.71 0.78 2.56
N GLU A 13 3.29 1.59 3.44
CA GLU A 13 2.90 2.98 3.56
C GLU A 13 2.95 3.68 2.20
N SER A 14 3.70 3.11 1.27
CA SER A 14 3.83 3.69 -0.05
C SER A 14 2.78 3.11 -1.01
N LEU A 15 2.72 1.78 -1.09
CA LEU A 15 1.75 1.13 -1.96
C LEU A 15 0.39 1.04 -1.29
N LEU A 16 0.37 0.55 -0.05
CA LEU A 16 -0.87 0.41 0.68
C LEU A 16 -1.69 1.69 0.60
N ASN A 17 -1.00 2.82 0.44
CA ASN A 17 -1.68 4.11 0.34
C ASN A 17 -2.37 4.26 -1.01
N ASP A 18 -2.05 3.34 -1.92
CA ASP A 18 -2.65 3.38 -3.26
C ASP A 18 -3.94 2.58 -3.30
N ALA A 19 -4.03 1.58 -2.42
CA ALA A 19 -5.21 0.73 -2.36
C ALA A 19 -6.21 1.27 -1.34
N VAL A 20 -5.68 1.73 -0.20
CA VAL A 20 -6.54 2.26 0.86
C VAL A 20 -7.36 3.44 0.35
N THR A 21 -6.81 4.18 -0.60
CA THR A 21 -7.50 5.33 -1.16
C THR A 21 -8.53 4.89 -2.20
N VAL A 22 -8.29 3.72 -2.80
CA VAL A 22 -9.21 3.20 -3.81
C VAL A 22 -10.52 2.79 -3.16
N VAL A 23 -10.45 2.31 -1.93
CA VAL A 23 -11.65 1.88 -1.21
C VAL A 23 -12.27 3.06 -0.46
N LEU A 24 -11.51 4.14 -0.35
CA LEU A 24 -12.00 5.34 0.34
C LEU A 24 -12.75 6.24 -0.64
N TYR A 25 -12.32 6.23 -1.89
CA TYR A 25 -12.95 7.04 -2.92
C TYR A 25 -14.15 6.32 -3.50
N LYS A 26 -14.08 4.99 -3.53
CA LYS A 26 -15.18 4.19 -4.06
C LYS A 26 -16.51 4.65 -3.46
N LYS A 27 -16.58 4.67 -2.14
CA LYS A 27 -17.81 5.10 -1.46
C LYS A 27 -19.01 4.35 -2.01
N HIS A 1 -2.83 7.43 -16.39
CA HIS A 1 -2.07 8.59 -15.83
C HIS A 1 -1.20 8.09 -14.68
N ILE A 2 -0.07 8.77 -14.48
CA ILE A 2 0.86 8.40 -13.41
C ILE A 2 1.09 9.59 -12.48
N ASN A 3 0.06 10.40 -12.28
CA ASN A 3 0.16 11.55 -11.41
C ASN A 3 0.10 11.14 -9.95
N GLU A 4 -1.01 10.52 -9.56
CA GLU A 4 -1.20 10.07 -8.19
C GLU A 4 -0.28 8.88 -7.88
N LEU A 5 0.20 8.23 -8.92
CA LEU A 5 1.09 7.09 -8.75
C LEU A 5 2.55 7.53 -8.77
N LEU A 6 2.77 8.84 -8.87
CA LEU A 6 4.13 9.38 -8.90
C LEU A 6 4.61 9.65 -7.48
N HIS A 7 3.84 10.41 -6.72
CA HIS A 7 4.22 10.74 -5.35
C HIS A 7 4.49 9.49 -4.55
N ILE A 8 3.98 8.36 -5.03
CA ILE A 8 4.19 7.08 -4.36
C ILE A 8 5.62 6.59 -4.57
N LEU A 9 6.10 6.69 -5.79
CA LEU A 9 7.45 6.26 -6.11
C LEU A 9 8.46 6.90 -5.16
N VAL A 10 7.99 7.85 -4.37
CA VAL A 10 8.86 8.53 -3.42
C VAL A 10 9.13 7.65 -2.21
N PHE A 11 8.10 7.42 -1.41
CA PHE A 11 8.23 6.58 -0.22
C PHE A 11 8.08 5.11 -0.57
N GLY A 12 6.89 4.75 -1.05
CA GLY A 12 6.60 3.37 -1.41
C GLY A 12 5.87 2.63 -0.30
N GLU A 13 6.25 2.93 0.94
CA GLU A 13 5.62 2.29 2.09
C GLU A 13 4.10 2.54 2.08
N SER A 14 3.66 3.38 1.16
CA SER A 14 2.24 3.70 1.05
C SER A 14 1.53 2.70 0.14
N LEU A 15 2.30 1.75 -0.39
CA LEU A 15 1.75 0.74 -1.28
C LEU A 15 0.42 0.21 -0.73
N LEU A 16 0.30 0.20 0.59
CA LEU A 16 -0.92 -0.28 1.23
C LEU A 16 -2.00 0.80 1.22
N ASN A 17 -1.57 2.06 1.24
CA ASN A 17 -2.50 3.18 1.23
C ASN A 17 -3.06 3.39 -0.18
N ASP A 18 -2.31 2.97 -1.18
CA ASP A 18 -2.74 3.12 -2.57
C ASP A 18 -4.01 2.31 -2.82
N ALA A 19 -4.49 1.64 -1.78
CA ALA A 19 -5.71 0.83 -1.90
C ALA A 19 -6.95 1.70 -1.72
N VAL A 20 -6.98 2.48 -0.65
CA VAL A 20 -8.12 3.35 -0.38
C VAL A 20 -8.25 4.42 -1.47
N THR A 21 -7.13 4.81 -2.06
CA THR A 21 -7.15 5.81 -3.12
C THR A 21 -8.00 5.33 -4.29
N VAL A 22 -8.10 4.01 -4.44
CA VAL A 22 -8.89 3.43 -5.51
C VAL A 22 -10.37 3.43 -5.15
N VAL A 23 -10.66 3.17 -3.87
CA VAL A 23 -12.03 3.14 -3.40
C VAL A 23 -12.65 4.52 -3.43
N LEU A 24 -11.81 5.54 -3.22
CA LEU A 24 -12.28 6.92 -3.23
C LEU A 24 -12.53 7.39 -4.66
N TYR A 25 -11.73 6.88 -5.59
CA TYR A 25 -11.87 7.25 -6.99
C TYR A 25 -13.21 6.77 -7.54
N LYS A 26 -13.59 5.54 -7.17
CA LYS A 26 -14.85 4.98 -7.63
C LYS A 26 -16.01 5.90 -7.30
N LYS A 27 -16.03 6.40 -6.07
CA LYS A 27 -17.09 7.30 -5.64
C LYS A 27 -16.90 8.69 -6.24
N HIS A 1 -5.79 -15.11 -10.81
CA HIS A 1 -6.45 -15.05 -9.46
C HIS A 1 -6.39 -13.63 -8.93
N ILE A 2 -7.01 -13.40 -7.77
CA ILE A 2 -7.02 -12.09 -7.16
C ILE A 2 -6.59 -12.17 -5.69
N ASN A 3 -6.03 -13.32 -5.32
CA ASN A 3 -5.58 -13.53 -3.95
C ASN A 3 -4.16 -13.00 -3.78
N GLU A 4 -3.22 -13.59 -4.49
CA GLU A 4 -1.82 -13.17 -4.40
C GLU A 4 -1.70 -11.68 -4.65
N LEU A 5 -2.80 -11.06 -5.06
CA LEU A 5 -2.80 -9.63 -5.34
C LEU A 5 -2.92 -8.83 -4.04
N LEU A 6 -3.33 -9.52 -2.98
CA LEU A 6 -3.48 -8.86 -1.68
C LEU A 6 -2.13 -8.73 -0.97
N HIS A 7 -1.09 -9.22 -1.64
CA HIS A 7 0.25 -9.15 -1.06
C HIS A 7 0.57 -7.72 -0.60
N ILE A 8 -0.28 -6.78 -0.99
CA ILE A 8 -0.08 -5.39 -0.61
C ILE A 8 -0.40 -5.18 0.87
N LEU A 9 -1.22 -6.07 1.42
CA LEU A 9 -1.59 -5.98 2.83
C LEU A 9 -0.42 -6.37 3.73
N VAL A 10 0.57 -7.03 3.13
CA VAL A 10 1.75 -7.45 3.89
C VAL A 10 2.54 -6.24 4.37
N PHE A 11 3.18 -5.55 3.43
CA PHE A 11 3.96 -4.37 3.78
C PHE A 11 3.09 -3.13 3.79
N GLY A 12 2.48 -2.82 2.65
CA GLY A 12 1.61 -1.65 2.53
C GLY A 12 2.18 -0.46 3.31
N GLU A 13 3.39 -0.07 2.97
CA GLU A 13 4.03 1.07 3.64
C GLU A 13 3.78 2.36 2.86
N SER A 14 4.32 2.42 1.65
CA SER A 14 4.16 3.60 0.81
C SER A 14 2.92 3.47 -0.06
N LEU A 15 2.87 2.40 -0.85
CA LEU A 15 1.73 2.18 -1.74
C LEU A 15 0.45 2.03 -0.95
N LEU A 16 0.55 2.12 0.37
CA LEU A 16 -0.61 2.01 1.24
C LEU A 16 -1.77 2.87 0.71
N ASN A 17 -1.54 4.18 0.67
CA ASN A 17 -2.56 5.10 0.18
C ASN A 17 -3.19 4.57 -1.10
N ASP A 18 -2.35 4.13 -2.02
CA ASP A 18 -2.84 3.60 -3.30
C ASP A 18 -3.54 2.26 -3.08
N ALA A 19 -3.32 1.66 -1.92
CA ALA A 19 -3.94 0.38 -1.60
C ALA A 19 -5.29 0.58 -0.90
N VAL A 20 -5.43 1.73 -0.26
CA VAL A 20 -6.67 2.05 0.44
C VAL A 20 -7.79 2.38 -0.54
N THR A 21 -7.41 2.82 -1.73
CA THR A 21 -8.39 3.17 -2.76
C THR A 21 -8.61 1.99 -3.70
N VAL A 22 -7.75 0.99 -3.60
CA VAL A 22 -7.86 -0.19 -4.46
C VAL A 22 -8.38 -1.39 -3.67
N VAL A 23 -7.54 -1.91 -2.77
CA VAL A 23 -7.91 -3.06 -1.97
C VAL A 23 -9.26 -2.83 -1.27
N LEU A 24 -9.67 -1.57 -1.21
CA LEU A 24 -10.93 -1.22 -0.56
C LEU A 24 -12.07 -1.24 -1.58
N TYR A 25 -11.90 -0.53 -2.69
CA TYR A 25 -12.92 -0.48 -3.72
C TYR A 25 -12.85 -1.71 -4.61
N LYS A 26 -11.83 -1.78 -5.45
CA LYS A 26 -11.65 -2.91 -6.35
C LYS A 26 -11.59 -4.21 -5.55
N LYS A 27 -10.89 -4.18 -4.43
CA LYS A 27 -10.76 -5.36 -3.59
C LYS A 27 -10.23 -6.54 -4.40
N HIS A 1 15.79 -7.09 9.37
CA HIS A 1 16.97 -6.20 9.40
C HIS A 1 16.51 -4.75 9.60
N ILE A 2 17.20 -4.04 10.48
CA ILE A 2 16.84 -2.65 10.76
C ILE A 2 17.44 -1.73 9.70
N ASN A 3 17.94 -2.32 8.62
CA ASN A 3 18.54 -1.56 7.54
C ASN A 3 17.48 -1.18 6.50
N GLU A 4 16.53 -2.07 6.28
CA GLU A 4 15.47 -1.81 5.32
C GLU A 4 14.26 -1.18 6.01
N LEU A 5 14.31 -1.10 7.33
CA LEU A 5 13.21 -0.51 8.09
C LEU A 5 12.84 0.84 7.49
N LEU A 6 13.69 1.35 6.61
CA LEU A 6 13.45 2.62 5.95
C LEU A 6 12.84 2.40 4.59
N HIS A 7 13.38 1.43 3.86
CA HIS A 7 12.89 1.11 2.52
C HIS A 7 11.65 0.23 2.60
N ILE A 8 11.86 -1.07 2.83
CA ILE A 8 10.75 -2.00 2.91
C ILE A 8 9.58 -1.39 3.67
N LEU A 9 9.81 -1.04 4.93
CA LEU A 9 8.77 -0.45 5.77
C LEU A 9 8.02 0.63 5.00
N VAL A 10 8.74 1.38 4.16
CA VAL A 10 8.12 2.44 3.38
C VAL A 10 7.61 1.91 2.04
N PHE A 11 8.52 1.31 1.27
CA PHE A 11 8.13 0.75 -0.03
C PHE A 11 6.82 -0.02 0.07
N GLY A 12 6.43 -0.35 1.29
CA GLY A 12 5.19 -1.08 1.51
C GLY A 12 4.07 -0.16 1.98
N GLU A 13 4.43 0.84 2.79
CA GLU A 13 3.43 1.78 3.29
C GLU A 13 2.93 2.68 2.17
N SER A 14 3.75 2.88 1.16
CA SER A 14 3.37 3.72 0.03
C SER A 14 2.36 3.01 -0.86
N LEU A 15 2.26 1.69 -0.69
CA LEU A 15 1.32 0.90 -1.48
C LEU A 15 -0.05 0.90 -0.82
N LEU A 16 -0.08 0.78 0.50
CA LEU A 16 -1.34 0.77 1.23
C LEU A 16 -1.97 2.16 1.24
N ASN A 17 -1.28 3.13 0.64
CA ASN A 17 -1.77 4.49 0.58
C ASN A 17 -2.61 4.70 -0.68
N ASP A 18 -2.07 4.29 -1.83
CA ASP A 18 -2.77 4.44 -3.09
C ASP A 18 -3.77 3.32 -3.28
N ALA A 19 -3.80 2.40 -2.32
CA ALA A 19 -4.72 1.27 -2.39
C ALA A 19 -6.02 1.57 -1.64
N VAL A 20 -5.88 1.99 -0.38
CA VAL A 20 -7.03 2.31 0.44
C VAL A 20 -7.96 3.27 -0.28
N THR A 21 -7.43 4.00 -1.25
CA THR A 21 -8.24 4.95 -2.02
C THR A 21 -8.79 4.29 -3.27
N VAL A 22 -8.49 3.01 -3.45
CA VAL A 22 -8.97 2.27 -4.62
C VAL A 22 -9.48 0.89 -4.23
N VAL A 23 -8.63 0.13 -3.55
CA VAL A 23 -9.01 -1.21 -3.12
C VAL A 23 -10.11 -1.15 -2.06
N LEU A 24 -10.52 0.06 -1.69
CA LEU A 24 -11.56 0.24 -0.69
C LEU A 24 -12.93 0.42 -1.34
N TYR A 25 -13.26 1.65 -1.71
CA TYR A 25 -14.54 1.93 -2.35
C TYR A 25 -14.43 1.97 -3.86
N LYS A 26 -13.46 2.73 -4.35
CA LYS A 26 -13.25 2.87 -5.79
C LYS A 26 -12.90 1.52 -6.43
N LYS A 27 -12.93 0.47 -5.60
CA LYS A 27 -12.63 -0.89 -6.08
C LYS A 27 -13.06 -1.08 -7.52
N HIS A 1 -9.87 -13.37 -6.51
CA HIS A 1 -8.75 -13.78 -5.62
C HIS A 1 -7.42 -13.45 -6.30
N ILE A 2 -7.10 -12.16 -6.36
CA ILE A 2 -5.86 -11.72 -6.99
C ILE A 2 -4.67 -12.04 -6.09
N ASN A 3 -3.53 -12.34 -6.71
CA ASN A 3 -2.32 -12.66 -5.95
C ASN A 3 -1.66 -11.38 -5.42
N GLU A 4 -2.19 -10.23 -5.85
CA GLU A 4 -1.65 -8.95 -5.41
C GLU A 4 -1.65 -8.85 -3.90
N LEU A 5 -2.24 -9.84 -3.24
CA LEU A 5 -2.30 -9.86 -1.78
C LEU A 5 -0.90 -9.93 -1.20
N LEU A 6 0.04 -10.48 -1.97
CA LEU A 6 1.42 -10.59 -1.52
C LEU A 6 2.21 -9.35 -1.92
N HIS A 7 1.76 -8.68 -2.98
CA HIS A 7 2.44 -7.48 -3.45
C HIS A 7 2.36 -6.38 -2.41
N ILE A 8 1.17 -5.81 -2.23
CA ILE A 8 0.98 -4.75 -1.25
C ILE A 8 1.65 -5.09 0.07
N LEU A 9 1.94 -6.38 0.26
CA LEU A 9 2.59 -6.83 1.48
C LEU A 9 4.08 -6.48 1.47
N VAL A 10 4.72 -6.70 0.32
CA VAL A 10 6.14 -6.40 0.19
C VAL A 10 6.45 -5.01 0.76
N PHE A 11 6.17 -3.98 -0.03
CA PHE A 11 6.43 -2.61 0.39
C PHE A 11 5.35 -2.14 1.36
N GLY A 12 4.10 -2.19 0.90
CA GLY A 12 2.97 -1.77 1.73
C GLY A 12 3.12 -0.31 2.17
N GLU A 13 3.99 -0.08 3.14
CA GLU A 13 4.23 1.27 3.64
C GLU A 13 4.24 2.29 2.50
N SER A 14 4.62 1.83 1.31
CA SER A 14 4.67 2.72 0.16
C SER A 14 3.27 3.01 -0.36
N LEU A 15 2.71 2.07 -1.11
CA LEU A 15 1.37 2.24 -1.67
C LEU A 15 0.32 2.20 -0.57
N LEU A 16 0.77 2.14 0.68
CA LEU A 16 -0.14 2.10 1.82
C LEU A 16 -1.35 3.00 1.59
N ASN A 17 -1.10 4.31 1.54
CA ASN A 17 -2.18 5.27 1.32
C ASN A 17 -2.93 4.95 0.03
N ASP A 18 -2.23 4.34 -0.92
CA ASP A 18 -2.84 3.98 -2.20
C ASP A 18 -3.42 2.57 -2.13
N ALA A 19 -3.29 1.93 -0.97
CA ALA A 19 -3.80 0.58 -0.80
C ALA A 19 -5.32 0.59 -0.77
N VAL A 20 -5.89 1.46 0.04
CA VAL A 20 -7.34 1.57 0.15
C VAL A 20 -7.96 1.78 -1.22
N THR A 21 -7.19 2.37 -2.13
CA THR A 21 -7.68 2.63 -3.48
C THR A 21 -7.31 1.47 -4.41
N VAL A 22 -6.02 1.18 -4.49
CA VAL A 22 -5.54 0.10 -5.35
C VAL A 22 -6.29 -1.19 -5.06
N VAL A 23 -6.42 -1.52 -3.79
CA VAL A 23 -7.11 -2.74 -3.38
C VAL A 23 -8.61 -2.64 -3.71
N LEU A 24 -9.09 -1.42 -3.89
CA LEU A 24 -10.49 -1.20 -4.20
C LEU A 24 -10.70 -1.00 -5.70
N TYR A 25 -10.14 0.10 -6.21
CA TYR A 25 -10.27 0.41 -7.64
C TYR A 25 -9.76 -0.73 -8.49
N LYS A 26 -8.44 -0.79 -8.67
CA LYS A 26 -7.82 -1.82 -9.48
C LYS A 26 -8.10 -3.21 -8.91
N LYS A 27 -8.45 -3.26 -7.63
CA LYS A 27 -8.73 -4.53 -6.99
C LYS A 27 -7.71 -5.59 -7.39
N HIS A 1 5.08 -5.24 17.24
CA HIS A 1 6.20 -4.57 17.97
C HIS A 1 6.24 -3.10 17.58
N ILE A 2 7.04 -2.32 18.29
CA ILE A 2 7.17 -0.90 18.02
C ILE A 2 8.62 -0.56 17.64
N ASN A 3 9.42 -1.59 17.44
CA ASN A 3 10.82 -1.39 17.08
C ASN A 3 10.99 -1.36 15.56
N GLU A 4 10.10 -2.07 14.86
CA GLU A 4 10.16 -2.11 13.41
C GLU A 4 9.27 -1.02 12.80
N LEU A 5 8.67 -0.20 13.68
CA LEU A 5 7.79 0.88 13.23
C LEU A 5 8.42 1.64 12.07
N LEU A 6 9.71 1.42 11.84
CA LEU A 6 10.41 2.08 10.75
C LEU A 6 10.39 1.20 9.51
N HIS A 7 10.48 -0.10 9.72
CA HIS A 7 10.46 -1.06 8.60
C HIS A 7 9.06 -1.62 8.38
N ILE A 8 8.64 -2.51 9.27
CA ILE A 8 7.32 -3.13 9.14
C ILE A 8 6.28 -2.12 8.70
N LEU A 9 6.37 -0.90 9.21
CA LEU A 9 5.41 0.14 8.85
C LEU A 9 5.66 0.65 7.43
N VAL A 10 6.89 1.04 7.16
CA VAL A 10 7.23 1.56 5.83
C VAL A 10 7.38 0.42 4.83
N PHE A 11 7.27 -0.81 5.31
CA PHE A 11 7.38 -1.97 4.45
C PHE A 11 6.47 -1.83 3.24
N GLY A 12 5.59 -0.83 3.29
CA GLY A 12 4.66 -0.59 2.20
C GLY A 12 3.60 0.42 2.60
N GLU A 13 4.01 1.43 3.38
CA GLU A 13 3.08 2.46 3.82
C GLU A 13 2.46 3.18 2.63
N SER A 14 3.25 3.38 1.59
CA SER A 14 2.77 4.05 0.39
C SER A 14 2.21 3.04 -0.60
N LEU A 15 2.42 1.76 -0.32
CA LEU A 15 1.93 0.70 -1.19
C LEU A 15 0.45 0.46 -0.96
N LEU A 16 0.03 0.56 0.29
CA LEU A 16 -1.37 0.35 0.64
C LEU A 16 -2.16 1.64 0.46
N ASN A 17 -1.48 2.70 0.04
CA ASN A 17 -2.14 3.98 -0.17
C ASN A 17 -3.02 3.94 -1.41
N ASP A 18 -2.39 3.91 -2.58
CA ASP A 18 -3.14 3.86 -3.83
C ASP A 18 -4.26 2.83 -3.75
N ALA A 19 -4.16 1.93 -2.78
CA ALA A 19 -5.17 0.90 -2.60
C ALA A 19 -6.21 1.34 -1.57
N VAL A 20 -5.75 2.10 -0.59
CA VAL A 20 -6.64 2.60 0.46
C VAL A 20 -7.23 3.94 0.07
N THR A 21 -6.72 4.52 -1.01
CA THR A 21 -7.22 5.80 -1.49
C THR A 21 -8.39 5.62 -2.44
N VAL A 22 -8.52 4.41 -2.98
CA VAL A 22 -9.60 4.12 -3.90
C VAL A 22 -10.94 4.03 -3.17
N VAL A 23 -10.87 3.94 -1.84
CA VAL A 23 -12.08 3.85 -1.03
C VAL A 23 -12.50 5.22 -0.52
N LEU A 24 -11.56 6.16 -0.54
CA LEU A 24 -11.85 7.51 -0.05
C LEU A 24 -12.99 8.14 -0.85
N TYR A 25 -12.67 8.75 -1.98
CA TYR A 25 -13.67 9.38 -2.82
C TYR A 25 -14.13 8.43 -3.92
N LYS A 26 -13.18 7.86 -4.65
CA LYS A 26 -13.50 6.94 -5.72
C LYS A 26 -14.63 6.00 -5.31
N LYS A 27 -14.41 5.25 -4.24
CA LYS A 27 -15.41 4.31 -3.75
C LYS A 27 -15.86 3.37 -4.86
N HIS A 1 14.24 -9.52 6.80
CA HIS A 1 14.17 -10.30 5.52
C HIS A 1 15.46 -10.10 4.73
N ILE A 2 15.35 -10.17 3.41
CA ILE A 2 16.52 -9.99 2.55
C ILE A 2 16.59 -8.56 2.03
N ASN A 3 17.62 -8.27 1.24
CA ASN A 3 17.79 -6.94 0.68
C ASN A 3 17.11 -6.84 -0.67
N GLU A 4 16.90 -7.98 -1.32
CA GLU A 4 16.26 -8.00 -2.62
C GLU A 4 15.07 -7.04 -2.65
N LEU A 5 14.50 -6.78 -1.48
CA LEU A 5 13.36 -5.87 -1.37
C LEU A 5 13.76 -4.46 -1.78
N LEU A 6 15.07 -4.22 -1.88
CA LEU A 6 15.56 -2.90 -2.26
C LEU A 6 14.72 -2.31 -3.39
N HIS A 7 14.04 -3.18 -4.13
CA HIS A 7 13.21 -2.73 -5.24
C HIS A 7 11.83 -2.33 -4.75
N ILE A 8 11.26 -3.15 -3.87
CA ILE A 8 9.94 -2.90 -3.32
C ILE A 8 10.01 -2.02 -2.09
N LEU A 9 11.20 -1.97 -1.47
CA LEU A 9 11.39 -1.15 -0.28
C LEU A 9 11.09 0.32 -0.57
N VAL A 10 11.18 0.69 -1.84
CA VAL A 10 10.92 2.06 -2.24
C VAL A 10 9.72 2.63 -1.49
N PHE A 11 8.55 2.03 -1.72
CA PHE A 11 7.34 2.46 -1.05
C PHE A 11 7.14 1.73 0.27
N GLY A 12 6.80 0.45 0.17
CA GLY A 12 6.59 -0.37 1.37
C GLY A 12 5.25 -0.04 2.02
N GLU A 13 5.18 1.12 2.66
CA GLU A 13 3.95 1.54 3.33
C GLU A 13 3.06 2.33 2.37
N SER A 14 3.69 3.14 1.52
CA SER A 14 2.95 3.95 0.56
C SER A 14 2.02 3.07 -0.26
N LEU A 15 2.52 1.92 -0.69
CA LEU A 15 1.73 1.00 -1.49
C LEU A 15 0.31 0.89 -0.93
N LEU A 16 0.19 1.13 0.37
CA LEU A 16 -1.11 1.06 1.02
C LEU A 16 -1.95 2.30 0.71
N ASN A 17 -1.33 3.47 0.86
CA ASN A 17 -2.02 4.72 0.58
C ASN A 17 -2.55 4.74 -0.85
N ASP A 18 -1.98 3.89 -1.70
CA ASP A 18 -2.40 3.82 -3.09
C ASP A 18 -3.52 2.79 -3.26
N ALA A 19 -3.53 1.78 -2.40
CA ALA A 19 -4.55 0.74 -2.46
C ALA A 19 -5.75 1.12 -1.61
N VAL A 20 -5.48 1.61 -0.40
CA VAL A 20 -6.55 2.01 0.51
C VAL A 20 -7.53 2.94 -0.19
N THR A 21 -7.11 3.48 -1.32
CA THR A 21 -7.96 4.39 -2.08
C THR A 21 -8.88 3.62 -3.01
N VAL A 22 -8.28 2.80 -3.88
CA VAL A 22 -9.06 2.00 -4.82
C VAL A 22 -10.08 1.15 -4.09
N VAL A 23 -9.80 0.85 -2.82
CA VAL A 23 -10.72 0.04 -2.01
C VAL A 23 -11.71 0.93 -1.28
N LEU A 24 -11.44 2.23 -1.25
CA LEU A 24 -12.32 3.17 -0.59
C LEU A 24 -13.36 3.71 -1.56
N TYR A 25 -12.99 3.79 -2.83
CA TYR A 25 -13.90 4.28 -3.85
C TYR A 25 -14.76 3.14 -4.40
N LYS A 26 -14.14 1.98 -4.57
CA LYS A 26 -14.85 0.81 -5.08
C LYS A 26 -15.90 0.35 -4.08
N LYS A 27 -15.53 0.34 -2.80
CA LYS A 27 -16.44 -0.09 -1.75
C LYS A 27 -16.98 1.12 -1.00
N HIS A 1 -0.95 -20.58 1.84
CA HIS A 1 -1.84 -19.80 0.93
C HIS A 1 -0.99 -19.01 -0.05
N ILE A 2 -1.62 -18.08 -0.76
CA ILE A 2 -0.90 -17.26 -1.74
C ILE A 2 -0.53 -15.92 -1.12
N ASN A 3 0.70 -15.48 -1.39
CA ASN A 3 1.17 -14.21 -0.84
C ASN A 3 0.91 -13.05 -1.80
N GLU A 4 0.79 -13.38 -3.09
CA GLU A 4 0.54 -12.37 -4.11
C GLU A 4 -0.63 -11.47 -3.70
N LEU A 5 -1.55 -12.03 -2.92
CA LEU A 5 -2.71 -11.25 -2.48
C LEU A 5 -2.34 -10.38 -1.28
N LEU A 6 -1.40 -10.86 -0.48
CA LEU A 6 -0.95 -10.12 0.69
C LEU A 6 0.25 -9.25 0.34
N HIS A 7 0.52 -9.10 -0.95
CA HIS A 7 1.64 -8.29 -1.41
C HIS A 7 1.81 -7.05 -0.55
N ILE A 8 0.72 -6.60 0.07
CA ILE A 8 0.78 -5.41 0.92
C ILE A 8 1.73 -5.64 2.08
N LEU A 9 2.08 -6.89 2.32
CA LEU A 9 2.99 -7.24 3.39
C LEU A 9 4.38 -6.69 3.12
N VAL A 10 4.98 -7.11 2.01
CA VAL A 10 6.31 -6.64 1.64
C VAL A 10 6.45 -5.15 1.88
N PHE A 11 5.95 -4.35 0.93
CA PHE A 11 6.03 -2.90 1.05
C PHE A 11 4.79 -2.36 1.76
N GLY A 12 3.70 -2.21 1.00
CA GLY A 12 2.46 -1.70 1.57
C GLY A 12 2.63 -0.27 2.09
N GLU A 13 3.39 -0.14 3.18
CA GLU A 13 3.63 1.18 3.77
C GLU A 13 3.94 2.21 2.69
N SER A 14 4.29 1.73 1.51
CA SER A 14 4.62 2.63 0.40
C SER A 14 3.36 3.06 -0.35
N LEU A 15 2.68 2.08 -0.95
CA LEU A 15 1.45 2.36 -1.70
C LEU A 15 0.25 2.42 -0.77
N LEU A 16 0.48 2.22 0.53
CA LEU A 16 -0.61 2.24 1.51
C LEU A 16 -1.61 3.34 1.17
N ASN A 17 -1.13 4.42 0.56
CA ASN A 17 -2.00 5.53 0.20
C ASN A 17 -2.91 5.14 -0.95
N ASP A 18 -2.32 4.60 -2.01
CA ASP A 18 -3.09 4.17 -3.18
C ASP A 18 -3.62 2.76 -2.98
N ALA A 19 -3.35 2.19 -1.82
CA ALA A 19 -3.80 0.84 -1.51
C ALA A 19 -5.16 0.88 -0.82
N VAL A 20 -5.37 1.89 0.01
CA VAL A 20 -6.63 2.04 0.72
C VAL A 20 -7.82 1.83 -0.21
N THR A 21 -7.61 2.11 -1.49
CA THR A 21 -8.66 1.95 -2.49
C THR A 21 -8.65 0.55 -3.06
N VAL A 22 -7.52 -0.14 -2.92
CA VAL A 22 -7.38 -1.50 -3.42
C VAL A 22 -7.78 -2.50 -2.35
N VAL A 23 -6.92 -2.64 -1.35
CA VAL A 23 -7.18 -3.58 -0.26
C VAL A 23 -8.62 -3.44 0.24
N LEU A 24 -9.25 -2.32 -0.12
CA LEU A 24 -10.62 -2.07 0.29
C LEU A 24 -11.47 -3.33 0.11
N TYR A 25 -11.83 -3.62 -1.13
CA TYR A 25 -12.64 -4.80 -1.42
C TYR A 25 -11.75 -6.00 -1.73
N LYS A 26 -10.68 -5.76 -2.49
CA LYS A 26 -9.76 -6.82 -2.84
C LYS A 26 -9.39 -7.66 -1.62
N LYS A 27 -9.32 -7.01 -0.46
CA LYS A 27 -8.98 -7.69 0.77
C LYS A 27 -7.83 -8.67 0.54
N HIS A 1 -4.65 -15.36 2.09
CA HIS A 1 -3.87 -16.12 1.07
C HIS A 1 -2.42 -15.63 1.07
N ILE A 2 -1.49 -16.57 1.19
CA ILE A 2 -0.06 -16.23 1.21
C ILE A 2 0.43 -15.96 -0.20
N ASN A 3 -0.49 -15.93 -1.16
CA ASN A 3 -0.12 -15.68 -2.55
C ASN A 3 -0.12 -14.19 -2.84
N GLU A 4 -0.82 -13.42 -2.00
CA GLU A 4 -0.90 -11.99 -2.17
C GLU A 4 0.49 -11.38 -2.33
N LEU A 5 1.51 -12.19 -2.10
CA LEU A 5 2.89 -11.73 -2.22
C LEU A 5 3.07 -10.89 -3.49
N LEU A 6 2.30 -11.23 -4.53
CA LEU A 6 2.40 -10.52 -5.79
C LEU A 6 1.29 -9.47 -5.92
N HIS A 7 0.39 -9.45 -4.95
CA HIS A 7 -0.72 -8.49 -4.98
C HIS A 7 -0.35 -7.20 -4.28
N ILE A 8 -0.63 -7.12 -2.98
CA ILE A 8 -0.33 -5.92 -2.20
C ILE A 8 0.98 -6.06 -1.43
N LEU A 9 1.22 -7.24 -0.87
CA LEU A 9 2.44 -7.47 -0.11
C LEU A 9 3.66 -7.05 -0.91
N VAL A 10 3.45 -6.76 -2.20
CA VAL A 10 4.54 -6.36 -3.07
C VAL A 10 5.29 -5.18 -2.46
N PHE A 11 4.57 -4.09 -2.20
CA PHE A 11 5.17 -2.91 -1.61
C PHE A 11 5.17 -3.00 -0.08
N GLY A 12 4.01 -2.77 0.51
CA GLY A 12 3.88 -2.84 1.97
C GLY A 12 3.13 -1.63 2.50
N GLU A 13 3.84 -0.80 3.28
CA GLU A 13 3.24 0.39 3.85
C GLU A 13 3.44 1.60 2.93
N SER A 14 4.04 1.35 1.78
CA SER A 14 4.29 2.42 0.82
C SER A 14 3.00 2.87 0.16
N LEU A 15 2.51 2.07 -0.79
CA LEU A 15 1.28 2.40 -1.50
C LEU A 15 0.08 2.38 -0.55
N LEU A 16 0.34 2.20 0.73
CA LEU A 16 -0.74 2.15 1.73
C LEU A 16 -1.79 3.22 1.42
N ASN A 17 -1.37 4.26 0.71
CA ASN A 17 -2.29 5.34 0.35
C ASN A 17 -2.97 5.05 -0.99
N ASP A 18 -2.21 4.45 -1.91
CA ASP A 18 -2.73 4.12 -3.22
C ASP A 18 -3.41 2.76 -3.20
N ALA A 19 -3.10 1.97 -2.17
CA ALA A 19 -3.68 0.64 -2.04
C ALA A 19 -5.01 0.71 -1.30
N VAL A 20 -5.02 1.46 -0.19
CA VAL A 20 -6.24 1.61 0.59
C VAL A 20 -7.37 2.16 -0.26
N THR A 21 -7.05 2.50 -1.51
CA THR A 21 -8.04 3.04 -2.43
C THR A 21 -8.66 1.92 -3.27
N VAL A 22 -7.82 0.98 -3.70
CA VAL A 22 -8.29 -0.13 -4.52
C VAL A 22 -8.50 -1.38 -3.66
N VAL A 23 -7.49 -1.71 -2.86
CA VAL A 23 -7.57 -2.89 -2.01
C VAL A 23 -8.72 -2.75 -1.01
N LEU A 24 -9.24 -1.54 -0.88
CA LEU A 24 -10.34 -1.29 0.04
C LEU A 24 -11.68 -1.31 -0.69
N TYR A 25 -11.79 -0.52 -1.76
CA TYR A 25 -13.01 -0.46 -2.54
C TYR A 25 -13.20 -1.70 -3.38
N LYS A 26 -12.30 -1.89 -4.35
CA LYS A 26 -12.37 -3.05 -5.23
C LYS A 26 -11.94 -4.32 -4.52
N LYS A 27 -10.99 -4.19 -3.61
CA LYS A 27 -10.50 -5.35 -2.86
C LYS A 27 -10.06 -6.45 -3.81
N HIS A 1 21.69 8.42 8.80
CA HIS A 1 20.91 7.86 7.65
C HIS A 1 19.64 8.67 7.49
N ILE A 2 19.58 9.48 6.43
CA ILE A 2 18.40 10.30 6.17
C ILE A 2 17.53 9.67 5.09
N ASN A 3 16.65 10.47 4.50
CA ASN A 3 15.76 9.97 3.46
C ASN A 3 16.55 9.45 2.26
N GLU A 4 17.88 9.46 2.37
CA GLU A 4 18.73 8.99 1.28
C GLU A 4 18.42 7.53 0.95
N LEU A 5 18.98 6.62 1.74
CA LEU A 5 18.75 5.20 1.53
C LEU A 5 17.39 4.80 2.09
N LEU A 6 16.82 5.66 2.93
CA LEU A 6 15.52 5.38 3.54
C LEU A 6 14.41 5.97 2.69
N HIS A 7 14.78 6.53 1.54
CA HIS A 7 13.80 7.13 0.62
C HIS A 7 12.53 6.28 0.57
N ILE A 8 12.66 5.01 0.90
CA ILE A 8 11.53 4.10 0.88
C ILE A 8 10.64 4.31 2.11
N LEU A 9 10.89 5.39 2.84
CA LEU A 9 10.12 5.69 4.05
C LEU A 9 8.64 5.32 3.87
N VAL A 10 7.87 6.23 3.29
CA VAL A 10 6.45 5.99 3.08
C VAL A 10 6.18 5.48 1.67
N PHE A 11 7.11 5.75 0.75
CA PHE A 11 6.95 5.32 -0.63
C PHE A 11 6.79 3.81 -0.71
N GLY A 12 7.07 3.13 0.40
CA GLY A 12 6.96 1.68 0.45
C GLY A 12 5.79 1.26 1.34
N GLU A 13 5.38 2.15 2.22
CA GLU A 13 4.27 1.87 3.13
C GLU A 13 2.94 2.30 2.51
N SER A 14 3.03 3.16 1.50
CA SER A 14 1.82 3.65 0.82
C SER A 14 1.35 2.63 -0.22
N LEU A 15 2.19 1.63 -0.48
CA LEU A 15 1.85 0.61 -1.46
C LEU A 15 0.54 -0.09 -1.09
N LEU A 16 0.28 -0.17 0.21
CA LEU A 16 -0.94 -0.80 0.69
C LEU A 16 -2.12 0.16 0.60
N ASN A 17 -1.83 1.45 0.76
CA ASN A 17 -2.88 2.46 0.69
C ASN A 17 -3.34 2.66 -0.75
N ASP A 18 -2.58 2.11 -1.69
CA ASP A 18 -2.93 2.24 -3.10
C ASP A 18 -4.43 2.06 -3.30
N ALA A 19 -5.06 1.28 -2.42
CA ALA A 19 -6.49 1.04 -2.50
C ALA A 19 -7.25 2.07 -1.70
N VAL A 20 -6.64 2.52 -0.61
CA VAL A 20 -7.26 3.51 0.26
C VAL A 20 -7.40 4.85 -0.46
N THR A 21 -6.67 4.99 -1.56
CA THR A 21 -6.70 6.23 -2.33
C THR A 21 -7.75 6.14 -3.44
N VAL A 22 -7.49 5.28 -4.43
CA VAL A 22 -8.41 5.10 -5.55
C VAL A 22 -9.84 5.00 -5.05
N VAL A 23 -10.01 4.61 -3.78
CA VAL A 23 -11.34 4.48 -3.21
C VAL A 23 -11.80 5.80 -2.59
N LEU A 24 -10.84 6.59 -2.12
CA LEU A 24 -11.17 7.87 -1.51
C LEU A 24 -11.65 8.85 -2.57
N TYR A 25 -11.23 8.64 -3.81
CA TYR A 25 -11.64 9.52 -4.90
C TYR A 25 -13.14 9.41 -5.13
N LYS A 26 -13.65 8.18 -5.11
CA LYS A 26 -15.07 7.96 -5.32
C LYS A 26 -15.90 8.84 -4.39
N LYS A 27 -15.40 9.04 -3.17
CA LYS A 27 -16.09 9.86 -2.19
C LYS A 27 -16.16 11.31 -2.67
N HIS A 1 1.64 3.01 21.57
CA HIS A 1 2.94 2.37 21.20
C HIS A 1 3.70 3.27 20.24
N ILE A 2 5.00 3.05 20.12
CA ILE A 2 5.83 3.85 19.24
C ILE A 2 6.13 3.09 17.95
N ASN A 3 7.16 3.51 17.24
CA ASN A 3 7.54 2.86 15.98
C ASN A 3 7.91 1.40 16.23
N GLU A 4 7.76 0.95 17.47
CA GLU A 4 8.09 -0.43 17.81
C GLU A 4 7.04 -1.39 17.26
N LEU A 5 5.89 -1.46 17.93
CA LEU A 5 4.82 -2.34 17.50
C LEU A 5 4.09 -1.74 16.30
N LEU A 6 4.34 -0.46 16.03
CA LEU A 6 3.71 0.22 14.91
C LEU A 6 4.56 0.09 13.66
N HIS A 7 5.68 -0.62 13.77
CA HIS A 7 6.57 -0.81 12.64
C HIS A 7 5.80 -1.40 11.45
N ILE A 8 4.57 -1.83 11.71
CA ILE A 8 3.74 -2.41 10.67
C ILE A 8 3.39 -1.36 9.62
N LEU A 9 3.86 -0.13 9.84
CA LEU A 9 3.59 0.95 8.90
C LEU A 9 4.33 0.73 7.59
N VAL A 10 5.42 -0.05 7.65
CA VAL A 10 6.20 -0.33 6.46
C VAL A 10 5.47 -1.30 5.54
N PHE A 11 4.85 -2.32 6.13
CA PHE A 11 4.12 -3.31 5.37
C PHE A 11 3.05 -2.63 4.52
N GLY A 12 2.90 -1.32 4.71
CA GLY A 12 1.92 -0.56 3.95
C GLY A 12 2.22 0.94 4.01
N GLU A 13 3.50 1.28 3.82
CA GLU A 13 3.91 2.67 3.85
C GLU A 13 3.37 3.43 2.64
N SER A 14 4.15 3.43 1.56
CA SER A 14 3.73 4.11 0.34
C SER A 14 2.97 3.16 -0.57
N LEU A 15 2.84 1.91 -0.13
CA LEU A 15 2.12 0.90 -0.90
C LEU A 15 0.61 1.02 -0.68
N LEU A 16 0.22 1.16 0.57
CA LEU A 16 -1.20 1.28 0.92
C LEU A 16 -1.69 2.69 0.66
N ASN A 17 -0.80 3.54 0.13
CA ASN A 17 -1.15 4.93 -0.16
C ASN A 17 -2.56 5.03 -0.73
N ASP A 18 -2.68 4.90 -2.05
CA ASP A 18 -3.97 4.99 -2.71
C ASP A 18 -4.60 3.61 -2.88
N ALA A 19 -3.77 2.58 -2.86
CA ALA A 19 -4.25 1.21 -3.02
C ALA A 19 -5.49 0.98 -2.16
N VAL A 20 -5.55 1.66 -1.02
CA VAL A 20 -6.69 1.53 -0.11
C VAL A 20 -7.83 2.45 -0.54
N THR A 21 -7.48 3.50 -1.28
CA THR A 21 -8.49 4.45 -1.75
C THR A 21 -9.22 3.90 -2.97
N VAL A 22 -8.46 3.53 -3.99
CA VAL A 22 -9.06 2.99 -5.20
C VAL A 22 -10.09 1.91 -4.86
N VAL A 23 -10.05 1.45 -3.62
CA VAL A 23 -10.99 0.43 -3.17
C VAL A 23 -12.28 1.07 -2.69
N LEU A 24 -12.16 2.20 -2.01
CA LEU A 24 -13.32 2.92 -1.50
C LEU A 24 -13.74 4.03 -2.47
N TYR A 25 -12.83 4.39 -3.36
CA TYR A 25 -13.11 5.44 -4.34
C TYR A 25 -13.70 4.85 -5.61
N LYS A 26 -12.87 4.11 -6.35
CA LYS A 26 -13.33 3.51 -7.60
C LYS A 26 -14.26 2.33 -7.31
N LYS A 27 -13.72 1.31 -6.65
CA LYS A 27 -14.52 0.13 -6.33
C LYS A 27 -15.53 0.46 -5.23
N HIS A 1 -10.82 -14.14 6.69
CA HIS A 1 -9.67 -13.52 7.40
C HIS A 1 -9.12 -12.37 6.56
N ILE A 2 -8.70 -11.30 7.24
CA ILE A 2 -8.17 -10.14 6.55
C ILE A 2 -6.64 -10.16 6.57
N ASN A 3 -6.08 -11.32 6.93
CA ASN A 3 -4.63 -11.47 6.98
C ASN A 3 -4.09 -11.93 5.62
N GLU A 4 -4.70 -12.99 5.09
CA GLU A 4 -4.28 -13.53 3.80
C GLU A 4 -3.95 -12.41 2.82
N LEU A 5 -4.81 -11.40 2.78
CA LEU A 5 -4.62 -10.27 1.87
C LEU A 5 -3.32 -9.52 2.20
N LEU A 6 -2.56 -10.03 3.16
CA LEU A 6 -1.31 -9.39 3.56
C LEU A 6 -0.56 -8.89 2.32
N HIS A 7 -0.85 -9.48 1.17
CA HIS A 7 -0.20 -9.09 -0.07
C HIS A 7 -0.05 -7.57 -0.15
N ILE A 8 -1.07 -6.87 0.33
CA ILE A 8 -1.04 -5.41 0.32
C ILE A 8 -0.31 -4.88 1.55
N LEU A 9 -0.67 -5.41 2.72
CA LEU A 9 -0.04 -4.98 3.96
C LEU A 9 1.48 -5.04 3.84
N VAL A 10 1.96 -5.63 2.76
CA VAL A 10 3.39 -5.75 2.54
C VAL A 10 3.92 -4.53 1.78
N PHE A 11 3.66 -4.48 0.49
CA PHE A 11 4.12 -3.37 -0.34
C PHE A 11 3.19 -2.16 -0.17
N GLY A 12 2.11 -2.35 0.59
CA GLY A 12 1.15 -1.28 0.81
C GLY A 12 1.72 -0.25 1.80
N GLU A 13 2.35 -0.73 2.85
CA GLU A 13 2.92 0.16 3.86
C GLU A 13 3.61 1.35 3.20
N SER A 14 3.96 1.21 1.93
CA SER A 14 4.62 2.28 1.20
C SER A 14 3.62 3.13 0.41
N LEU A 15 3.02 2.54 -0.61
CA LEU A 15 2.06 3.26 -1.45
C LEU A 15 0.63 3.10 -0.91
N LEU A 16 0.52 2.73 0.37
CA LEU A 16 -0.80 2.54 0.99
C LEU A 16 -1.83 3.52 0.45
N ASN A 17 -1.37 4.69 0.03
CA ASN A 17 -2.27 5.71 -0.50
C ASN A 17 -3.14 5.12 -1.60
N ASP A 18 -2.50 4.49 -2.59
CA ASP A 18 -3.23 3.88 -3.70
C ASP A 18 -3.54 2.43 -3.40
N ALA A 19 -2.86 1.86 -2.40
CA ALA A 19 -3.07 0.47 -2.03
C ALA A 19 -4.26 0.34 -1.07
N VAL A 20 -4.23 1.11 0.00
CA VAL A 20 -5.31 1.07 0.99
C VAL A 20 -6.65 1.31 0.31
N THR A 21 -6.61 1.65 -0.98
CA THR A 21 -7.84 1.91 -1.72
C THR A 21 -8.35 0.62 -2.36
N VAL A 22 -7.43 -0.27 -2.69
CA VAL A 22 -7.81 -1.54 -3.29
C VAL A 22 -8.46 -2.47 -2.26
N VAL A 23 -8.07 -2.28 -1.00
CA VAL A 23 -8.62 -3.10 0.07
C VAL A 23 -9.85 -2.44 0.69
N LEU A 24 -10.17 -1.24 0.21
CA LEU A 24 -11.33 -0.51 0.72
C LEU A 24 -12.62 -1.08 0.15
N TYR A 25 -12.96 -0.67 -1.06
CA TYR A 25 -14.18 -1.15 -1.70
C TYR A 25 -13.89 -2.39 -2.54
N LYS A 26 -12.83 -2.32 -3.34
CA LYS A 26 -12.46 -3.45 -4.20
C LYS A 26 -12.50 -4.75 -3.40
N LYS A 27 -11.52 -4.92 -2.53
CA LYS A 27 -11.43 -6.13 -1.70
C LYS A 27 -11.44 -7.38 -2.59
N HIS A 1 16.29 -8.84 4.28
CA HIS A 1 15.00 -9.31 3.72
C HIS A 1 14.77 -10.76 4.12
N ILE A 2 13.73 -10.98 4.91
CA ILE A 2 13.40 -12.33 5.38
C ILE A 2 12.20 -12.89 4.60
N ASN A 3 11.30 -13.54 5.32
CA ASN A 3 10.11 -14.10 4.70
C ASN A 3 8.95 -13.12 4.74
N GLU A 4 9.20 -11.92 5.25
CA GLU A 4 8.17 -10.90 5.34
C GLU A 4 7.72 -10.49 3.94
N LEU A 5 8.32 -11.10 2.93
CA LEU A 5 7.97 -10.79 1.55
C LEU A 5 6.46 -10.63 1.40
N LEU A 6 5.71 -11.40 2.16
CA LEU A 6 4.25 -11.34 2.08
C LEU A 6 3.65 -10.58 3.27
N HIS A 7 4.51 -10.18 4.21
CA HIS A 7 4.03 -9.46 5.39
C HIS A 7 3.95 -7.96 5.13
N ILE A 8 5.07 -7.26 5.33
CA ILE A 8 5.10 -5.82 5.13
C ILE A 8 5.30 -5.47 3.65
N LEU A 9 6.08 -6.28 2.95
CA LEU A 9 6.34 -6.04 1.54
C LEU A 9 5.02 -5.90 0.78
N VAL A 10 3.91 -6.19 1.45
CA VAL A 10 2.60 -6.09 0.82
C VAL A 10 2.01 -4.71 1.04
N PHE A 11 1.50 -4.46 2.23
CA PHE A 11 0.90 -3.17 2.56
C PHE A 11 1.74 -2.04 1.98
N GLY A 12 3.04 -2.06 2.26
CA GLY A 12 3.94 -1.03 1.75
C GLY A 12 3.33 0.37 1.95
N GLU A 13 3.74 1.03 3.03
CA GLU A 13 3.24 2.37 3.31
C GLU A 13 3.15 3.20 2.04
N SER A 14 3.92 2.80 1.02
CA SER A 14 3.92 3.52 -0.24
C SER A 14 2.72 3.09 -1.10
N LEU A 15 2.49 1.79 -1.17
CA LEU A 15 1.38 1.27 -1.95
C LEU A 15 0.09 1.29 -1.13
N LEU A 16 0.21 1.06 0.16
CA LEU A 16 -0.95 1.05 1.05
C LEU A 16 -1.91 2.18 0.68
N ASN A 17 -1.37 3.38 0.51
CA ASN A 17 -2.18 4.53 0.15
C ASN A 17 -2.93 4.27 -1.15
N ASP A 18 -2.23 4.37 -2.26
CA ASP A 18 -2.84 4.14 -3.57
C ASP A 18 -3.76 2.92 -3.51
N ALA A 19 -3.50 2.04 -2.55
CA ALA A 19 -4.30 0.83 -2.39
C ALA A 19 -5.55 1.13 -1.56
N VAL A 20 -5.34 1.64 -0.36
CA VAL A 20 -6.45 1.98 0.54
C VAL A 20 -7.51 2.78 -0.21
N THR A 21 -7.13 3.32 -1.37
CA THR A 21 -8.06 4.10 -2.17
C THR A 21 -8.97 3.20 -3.00
N VAL A 22 -8.63 1.91 -3.02
CA VAL A 22 -9.41 0.94 -3.77
C VAL A 22 -9.51 -0.37 -3.00
N VAL A 23 -8.41 -0.75 -2.36
CA VAL A 23 -8.37 -1.98 -1.60
C VAL A 23 -9.30 -1.90 -0.39
N LEU A 24 -9.72 -0.68 -0.06
CA LEU A 24 -10.62 -0.49 1.08
C LEU A 24 -12.08 -0.43 0.63
N TYR A 25 -12.36 0.42 -0.35
CA TYR A 25 -13.72 0.56 -0.84
C TYR A 25 -14.10 -0.64 -1.72
N LYS A 26 -13.49 -0.71 -2.91
CA LYS A 26 -13.77 -1.79 -3.84
C LYS A 26 -13.26 -3.12 -3.30
N LYS A 27 -12.12 -3.08 -2.61
CA LYS A 27 -11.54 -4.29 -2.04
C LYS A 27 -11.37 -5.37 -3.12
N HIS A 1 -9.17 -7.08 19.17
CA HIS A 1 -8.03 -6.35 18.55
C HIS A 1 -8.41 -5.93 17.13
N ILE A 2 -7.61 -5.06 16.53
CA ILE A 2 -7.86 -4.58 15.19
C ILE A 2 -6.57 -4.35 14.43
N ASN A 3 -5.46 -4.81 15.01
CA ASN A 3 -4.15 -4.65 14.38
C ASN A 3 -4.00 -5.61 13.21
N GLU A 4 -4.94 -6.54 13.09
CA GLU A 4 -4.91 -7.52 12.01
C GLU A 4 -4.44 -6.87 10.70
N LEU A 5 -4.92 -5.67 10.44
CA LEU A 5 -4.55 -4.95 9.23
C LEU A 5 -3.03 -4.78 9.12
N LEU A 6 -2.31 -5.25 10.14
CA LEU A 6 -0.86 -5.13 10.15
C LEU A 6 -0.29 -5.64 8.82
N HIS A 7 -1.08 -6.45 8.12
CA HIS A 7 -0.64 -6.99 6.84
C HIS A 7 -0.59 -5.89 5.79
N ILE A 8 -1.74 -5.62 5.17
CA ILE A 8 -1.82 -4.59 4.15
C ILE A 8 -1.00 -3.37 4.56
N LEU A 9 -0.90 -3.14 5.86
CA LEU A 9 -0.15 -2.00 6.37
C LEU A 9 1.33 -2.12 6.00
N VAL A 10 2.06 -2.94 6.73
CA VAL A 10 3.47 -3.15 6.47
C VAL A 10 3.70 -3.64 5.05
N PHE A 11 2.95 -4.67 4.66
CA PHE A 11 3.08 -5.24 3.31
C PHE A 11 3.25 -4.12 2.28
N GLY A 12 2.82 -2.92 2.63
CA GLY A 12 2.93 -1.79 1.71
C GLY A 12 2.64 -0.48 2.43
N GLU A 13 3.30 -0.28 3.58
CA GLU A 13 3.11 0.94 4.37
C GLU A 13 3.00 2.15 3.45
N SER A 14 3.81 2.16 2.40
CA SER A 14 3.79 3.27 1.45
C SER A 14 2.82 3.00 0.31
N LEU A 15 3.14 1.99 -0.50
CA LEU A 15 2.27 1.63 -1.62
C LEU A 15 0.81 1.67 -1.20
N LEU A 16 0.57 1.52 0.09
CA LEU A 16 -0.80 1.54 0.61
C LEU A 16 -1.39 2.94 0.50
N ASN A 17 -0.55 3.95 0.71
CA ASN A 17 -1.00 5.33 0.63
C ASN A 17 -1.95 5.52 -0.54
N ASP A 18 -1.60 4.94 -1.68
CA ASP A 18 -2.44 5.05 -2.88
C ASP A 18 -3.43 3.89 -2.94
N ALA A 19 -3.11 2.80 -2.24
CA ALA A 19 -3.97 1.62 -2.23
C ALA A 19 -4.99 1.72 -1.10
N VAL A 20 -4.98 2.85 -0.38
CA VAL A 20 -5.90 3.05 0.72
C VAL A 20 -7.30 2.53 0.36
N THR A 21 -7.56 2.43 -0.94
CA THR A 21 -8.86 1.95 -1.40
C THR A 21 -9.16 0.58 -0.81
N VAL A 22 -8.11 -0.14 -0.43
CA VAL A 22 -8.27 -1.47 0.15
C VAL A 22 -8.83 -1.39 1.56
N VAL A 23 -8.49 -0.31 2.26
CA VAL A 23 -8.96 -0.12 3.62
C VAL A 23 -10.28 0.65 3.64
N LEU A 24 -10.79 0.97 2.46
CA LEU A 24 -12.05 1.71 2.35
C LEU A 24 -13.24 0.77 2.47
N TYR A 25 -13.52 0.05 1.39
CA TYR A 25 -14.66 -0.88 1.39
C TYR A 25 -14.49 -1.95 2.46
N LYS A 26 -13.24 -2.35 2.70
CA LYS A 26 -12.95 -3.37 3.70
C LYS A 26 -13.80 -3.14 4.95
N LYS A 27 -13.92 -1.88 5.36
CA LYS A 27 -14.70 -1.54 6.54
C LYS A 27 -16.16 -1.97 6.36
N HIS A 1 -3.35 -13.25 -12.79
CA HIS A 1 -1.96 -12.88 -12.39
C HIS A 1 -1.62 -13.54 -11.06
N ILE A 2 -0.34 -13.47 -10.70
CA ILE A 2 0.11 -14.06 -9.44
C ILE A 2 0.29 -12.99 -8.37
N ASN A 3 1.43 -13.03 -7.68
CA ASN A 3 1.71 -12.06 -6.64
C ASN A 3 2.26 -10.76 -7.24
N GLU A 4 2.83 -10.87 -8.42
CA GLU A 4 3.39 -9.71 -9.10
C GLU A 4 2.53 -8.48 -8.90
N LEU A 5 1.23 -8.61 -9.16
CA LEU A 5 0.31 -7.49 -9.01
C LEU A 5 0.01 -7.23 -7.54
N LEU A 6 -0.03 -8.31 -6.75
CA LEU A 6 -0.31 -8.19 -5.33
C LEU A 6 0.90 -7.63 -4.58
N HIS A 7 1.89 -7.16 -5.34
CA HIS A 7 3.11 -6.60 -4.75
C HIS A 7 2.78 -5.79 -3.49
N ILE A 8 1.55 -5.30 -3.43
CA ILE A 8 1.12 -4.51 -2.28
C ILE A 8 1.54 -5.20 -0.97
N LEU A 9 1.58 -6.53 -1.00
CA LEU A 9 1.97 -7.29 0.19
C LEU A 9 3.44 -7.06 0.49
N VAL A 10 4.20 -6.68 -0.52
CA VAL A 10 5.63 -6.43 -0.37
C VAL A 10 5.84 -5.29 0.64
N PHE A 11 5.49 -4.08 0.23
CA PHE A 11 5.65 -2.92 1.09
C PHE A 11 4.42 -2.73 1.97
N GLY A 12 3.27 -2.53 1.32
CA GLY A 12 2.02 -2.35 2.05
C GLY A 12 1.99 -0.99 2.76
N GLU A 13 3.16 -0.52 3.18
CA GLU A 13 3.25 0.78 3.88
C GLU A 13 3.48 1.91 2.88
N SER A 14 4.12 1.59 1.76
CA SER A 14 4.41 2.60 0.74
C SER A 14 3.14 3.01 0.00
N LEU A 15 2.73 2.19 -0.96
CA LEU A 15 1.54 2.48 -1.74
C LEU A 15 0.28 2.44 -0.87
N LEU A 16 0.48 2.28 0.44
CA LEU A 16 -0.64 2.23 1.37
C LEU A 16 -1.74 3.19 0.96
N ASN A 17 -1.37 4.44 0.72
CA ASN A 17 -2.34 5.45 0.31
C ASN A 17 -3.07 5.00 -0.95
N ASP A 18 -2.32 4.43 -1.89
CA ASP A 18 -2.90 3.96 -3.15
C ASP A 18 -3.37 2.51 -3.00
N ALA A 19 -3.17 1.94 -1.82
CA ALA A 19 -3.57 0.56 -1.57
C ALA A 19 -4.99 0.51 -1.04
N VAL A 20 -5.26 1.27 0.02
CA VAL A 20 -6.59 1.31 0.61
C VAL A 20 -7.64 1.54 -0.46
N THR A 21 -7.20 1.93 -1.65
CA THR A 21 -8.12 2.19 -2.76
C THR A 21 -8.29 0.93 -3.61
N VAL A 22 -7.40 -0.03 -3.43
CA VAL A 22 -7.45 -1.28 -4.19
C VAL A 22 -7.99 -2.41 -3.33
N VAL A 23 -7.16 -2.91 -2.42
CA VAL A 23 -7.57 -4.01 -1.54
C VAL A 23 -8.96 -3.74 -0.97
N LEU A 24 -9.41 -2.50 -1.06
CA LEU A 24 -10.73 -2.14 -0.54
C LEU A 24 -11.79 -2.25 -1.64
N TYR A 25 -11.65 -1.42 -2.67
CA TYR A 25 -12.59 -1.43 -3.78
C TYR A 25 -12.38 -2.66 -4.65
N LYS A 26 -11.20 -2.74 -5.28
CA LYS A 26 -10.87 -3.86 -6.14
C LYS A 26 -10.82 -5.16 -5.34
N LYS A 27 -10.37 -5.06 -4.09
CA LYS A 27 -10.28 -6.23 -3.23
C LYS A 27 -9.65 -7.40 -3.98
N HIS A 1 12.15 12.88 -11.06
CA HIS A 1 12.41 12.70 -9.61
C HIS A 1 11.16 12.12 -8.95
N ILE A 2 10.34 11.43 -9.74
CA ILE A 2 9.12 10.82 -9.23
C ILE A 2 9.44 9.70 -8.25
N ASN A 3 10.38 9.97 -7.33
CA ASN A 3 10.78 8.97 -6.35
C ASN A 3 9.58 8.54 -5.49
N GLU A 4 8.42 9.13 -5.76
CA GLU A 4 7.22 8.80 -5.00
C GLU A 4 6.64 7.47 -5.47
N LEU A 5 5.85 7.53 -6.56
CA LEU A 5 5.24 6.32 -7.09
C LEU A 5 6.23 5.16 -7.11
N LEU A 6 7.51 5.48 -7.01
CA LEU A 6 8.55 4.46 -7.01
C LEU A 6 8.70 3.82 -5.63
N HIS A 7 7.74 4.12 -4.74
CA HIS A 7 7.78 3.57 -3.38
C HIS A 7 8.29 2.13 -3.39
N ILE A 8 7.95 1.39 -4.43
CA ILE A 8 8.38 0.00 -4.55
C ILE A 8 9.91 -0.11 -4.51
N LEU A 9 10.57 1.04 -4.42
CA LEU A 9 12.03 1.07 -4.39
C LEU A 9 12.56 0.02 -3.42
N VAL A 10 12.56 0.35 -2.14
CA VAL A 10 13.05 -0.58 -1.11
C VAL A 10 11.90 -1.40 -0.54
N PHE A 11 11.16 -0.81 0.40
CA PHE A 11 10.05 -1.51 1.03
C PHE A 11 8.75 -1.23 0.25
N GLY A 12 8.29 0.01 0.30
CA GLY A 12 7.07 0.40 -0.38
C GLY A 12 5.86 0.23 0.53
N GLU A 13 5.82 1.01 1.60
CA GLU A 13 4.71 0.93 2.55
C GLU A 13 3.57 1.85 2.13
N SER A 14 3.87 2.78 1.22
CA SER A 14 2.88 3.72 0.73
C SER A 14 1.75 2.98 0.01
N LEU A 15 1.85 1.65 -0.04
CA LEU A 15 0.84 0.84 -0.70
C LEU A 15 -0.43 0.78 0.15
N LEU A 16 -0.31 1.24 1.39
CA LEU A 16 -1.46 1.25 2.29
C LEU A 16 -2.43 2.36 1.92
N ASN A 17 -1.89 3.43 1.33
CA ASN A 17 -2.73 4.55 0.92
C ASN A 17 -3.21 4.37 -0.52
N ASP A 18 -2.30 3.93 -1.39
CA ASP A 18 -2.65 3.72 -2.79
C ASP A 18 -3.75 2.69 -2.93
N ALA A 19 -3.94 1.88 -1.88
CA ALA A 19 -4.97 0.85 -1.89
C ALA A 19 -6.34 1.48 -1.69
N VAL A 20 -6.53 2.14 -0.55
CA VAL A 20 -7.80 2.78 -0.23
C VAL A 20 -8.37 3.46 -1.47
N THR A 21 -7.50 3.80 -2.41
CA THR A 21 -7.94 4.46 -3.64
C THR A 21 -8.25 3.43 -4.72
N VAL A 22 -7.21 2.78 -5.22
CA VAL A 22 -7.37 1.77 -6.27
C VAL A 22 -8.42 0.74 -5.88
N VAL A 23 -8.68 0.62 -4.57
CA VAL A 23 -9.67 -0.34 -4.09
C VAL A 23 -11.04 0.31 -3.97
N LEU A 24 -11.07 1.65 -3.94
CA LEU A 24 -12.33 2.37 -3.82
C LEU A 24 -12.78 2.87 -5.19
N TYR A 25 -11.87 3.50 -5.90
CA TYR A 25 -12.18 4.04 -7.23
C TYR A 25 -12.39 2.91 -8.24
N LYS A 26 -11.29 2.28 -8.64
CA LYS A 26 -11.36 1.19 -9.60
C LYS A 26 -12.06 -0.03 -9.00
N LYS A 27 -11.84 -0.25 -7.71
CA LYS A 27 -12.45 -1.39 -7.03
C LYS A 27 -12.11 -2.70 -7.74
N HIS A 1 -1.64 -4.33 15.20
CA HIS A 1 -0.52 -4.10 16.15
C HIS A 1 0.22 -2.83 15.75
N ILE A 2 0.82 -2.15 16.74
CA ILE A 2 1.56 -0.92 16.48
C ILE A 2 3.07 -1.18 16.60
N ASN A 3 3.45 -2.45 16.68
CA ASN A 3 4.84 -2.82 16.80
C ASN A 3 5.47 -3.03 15.43
N GLU A 4 4.64 -3.01 14.39
CA GLU A 4 5.12 -3.19 13.03
C GLU A 4 5.47 -1.84 12.41
N LEU A 5 5.36 -0.78 13.20
CA LEU A 5 5.66 0.56 12.72
C LEU A 5 7.05 0.60 12.07
N LEU A 6 7.77 -0.50 12.15
CA LEU A 6 9.10 -0.58 11.56
C LEU A 6 9.06 -1.33 10.22
N HIS A 7 8.26 -2.38 10.18
CA HIS A 7 8.14 -3.18 8.95
C HIS A 7 6.98 -2.68 8.08
N ILE A 8 5.77 -3.12 8.41
CA ILE A 8 4.59 -2.72 7.63
C ILE A 8 4.68 -1.27 7.19
N LEU A 9 5.03 -0.40 8.13
CA LEU A 9 5.15 1.02 7.83
C LEU A 9 5.81 1.24 6.46
N VAL A 10 7.04 0.76 6.31
CA VAL A 10 7.76 0.92 5.06
C VAL A 10 7.37 -0.17 4.07
N PHE A 11 7.00 -1.34 4.59
CA PHE A 11 6.61 -2.45 3.73
C PHE A 11 5.21 -2.23 3.19
N GLY A 12 4.61 -1.10 3.55
CA GLY A 12 3.27 -0.76 3.11
C GLY A 12 3.00 0.73 3.26
N GLU A 13 4.07 1.53 3.29
CA GLU A 13 3.92 2.96 3.43
C GLU A 13 2.86 3.50 2.49
N SER A 14 3.27 3.84 1.26
CA SER A 14 2.33 4.35 0.27
C SER A 14 1.73 3.20 -0.52
N LEU A 15 2.28 2.00 -0.32
CA LEU A 15 1.78 0.83 -1.02
C LEU A 15 0.30 0.61 -0.72
N LEU A 16 -0.07 0.82 0.53
CA LEU A 16 -1.47 0.64 0.95
C LEU A 16 -2.27 1.89 0.61
N ASN A 17 -1.76 3.05 0.99
CA ASN A 17 -2.44 4.31 0.72
C ASN A 17 -2.76 4.43 -0.77
N ASP A 18 -1.93 3.83 -1.60
CA ASP A 18 -2.13 3.87 -3.04
C ASP A 18 -3.29 2.97 -3.46
N ALA A 19 -3.45 1.86 -2.75
CA ALA A 19 -4.53 0.92 -3.04
C ALA A 19 -5.77 1.25 -2.23
N VAL A 20 -5.55 1.76 -1.02
CA VAL A 20 -6.66 2.12 -0.14
C VAL A 20 -7.33 3.40 -0.63
N THR A 21 -6.53 4.36 -1.07
CA THR A 21 -7.05 5.62 -1.57
C THR A 21 -8.04 5.38 -2.71
N VAL A 22 -7.61 4.61 -3.70
CA VAL A 22 -8.47 4.30 -4.84
C VAL A 22 -9.74 3.59 -4.40
N VAL A 23 -9.63 2.81 -3.32
CA VAL A 23 -10.78 2.08 -2.81
C VAL A 23 -11.52 2.90 -1.76
N LEU A 24 -10.87 3.95 -1.26
CA LEU A 24 -11.47 4.81 -0.25
C LEU A 24 -12.19 5.99 -0.90
N TYR A 25 -11.40 6.90 -1.45
CA TYR A 25 -11.97 8.09 -2.10
C TYR A 25 -12.59 7.72 -3.44
N LYS A 26 -11.72 7.61 -4.45
CA LYS A 26 -12.17 7.28 -5.80
C LYS A 26 -13.08 6.06 -5.81
N LYS A 27 -12.81 5.12 -4.91
CA LYS A 27 -13.62 3.91 -4.82
C LYS A 27 -13.48 3.09 -6.09
N HIS A 1 10.02 -7.61 3.17
CA HIS A 1 11.36 -8.25 3.19
C HIS A 1 12.12 -7.80 4.44
N ILE A 2 13.41 -8.11 4.49
CA ILE A 2 14.24 -7.73 5.63
C ILE A 2 15.13 -6.55 5.27
N ASN A 3 15.65 -6.55 4.05
CA ASN A 3 16.53 -5.47 3.60
C ASN A 3 15.69 -4.31 3.06
N GLU A 4 14.43 -4.59 2.74
CA GLU A 4 13.54 -3.55 2.22
C GLU A 4 12.84 -2.82 3.36
N LEU A 5 12.32 -3.59 4.32
CA LEU A 5 11.62 -3.00 5.46
C LEU A 5 12.47 -1.90 6.09
N LEU A 6 13.73 -1.81 5.68
CA LEU A 6 14.64 -0.81 6.22
C LEU A 6 14.35 0.56 5.59
N HIS A 7 14.87 0.77 4.39
CA HIS A 7 14.66 2.04 3.70
C HIS A 7 13.49 1.94 2.73
N ILE A 8 13.61 1.06 1.75
CA ILE A 8 12.56 0.87 0.76
C ILE A 8 11.20 0.69 1.43
N LEU A 9 11.23 0.50 2.75
CA LEU A 9 9.99 0.32 3.51
C LEU A 9 8.89 1.25 3.01
N VAL A 10 9.29 2.38 2.44
CA VAL A 10 8.33 3.35 1.93
C VAL A 10 7.49 2.74 0.81
N PHE A 11 8.16 2.19 -0.20
CA PHE A 11 7.46 1.58 -1.32
C PHE A 11 6.52 0.49 -0.83
N GLY A 12 6.59 0.20 0.48
CA GLY A 12 5.75 -0.82 1.08
C GLY A 12 4.72 -0.21 2.01
N GLU A 13 4.98 1.02 2.46
CA GLU A 13 4.07 1.70 3.37
C GLU A 13 2.99 2.43 2.57
N SER A 14 3.32 2.83 1.35
CA SER A 14 2.37 3.54 0.51
C SER A 14 1.61 2.55 -0.39
N LEU A 15 2.01 1.29 -0.33
CA LEU A 15 1.37 0.26 -1.14
C LEU A 15 -0.10 0.11 -0.76
N LEU A 16 -0.42 0.46 0.49
CA LEU A 16 -1.80 0.36 0.97
C LEU A 16 -2.54 1.67 0.72
N ASN A 17 -1.81 2.78 0.74
CA ASN A 17 -2.40 4.08 0.52
C ASN A 17 -2.92 4.19 -0.91
N ASP A 18 -2.01 4.30 -1.87
CA ASP A 18 -2.39 4.41 -3.27
C ASP A 18 -3.49 3.40 -3.61
N ALA A 19 -3.57 2.34 -2.81
CA ALA A 19 -4.57 1.31 -3.04
C ALA A 19 -5.84 1.63 -2.24
N VAL A 20 -5.66 1.99 -0.97
CA VAL A 20 -6.79 2.32 -0.11
C VAL A 20 -7.60 3.46 -0.72
N THR A 21 -6.90 4.43 -1.29
CA THR A 21 -7.57 5.58 -1.89
C THR A 21 -8.73 5.11 -2.77
N VAL A 22 -8.59 3.91 -3.33
CA VAL A 22 -9.63 3.35 -4.18
C VAL A 22 -10.70 2.66 -3.34
N VAL A 23 -10.29 2.11 -2.21
CA VAL A 23 -11.22 1.43 -1.31
C VAL A 23 -11.81 2.42 -0.30
N LEU A 24 -11.21 3.59 -0.22
CA LEU A 24 -11.68 4.61 0.72
C LEU A 24 -12.71 5.51 0.04
N TYR A 25 -12.25 6.28 -0.96
CA TYR A 25 -13.14 7.18 -1.67
C TYR A 25 -14.40 6.44 -2.13
N LYS A 26 -14.30 5.11 -2.23
CA LYS A 26 -15.43 4.30 -2.65
C LYS A 26 -16.54 4.35 -1.62
N LYS A 27 -16.19 4.00 -0.38
CA LYS A 27 -17.17 4.01 0.71
C LYS A 27 -16.93 5.20 1.64
N HIS A 1 15.73 -10.77 3.98
CA HIS A 1 16.53 -9.83 4.82
C HIS A 1 15.62 -9.18 5.85
N ILE A 2 16.05 -9.18 7.11
CA ILE A 2 15.27 -8.58 8.18
C ILE A 2 15.76 -7.16 8.48
N ASN A 3 16.75 -6.71 7.71
CA ASN A 3 17.29 -5.37 7.91
C ASN A 3 16.58 -4.38 7.00
N GLU A 4 15.61 -4.87 6.23
CA GLU A 4 14.86 -4.01 5.32
C GLU A 4 13.87 -3.13 6.09
N LEU A 5 13.94 -3.20 7.41
CA LEU A 5 13.04 -2.41 8.26
C LEU A 5 13.06 -0.94 7.82
N LEU A 6 14.00 -0.60 6.95
CA LEU A 6 14.10 0.77 6.45
C LEU A 6 13.37 0.91 5.12
N HIS A 7 13.57 -0.07 4.25
CA HIS A 7 12.94 -0.06 2.93
C HIS A 7 11.59 -0.77 2.97
N ILE A 8 11.64 -2.11 3.03
CA ILE A 8 10.41 -2.91 3.07
C ILE A 8 9.33 -2.23 3.90
N LEU A 9 9.64 -1.93 5.15
CA LEU A 9 8.69 -1.27 6.04
C LEU A 9 7.95 -0.16 5.29
N VAL A 10 8.68 0.63 4.53
CA VAL A 10 8.08 1.73 3.78
C VAL A 10 7.68 1.25 2.38
N PHE A 11 8.57 0.52 1.74
CA PHE A 11 8.31 0.00 0.41
C PHE A 11 6.95 -0.71 0.37
N GLY A 12 6.37 -0.92 1.55
CA GLY A 12 5.08 -1.58 1.64
C GLY A 12 3.99 -0.60 2.07
N GLU A 13 4.39 0.48 2.75
CA GLU A 13 3.43 1.48 3.21
C GLU A 13 3.18 2.52 2.12
N SER A 14 4.17 2.71 1.25
CA SER A 14 4.04 3.69 0.17
C SER A 14 2.91 3.30 -0.77
N LEU A 15 2.78 2.00 -1.02
CA LEU A 15 1.73 1.52 -1.92
C LEU A 15 0.48 1.13 -1.13
N LEU A 16 0.54 1.31 0.19
CA LEU A 16 -0.59 0.98 1.05
C LEU A 16 -1.59 2.13 1.07
N ASN A 17 -1.09 3.35 1.22
CA ASN A 17 -1.94 4.53 1.26
C ASN A 17 -2.69 4.69 -0.06
N ASP A 18 -2.16 4.05 -1.10
CA ASP A 18 -2.78 4.13 -2.43
C ASP A 18 -3.80 3.01 -2.61
N ALA A 19 -3.50 1.85 -2.03
CA ALA A 19 -4.40 0.70 -2.14
C ALA A 19 -5.77 1.05 -1.58
N VAL A 20 -5.82 2.00 -0.65
CA VAL A 20 -7.08 2.40 -0.05
C VAL A 20 -7.97 3.09 -1.07
N THR A 21 -7.34 3.79 -2.02
CA THR A 21 -8.09 4.49 -3.06
C THR A 21 -8.40 3.55 -4.22
N VAL A 22 -7.39 2.82 -4.67
CA VAL A 22 -7.57 1.89 -5.77
C VAL A 22 -8.88 1.13 -5.61
N VAL A 23 -9.29 0.93 -4.36
CA VAL A 23 -10.53 0.22 -4.07
C VAL A 23 -11.69 1.20 -3.89
N LEU A 24 -11.37 2.41 -3.44
CA LEU A 24 -12.39 3.42 -3.23
C LEU A 24 -12.86 4.01 -4.56
N TYR A 25 -11.89 4.41 -5.38
CA TYR A 25 -12.20 4.98 -6.68
C TYR A 25 -13.33 4.23 -7.35
N LYS A 26 -13.13 2.93 -7.54
CA LYS A 26 -14.14 2.09 -8.17
C LYS A 26 -15.46 2.16 -7.41
N LYS A 27 -15.37 2.36 -6.10
CA LYS A 27 -16.57 2.45 -5.26
C LYS A 27 -17.17 3.85 -5.34
N HIS A 1 21.92 -0.59 7.37
CA HIS A 1 20.63 -0.33 6.66
C HIS A 1 20.86 0.65 5.53
N ILE A 2 20.53 0.24 4.31
CA ILE A 2 20.70 1.11 3.15
C ILE A 2 19.92 2.40 3.32
N ASN A 3 20.26 3.40 2.51
CA ASN A 3 19.58 4.69 2.59
C ASN A 3 18.13 4.57 2.11
N GLU A 4 17.72 3.35 1.80
CA GLU A 4 16.37 3.11 1.32
C GLU A 4 15.35 3.48 2.40
N LEU A 5 15.86 3.87 3.57
CA LEU A 5 14.97 4.26 4.67
C LEU A 5 13.87 5.19 4.17
N LEU A 6 14.09 5.75 2.98
CA LEU A 6 13.12 6.66 2.37
C LEU A 6 12.41 6.00 1.20
N HIS A 7 13.20 5.49 0.25
CA HIS A 7 12.66 4.86 -0.94
C HIS A 7 11.74 3.68 -0.60
N ILE A 8 12.33 2.51 -0.43
CA ILE A 8 11.56 1.32 -0.11
C ILE A 8 10.52 1.61 0.96
N LEU A 9 10.99 2.15 2.09
CA LEU A 9 10.10 2.48 3.19
C LEU A 9 8.78 3.06 2.68
N VAL A 10 8.82 4.32 2.25
CA VAL A 10 7.63 4.98 1.73
C VAL A 10 6.94 4.11 0.69
N PHE A 11 7.69 3.74 -0.35
CA PHE A 11 7.13 2.90 -1.41
C PHE A 11 6.34 1.74 -0.82
N GLY A 12 6.85 1.18 0.28
CA GLY A 12 6.18 0.05 0.93
C GLY A 12 5.00 0.53 1.75
N GLU A 13 5.06 1.78 2.22
CA GLU A 13 3.98 2.34 3.02
C GLU A 13 2.88 2.89 2.12
N SER A 14 3.28 3.45 0.98
CA SER A 14 2.31 4.00 0.04
C SER A 14 1.59 2.90 -0.71
N LEU A 15 2.16 1.69 -0.67
CA LEU A 15 1.55 0.56 -1.36
C LEU A 15 0.18 0.25 -0.77
N LEU A 16 -0.03 0.65 0.49
CA LEU A 16 -1.30 0.41 1.15
C LEU A 16 -2.23 1.60 0.93
N ASN A 17 -1.68 2.81 1.03
CA ASN A 17 -2.47 4.02 0.84
C ASN A 17 -2.82 4.19 -0.63
N ASP A 18 -2.01 3.59 -1.51
CA ASP A 18 -2.25 3.69 -2.94
C ASP A 18 -3.57 3.02 -3.30
N ALA A 19 -3.99 2.07 -2.48
CA ALA A 19 -5.24 1.35 -2.73
C ALA A 19 -6.39 2.04 -1.99
N VAL A 20 -6.13 2.41 -0.74
CA VAL A 20 -7.15 3.08 0.07
C VAL A 20 -7.85 4.17 -0.73
N THR A 21 -7.09 4.88 -1.55
CA THR A 21 -7.64 5.95 -2.38
C THR A 21 -8.65 5.37 -3.37
N VAL A 22 -8.45 4.11 -3.75
CA VAL A 22 -9.35 3.47 -4.70
C VAL A 22 -10.45 2.71 -3.96
N VAL A 23 -10.14 2.28 -2.74
CA VAL A 23 -11.11 1.54 -1.94
C VAL A 23 -11.92 2.49 -1.05
N LEU A 24 -11.41 3.70 -0.88
CA LEU A 24 -12.10 4.69 -0.06
C LEU A 24 -13.03 5.54 -0.92
N TYR A 25 -12.60 5.84 -2.13
CA TYR A 25 -13.41 6.66 -3.03
C TYR A 25 -14.50 5.81 -3.70
N LYS A 26 -14.07 4.72 -4.33
CA LYS A 26 -15.01 3.83 -5.01
C LYS A 26 -16.09 3.36 -4.05
N LYS A 27 -15.90 3.62 -2.76
CA LYS A 27 -16.86 3.22 -1.75
C LYS A 27 -18.11 4.10 -1.82
N HIS A 1 -9.80 -10.27 1.04
CA HIS A 1 -9.75 -10.31 2.53
C HIS A 1 -8.83 -9.19 3.03
N ILE A 2 -8.16 -9.44 4.15
CA ILE A 2 -7.26 -8.45 4.72
C ILE A 2 -6.02 -8.29 3.86
N ASN A 3 -6.22 -8.18 2.55
CA ASN A 3 -5.12 -8.03 1.62
C ASN A 3 -4.08 -7.06 2.18
N GLU A 4 -4.53 -6.08 2.93
CA GLU A 4 -3.62 -5.11 3.53
C GLU A 4 -2.49 -5.85 4.23
N LEU A 5 -2.84 -6.80 5.08
CA LEU A 5 -1.85 -7.58 5.80
C LEU A 5 -1.64 -8.94 5.16
N LEU A 6 -2.35 -9.20 4.06
CA LEU A 6 -2.22 -10.49 3.37
C LEU A 6 -1.33 -10.39 2.13
N HIS A 7 -1.85 -9.80 1.05
CA HIS A 7 -1.08 -9.67 -0.19
C HIS A 7 -0.33 -8.35 -0.26
N ILE A 8 -1.06 -7.24 -0.22
CA ILE A 8 -0.46 -5.91 -0.29
C ILE A 8 0.77 -5.84 0.62
N LEU A 9 0.91 -6.80 1.51
CA LEU A 9 2.04 -6.84 2.43
C LEU A 9 3.33 -6.39 1.74
N VAL A 10 3.51 -6.78 0.49
CA VAL A 10 4.71 -6.41 -0.26
C VAL A 10 5.13 -4.97 0.06
N PHE A 11 4.47 -4.02 -0.59
CA PHE A 11 4.78 -2.61 -0.36
C PHE A 11 4.00 -2.08 0.83
N GLY A 12 2.68 -2.17 0.76
CA GLY A 12 1.83 -1.69 1.84
C GLY A 12 2.32 -0.34 2.38
N GLU A 13 3.20 -0.39 3.37
CA GLU A 13 3.73 0.83 3.97
C GLU A 13 4.03 1.88 2.90
N SER A 14 4.22 1.43 1.66
CA SER A 14 4.52 2.34 0.57
C SER A 14 3.24 2.90 -0.05
N LEU A 15 2.50 2.02 -0.72
CA LEU A 15 1.25 2.44 -1.36
C LEU A 15 0.12 2.55 -0.33
N LEU A 16 0.47 2.41 0.95
CA LEU A 16 -0.51 2.48 2.03
C LEU A 16 -1.57 3.54 1.73
N ASN A 17 -1.21 4.53 0.92
CA ASN A 17 -2.14 5.60 0.56
C ASN A 17 -2.93 5.23 -0.69
N ASP A 18 -2.22 4.77 -1.71
CA ASP A 18 -2.86 4.38 -2.97
C ASP A 18 -3.32 2.93 -2.92
N ALA A 19 -3.14 2.30 -1.77
CA ALA A 19 -3.54 0.90 -1.60
C ALA A 19 -5.03 0.81 -1.28
N VAL A 20 -5.50 1.67 -0.38
CA VAL A 20 -6.91 1.66 0.00
C VAL A 20 -7.80 1.46 -1.23
N THR A 21 -7.63 2.32 -2.22
CA THR A 21 -8.43 2.24 -3.44
C THR A 21 -8.41 0.81 -4.01
N VAL A 22 -7.55 -0.03 -3.45
CA VAL A 22 -7.44 -1.42 -3.89
C VAL A 22 -7.99 -2.37 -2.84
N VAL A 23 -7.37 -2.36 -1.66
CA VAL A 23 -7.79 -3.23 -0.57
C VAL A 23 -9.21 -2.90 -0.13
N LEU A 24 -9.66 -1.69 -0.45
CA LEU A 24 -11.01 -1.28 -0.09
C LEU A 24 -11.99 -1.64 -1.20
N TYR A 25 -11.51 -1.62 -2.43
CA TYR A 25 -12.33 -1.95 -3.57
C TYR A 25 -12.32 -3.45 -3.85
N LYS A 26 -11.13 -3.98 -4.06
CA LYS A 26 -10.98 -5.40 -4.35
C LYS A 26 -11.30 -6.24 -3.11
N LYS A 27 -11.20 -5.61 -1.94
CA LYS A 27 -11.48 -6.31 -0.69
C LYS A 27 -10.89 -7.71 -0.72
N HIS A 1 9.54 -8.73 12.03
CA HIS A 1 8.79 -7.65 12.75
C HIS A 1 8.39 -6.57 11.75
N ILE A 2 7.55 -5.64 12.21
CA ILE A 2 7.09 -4.54 11.36
C ILE A 2 7.45 -3.20 11.99
N ASN A 3 7.81 -3.24 13.27
CA ASN A 3 8.18 -2.03 13.98
C ASN A 3 9.69 -1.78 13.90
N GLU A 4 10.39 -2.67 13.18
CA GLU A 4 11.83 -2.54 13.02
C GLU A 4 12.16 -1.96 11.66
N LEU A 5 11.41 -2.40 10.66
CA LEU A 5 11.61 -1.93 9.29
C LEU A 5 11.14 -0.48 9.15
N LEU A 6 10.93 0.19 10.28
CA LEU A 6 10.48 1.58 10.28
C LEU A 6 11.04 2.35 9.08
N HIS A 7 12.23 1.95 8.64
CA HIS A 7 12.87 2.60 7.49
C HIS A 7 12.41 1.95 6.19
N ILE A 8 12.34 0.62 6.19
CA ILE A 8 11.92 -0.12 5.00
C ILE A 8 10.40 -0.16 4.90
N LEU A 9 9.73 -0.41 6.03
CA LEU A 9 8.27 -0.47 6.05
C LEU A 9 7.67 0.60 5.15
N VAL A 10 8.31 1.76 5.10
CA VAL A 10 7.82 2.85 4.27
C VAL A 10 7.54 2.36 2.86
N PHE A 11 8.32 1.40 2.40
CA PHE A 11 8.14 0.85 1.06
C PHE A 11 6.81 0.11 0.96
N GLY A 12 6.05 0.12 2.07
CA GLY A 12 4.76 -0.55 2.10
C GLY A 12 3.65 0.44 2.44
N GLU A 13 3.93 1.37 3.34
CA GLU A 13 2.94 2.37 3.75
C GLU A 13 2.44 3.15 2.53
N SER A 14 3.28 3.22 1.50
CA SER A 14 2.92 3.95 0.29
C SER A 14 2.24 3.00 -0.71
N LEU A 15 2.63 1.73 -0.66
CA LEU A 15 2.06 0.73 -1.57
C LEU A 15 0.57 0.54 -1.28
N LEU A 16 0.21 0.66 0.00
CA LEU A 16 -1.19 0.50 0.41
C LEU A 16 -1.98 1.78 0.15
N ASN A 17 -1.33 2.92 0.34
CA ASN A 17 -1.98 4.21 0.12
C ASN A 17 -2.85 4.16 -1.14
N ASP A 18 -2.20 4.01 -2.29
CA ASP A 18 -2.92 3.96 -3.56
C ASP A 18 -4.06 2.95 -3.48
N ALA A 19 -3.91 1.95 -2.61
CA ALA A 19 -4.94 0.93 -2.45
C ALA A 19 -5.99 1.38 -1.45
N VAL A 20 -5.55 2.10 -0.42
CA VAL A 20 -6.46 2.58 0.61
C VAL A 20 -6.98 3.97 0.24
N THR A 21 -6.55 4.47 -0.91
CA THR A 21 -6.98 5.79 -1.36
C THR A 21 -8.36 5.71 -2.01
N VAL A 22 -8.47 4.98 -3.11
CA VAL A 22 -9.74 4.84 -3.80
C VAL A 22 -10.83 4.47 -2.80
N VAL A 23 -10.42 4.00 -1.62
CA VAL A 23 -11.38 3.60 -0.59
C VAL A 23 -11.55 4.69 0.45
N LEU A 24 -10.84 5.80 0.29
CA LEU A 24 -10.93 6.90 1.25
C LEU A 24 -12.12 7.81 0.92
N TYR A 25 -11.96 8.68 -0.07
CA TYR A 25 -13.02 9.60 -0.45
C TYR A 25 -13.83 9.04 -1.62
N LYS A 26 -13.14 8.58 -2.66
CA LYS A 26 -13.80 8.04 -3.83
C LYS A 26 -15.03 7.21 -3.44
N LYS A 27 -14.79 5.95 -3.07
CA LYS A 27 -15.89 5.08 -2.66
C LYS A 27 -16.81 5.79 -1.69
N HIS A 1 20.87 -0.44 4.14
CA HIS A 1 20.75 0.44 5.34
C HIS A 1 19.60 -0.03 6.19
N ILE A 2 19.28 0.74 7.23
CA ILE A 2 18.19 0.38 8.13
C ILE A 2 16.93 1.18 7.78
N ASN A 3 17.11 2.45 7.48
CA ASN A 3 15.99 3.31 7.11
C ASN A 3 15.04 2.60 6.17
N GLU A 4 15.53 1.55 5.53
CA GLU A 4 14.73 0.77 4.61
C GLU A 4 13.35 0.45 5.20
N LEU A 5 13.33 -0.49 6.14
CA LEU A 5 12.08 -0.88 6.77
C LEU A 5 11.85 -0.10 8.07
N LEU A 6 12.77 0.78 8.42
CA LEU A 6 12.65 1.56 9.64
C LEU A 6 11.95 2.90 9.38
N HIS A 7 12.65 3.82 8.73
CA HIS A 7 12.09 5.14 8.45
C HIS A 7 11.48 5.20 7.05
N ILE A 8 12.29 4.95 6.03
CA ILE A 8 11.82 5.00 4.65
C ILE A 8 10.81 3.88 4.40
N LEU A 9 10.45 3.15 5.45
CA LEU A 9 9.49 2.05 5.32
C LEU A 9 8.33 2.45 4.41
N VAL A 10 8.14 3.74 4.21
CA VAL A 10 7.05 4.22 3.35
C VAL A 10 6.98 3.38 2.08
N PHE A 11 8.14 3.01 1.55
CA PHE A 11 8.20 2.20 0.35
C PHE A 11 7.30 0.98 0.49
N GLY A 12 6.83 0.73 1.71
CA GLY A 12 5.97 -0.40 1.99
C GLY A 12 4.52 0.07 2.20
N GLU A 13 4.36 1.31 2.62
CA GLU A 13 3.04 1.87 2.86
C GLU A 13 2.53 2.61 1.62
N SER A 14 3.45 3.12 0.83
CA SER A 14 3.09 3.85 -0.39
C SER A 14 2.22 3.00 -1.29
N LEU A 15 2.42 1.68 -1.24
CA LEU A 15 1.64 0.76 -2.06
C LEU A 15 0.26 0.54 -1.45
N LEU A 16 0.20 0.57 -0.12
CA LEU A 16 -1.07 0.36 0.58
C LEU A 16 -1.92 1.62 0.51
N ASN A 17 -1.27 2.77 0.50
CA ASN A 17 -1.98 4.05 0.43
C ASN A 17 -2.62 4.23 -0.94
N ASP A 18 -1.86 3.91 -1.98
CA ASP A 18 -2.36 4.04 -3.34
C ASP A 18 -3.65 3.24 -3.53
N ALA A 19 -3.75 2.13 -2.79
CA ALA A 19 -4.93 1.28 -2.88
C ALA A 19 -5.99 1.74 -1.89
N VAL A 20 -5.60 1.85 -0.62
CA VAL A 20 -6.52 2.28 0.42
C VAL A 20 -7.28 3.52 -0.02
N THR A 21 -6.54 4.56 -0.39
CA THR A 21 -7.16 5.81 -0.83
C THR A 21 -8.16 5.53 -1.96
N VAL A 22 -7.92 4.47 -2.71
CA VAL A 22 -8.80 4.11 -3.81
C VAL A 22 -9.90 3.16 -3.33
N VAL A 23 -9.72 2.61 -2.14
CA VAL A 23 -10.70 1.67 -1.59
C VAL A 23 -11.88 2.44 -0.99
N LEU A 24 -11.60 3.61 -0.44
CA LEU A 24 -12.65 4.43 0.16
C LEU A 24 -13.27 5.37 -0.87
N TYR A 25 -12.55 5.56 -1.97
CA TYR A 25 -13.04 6.44 -3.04
C TYR A 25 -13.87 5.64 -4.04
N LYS A 26 -13.38 4.46 -4.39
CA LYS A 26 -14.09 3.61 -5.34
C LYS A 26 -15.29 2.93 -4.68
N LYS A 27 -15.21 2.74 -3.38
CA LYS A 27 -16.29 2.11 -2.64
C LYS A 27 -17.62 2.78 -2.95
N HIS A 1 20.86 5.05 5.25
CA HIS A 1 21.18 6.20 6.13
C HIS A 1 20.36 6.11 7.41
N ILE A 2 20.80 6.81 8.45
CA ILE A 2 20.10 6.80 9.73
C ILE A 2 18.68 7.33 9.55
N ASN A 3 18.49 8.22 8.59
CA ASN A 3 17.18 8.79 8.33
C ASN A 3 16.38 7.87 7.41
N GLU A 4 17.08 7.16 6.54
CA GLU A 4 16.42 6.24 5.62
C GLU A 4 16.27 4.86 6.24
N LEU A 5 16.93 4.66 7.38
CA LEU A 5 16.86 3.38 8.06
C LEU A 5 15.41 2.99 8.35
N LEU A 6 14.58 4.01 8.56
CA LEU A 6 13.17 3.77 8.84
C LEU A 6 12.34 3.79 7.56
N HIS A 7 12.76 4.61 6.60
CA HIS A 7 12.06 4.71 5.33
C HIS A 7 11.69 3.32 4.82
N ILE A 8 12.44 2.32 5.25
CA ILE A 8 12.17 0.95 4.82
C ILE A 8 10.73 0.57 5.12
N LEU A 9 10.12 1.30 6.05
CA LEU A 9 8.73 1.04 6.42
C LEU A 9 7.77 1.87 5.56
N VAL A 10 8.33 2.67 4.66
CA VAL A 10 7.51 3.51 3.79
C VAL A 10 7.21 2.77 2.49
N PHE A 11 8.25 2.32 1.81
CA PHE A 11 8.05 1.59 0.55
C PHE A 11 7.00 0.52 0.71
N GLY A 12 6.64 0.23 1.95
CA GLY A 12 5.64 -0.79 2.24
C GLY A 12 4.31 -0.15 2.64
N GLU A 13 4.37 1.10 3.11
CA GLU A 13 3.17 1.81 3.52
C GLU A 13 2.56 2.57 2.34
N SER A 14 3.42 2.93 1.39
CA SER A 14 2.96 3.67 0.21
C SER A 14 2.12 2.77 -0.68
N LEU A 15 2.30 1.46 -0.53
CA LEU A 15 1.55 0.50 -1.32
C LEU A 15 0.12 0.39 -0.82
N LEU A 16 -0.10 0.82 0.43
CA LEU A 16 -1.43 0.76 1.02
C LEU A 16 -2.18 2.05 0.75
N ASN A 17 -1.49 3.18 0.88
CA ASN A 17 -2.10 4.48 0.64
C ASN A 17 -2.53 4.62 -0.83
N ASP A 18 -2.03 3.72 -1.67
CA ASP A 18 -2.36 3.75 -3.08
C ASP A 18 -3.67 3.03 -3.35
N ALA A 19 -3.89 1.93 -2.63
CA ALA A 19 -5.11 1.14 -2.79
C ALA A 19 -6.18 1.62 -1.81
N VAL A 20 -5.75 1.95 -0.60
CA VAL A 20 -6.67 2.43 0.42
C VAL A 20 -7.50 3.60 -0.10
N THR A 21 -7.01 4.24 -1.15
CA THR A 21 -7.71 5.38 -1.73
C THR A 21 -8.63 4.92 -2.86
N VAL A 22 -8.06 4.20 -3.83
CA VAL A 22 -8.83 3.72 -4.96
C VAL A 22 -9.93 2.76 -4.50
N VAL A 23 -9.73 2.15 -3.33
CA VAL A 23 -10.71 1.21 -2.79
C VAL A 23 -11.72 1.94 -1.91
N LEU A 24 -11.34 3.12 -1.42
CA LEU A 24 -12.21 3.90 -0.55
C LEU A 24 -12.92 4.99 -1.34
N TYR A 25 -12.22 5.58 -2.30
CA TYR A 25 -12.80 6.65 -3.12
C TYR A 25 -13.47 6.09 -4.36
N LYS A 26 -12.71 5.33 -5.15
CA LYS A 26 -13.25 4.77 -6.39
C LYS A 26 -13.87 3.40 -6.15
N LYS A 27 -13.56 2.78 -5.00
CA LYS A 27 -14.09 1.48 -4.69
C LYS A 27 -13.93 0.53 -5.88
N HIS A 1 19.67 -7.37 6.50
CA HIS A 1 18.70 -6.24 6.30
C HIS A 1 19.37 -4.93 6.70
N ILE A 2 18.60 -3.85 6.63
CA ILE A 2 19.12 -2.53 6.99
C ILE A 2 18.20 -1.86 8.01
N ASN A 3 18.61 -0.68 8.48
CA ASN A 3 17.83 0.07 9.46
C ASN A 3 16.81 0.96 8.76
N GLU A 4 16.72 0.84 7.44
CA GLU A 4 15.79 1.64 6.67
C GLU A 4 14.40 1.02 6.70
N LEU A 5 14.30 -0.14 7.35
CA LEU A 5 13.03 -0.84 7.47
C LEU A 5 11.90 0.15 7.73
N LEU A 6 12.26 1.33 8.25
CA LEU A 6 11.27 2.35 8.54
C LEU A 6 11.23 3.38 7.42
N HIS A 7 12.40 3.72 6.88
CA HIS A 7 12.49 4.69 5.80
C HIS A 7 12.21 4.01 4.47
N ILE A 8 13.17 3.22 3.99
CA ILE A 8 13.02 2.52 2.72
C ILE A 8 11.61 1.99 2.57
N LEU A 9 11.05 1.47 3.67
CA LEU A 9 9.70 0.92 3.64
C LEU A 9 8.75 1.84 2.86
N VAL A 10 9.18 3.09 2.64
CA VAL A 10 8.34 4.04 1.90
C VAL A 10 7.74 3.40 0.66
N PHE A 11 8.41 2.38 0.14
CA PHE A 11 7.92 1.69 -1.06
C PHE A 11 6.87 0.66 -0.68
N GLY A 12 6.95 0.16 0.55
CA GLY A 12 5.99 -0.82 1.02
C GLY A 12 4.88 -0.16 1.84
N GLU A 13 5.10 1.11 2.18
CA GLU A 13 4.11 1.85 2.95
C GLU A 13 3.05 2.46 2.04
N SER A 14 3.50 3.25 1.07
CA SER A 14 2.57 3.88 0.13
C SER A 14 1.63 2.84 -0.47
N LEU A 15 2.18 1.67 -0.79
CA LEU A 15 1.38 0.61 -1.37
C LEU A 15 0.04 0.50 -0.66
N LEU A 16 0.03 0.84 0.62
CA LEU A 16 -1.20 0.79 1.42
C LEU A 16 -2.02 2.04 1.19
N ASN A 17 -1.33 3.18 1.05
CA ASN A 17 -2.02 4.44 0.82
C ASN A 17 -2.57 4.51 -0.60
N ASP A 18 -1.96 3.74 -1.50
CA ASP A 18 -2.40 3.71 -2.89
C ASP A 18 -3.46 2.62 -3.09
N ALA A 19 -3.64 1.79 -2.08
CA ALA A 19 -4.61 0.71 -2.15
C ALA A 19 -5.93 1.14 -1.51
N VAL A 20 -5.83 1.95 -0.47
CA VAL A 20 -7.02 2.43 0.23
C VAL A 20 -7.62 3.64 -0.49
N THR A 21 -6.90 4.12 -1.51
CA THR A 21 -7.36 5.26 -2.27
C THR A 21 -8.23 4.81 -3.44
N VAL A 22 -8.05 3.56 -3.85
CA VAL A 22 -8.83 3.01 -4.96
C VAL A 22 -10.31 3.28 -4.75
N VAL A 23 -10.67 3.69 -3.53
CA VAL A 23 -12.05 3.98 -3.21
C VAL A 23 -12.37 5.45 -3.48
N LEU A 24 -11.32 6.27 -3.52
CA LEU A 24 -11.50 7.70 -3.77
C LEU A 24 -11.49 7.98 -5.26
N TYR A 25 -10.78 7.14 -6.01
CA TYR A 25 -10.70 7.30 -7.45
C TYR A 25 -11.85 6.55 -8.14
N LYS A 26 -12.10 5.34 -7.66
CA LYS A 26 -13.17 4.52 -8.23
C LYS A 26 -14.52 5.18 -8.01
N LYS A 27 -14.69 5.80 -6.84
CA LYS A 27 -15.95 6.46 -6.51
C LYS A 27 -17.14 5.62 -6.96
N HIS A 1 -0.98 -13.58 1.69
CA HIS A 1 -0.63 -14.62 2.68
C HIS A 1 0.75 -14.31 3.28
N ILE A 2 1.25 -15.22 4.09
CA ILE A 2 2.56 -15.02 4.72
C ILE A 2 3.67 -14.98 3.67
N ASN A 3 3.28 -15.04 2.40
CA ASN A 3 4.24 -15.00 1.31
C ASN A 3 4.53 -13.56 0.90
N GLU A 4 3.77 -12.63 1.44
CA GLU A 4 3.95 -11.22 1.12
C GLU A 4 4.88 -10.56 2.14
N LEU A 5 5.32 -11.36 3.12
CA LEU A 5 6.21 -10.85 4.16
C LEU A 5 7.25 -9.93 3.56
N LEU A 6 7.52 -10.12 2.26
CA LEU A 6 8.50 -9.30 1.57
C LEU A 6 7.82 -8.19 0.78
N HIS A 7 6.61 -8.46 0.30
CA HIS A 7 5.86 -7.47 -0.48
C HIS A 7 5.10 -6.52 0.44
N ILE A 8 3.95 -6.97 0.93
CA ILE A 8 3.12 -6.14 1.80
C ILE A 8 4.00 -5.32 2.76
N LEU A 9 5.04 -5.94 3.28
CA LEU A 9 5.93 -5.26 4.20
C LEU A 9 6.23 -3.85 3.70
N VAL A 10 7.07 -3.75 2.67
CA VAL A 10 7.42 -2.44 2.12
C VAL A 10 6.50 -2.06 0.96
N PHE A 11 6.47 -2.89 -0.07
CA PHE A 11 5.62 -2.63 -1.23
C PHE A 11 4.21 -2.23 -0.79
N GLY A 12 3.91 -2.44 0.48
CA GLY A 12 2.59 -2.11 1.02
C GLY A 12 2.66 -0.82 1.85
N GLU A 13 3.78 -0.60 2.54
CA GLU A 13 3.93 0.59 3.36
C GLU A 13 4.05 1.83 2.49
N SER A 14 4.54 1.66 1.27
CA SER A 14 4.71 2.77 0.35
C SER A 14 3.42 3.01 -0.43
N LEU A 15 2.78 1.92 -0.86
CA LEU A 15 1.53 2.02 -1.61
C LEU A 15 0.34 1.97 -0.66
N LEU A 16 0.61 1.84 0.63
CA LEU A 16 -0.45 1.78 1.63
C LEU A 16 -1.54 2.79 1.30
N ASN A 17 -1.22 4.07 1.44
CA ASN A 17 -2.18 5.13 1.16
C ASN A 17 -2.84 4.90 -0.20
N ASP A 18 -2.12 4.25 -1.10
CA ASP A 18 -2.65 3.97 -2.44
C ASP A 18 -3.43 2.67 -2.45
N ALA A 19 -3.52 2.03 -1.28
CA ALA A 19 -4.24 0.76 -1.18
C ALA A 19 -5.71 1.02 -0.82
N VAL A 20 -5.95 2.07 -0.06
CA VAL A 20 -7.32 2.42 0.33
C VAL A 20 -8.24 2.39 -0.88
N THR A 21 -7.68 2.59 -2.06
CA THR A 21 -8.46 2.59 -3.29
C THR A 21 -9.04 1.21 -3.55
N VAL A 22 -8.76 0.27 -2.65
CA VAL A 22 -9.26 -1.10 -2.78
C VAL A 22 -10.33 -1.37 -1.74
N VAL A 23 -9.91 -1.59 -0.50
CA VAL A 23 -10.85 -1.87 0.59
C VAL A 23 -12.00 -0.87 0.56
N LEU A 24 -11.82 0.22 -0.18
CA LEU A 24 -12.85 1.25 -0.28
C LEU A 24 -13.74 1.01 -1.50
N TYR A 25 -13.12 0.76 -2.64
CA TYR A 25 -13.87 0.55 -3.88
C TYR A 25 -14.27 -0.93 -4.03
N LYS A 26 -13.26 -1.77 -4.21
CA LYS A 26 -13.50 -3.20 -4.38
C LYS A 26 -13.97 -3.84 -3.08
N LYS A 27 -13.65 -3.22 -1.95
CA LYS A 27 -14.06 -3.76 -0.66
C LYS A 27 -13.74 -5.25 -0.58
N HIS A 1 -2.48 -10.10 -15.43
CA HIS A 1 -1.62 -8.89 -15.34
C HIS A 1 -0.51 -9.13 -14.32
N ILE A 2 0.69 -8.65 -14.64
CA ILE A 2 1.84 -8.81 -13.75
C ILE A 2 2.45 -7.45 -13.39
N ASN A 3 3.77 -7.42 -13.38
CA ASN A 3 4.49 -6.18 -13.06
C ASN A 3 4.21 -5.09 -14.09
N GLU A 4 3.27 -5.36 -15.00
CA GLU A 4 2.92 -4.39 -16.03
C GLU A 4 1.87 -3.41 -15.54
N LEU A 5 0.71 -3.94 -15.14
CA LEU A 5 -0.38 -3.10 -14.65
C LEU A 5 -0.27 -2.87 -13.15
N LEU A 6 0.59 -3.64 -12.50
CA LEU A 6 0.78 -3.51 -11.06
C LEU A 6 1.67 -2.31 -10.74
N HIS A 7 2.05 -1.58 -11.78
CA HIS A 7 2.92 -0.41 -11.59
C HIS A 7 2.50 0.38 -10.36
N ILE A 8 1.24 0.21 -9.96
CA ILE A 8 0.74 0.91 -8.78
C ILE A 8 1.56 0.55 -7.55
N LEU A 9 2.48 -0.41 -7.72
CA LEU A 9 3.32 -0.84 -6.61
C LEU A 9 4.35 0.23 -6.28
N VAL A 10 4.43 1.25 -7.13
CA VAL A 10 5.37 2.35 -6.91
C VAL A 10 5.41 2.75 -5.44
N PHE A 11 4.24 2.76 -4.81
CA PHE A 11 4.17 3.13 -3.40
C PHE A 11 4.97 2.16 -2.54
N GLY A 12 4.55 0.90 -2.53
CA GLY A 12 5.24 -0.12 -1.75
C GLY A 12 5.04 0.10 -0.26
N GLU A 13 5.58 1.21 0.24
CA GLU A 13 5.46 1.54 1.66
C GLU A 13 4.11 2.21 1.93
N SER A 14 3.63 2.98 0.97
CA SER A 14 2.36 3.67 1.12
C SER A 14 1.21 2.81 0.60
N LEU A 15 1.55 1.74 -0.11
CA LEU A 15 0.54 0.84 -0.66
C LEU A 15 -0.57 0.59 0.36
N LEU A 16 -0.20 0.16 1.56
CA LEU A 16 -1.18 -0.10 2.60
C LEU A 16 -1.94 1.17 2.96
N ASN A 17 -1.32 2.32 2.73
CA ASN A 17 -1.95 3.60 3.03
C ASN A 17 -2.78 4.08 1.84
N ASP A 18 -2.16 4.10 0.67
CA ASP A 18 -2.84 4.54 -0.55
C ASP A 18 -3.67 3.41 -1.14
N ALA A 19 -3.69 2.28 -0.44
CA ALA A 19 -4.45 1.12 -0.90
C ALA A 19 -5.79 1.55 -1.50
N VAL A 20 -6.26 2.73 -1.09
CA VAL A 20 -7.52 3.24 -1.60
C VAL A 20 -7.48 3.35 -3.12
N THR A 21 -6.27 3.45 -3.66
CA THR A 21 -6.10 3.55 -5.11
C THR A 21 -6.27 2.19 -5.77
N VAL A 22 -5.70 1.16 -5.15
CA VAL A 22 -5.79 -0.18 -5.69
C VAL A 22 -7.23 -0.51 -6.07
N VAL A 23 -8.17 0.26 -5.53
CA VAL A 23 -9.58 0.04 -5.82
C VAL A 23 -10.01 0.88 -7.03
N LEU A 24 -9.29 1.97 -7.27
CA LEU A 24 -9.60 2.85 -8.40
C LEU A 24 -9.04 2.28 -9.70
N TYR A 25 -7.78 1.86 -9.64
CA TYR A 25 -7.13 1.29 -10.83
C TYR A 25 -7.74 -0.07 -11.17
N LYS A 26 -8.63 -0.55 -10.30
CA LYS A 26 -9.28 -1.84 -10.53
C LYS A 26 -10.41 -1.70 -11.54
N LYS A 27 -11.34 -0.80 -11.26
CA LYS A 27 -12.48 -0.58 -12.15
C LYS A 27 -13.20 -1.90 -12.43
N HIS A 1 10.88 -9.91 0.73
CA HIS A 1 12.31 -9.93 0.32
C HIS A 1 13.13 -9.09 1.31
N ILE A 2 14.41 -9.41 1.41
CA ILE A 2 15.30 -8.68 2.31
C ILE A 2 16.29 -7.83 1.53
N ASN A 3 16.12 -7.79 0.22
CA ASN A 3 17.01 -7.00 -0.63
C ASN A 3 16.47 -5.60 -0.83
N GLU A 4 15.15 -5.45 -0.75
CA GLU A 4 14.52 -4.16 -0.93
C GLU A 4 14.30 -3.50 0.42
N LEU A 5 14.74 -4.17 1.48
CA LEU A 5 14.59 -3.63 2.83
C LEU A 5 15.20 -2.24 2.91
N LEU A 6 15.84 -1.82 1.82
CA LEU A 6 16.44 -0.50 1.75
C LEU A 6 15.52 0.47 1.01
N HIS A 7 14.88 -0.03 -0.04
CA HIS A 7 13.97 0.78 -0.83
C HIS A 7 12.53 0.58 -0.36
N ILE A 8 11.96 -0.58 -0.68
CA ILE A 8 10.59 -0.86 -0.29
C ILE A 8 10.35 -0.42 1.15
N LEU A 9 11.41 -0.41 1.94
CA LEU A 9 11.32 0.00 3.33
C LEU A 9 10.96 1.47 3.39
N VAL A 10 11.58 2.27 2.52
CA VAL A 10 11.34 3.70 2.47
C VAL A 10 9.87 4.02 2.73
N PHE A 11 9.02 3.71 1.74
CA PHE A 11 7.60 3.97 1.87
C PHE A 11 6.92 2.88 2.70
N GLY A 12 6.64 1.75 2.05
CA GLY A 12 5.99 0.63 2.73
C GLY A 12 4.49 0.88 2.86
N GLU A 13 4.13 2.14 3.06
CA GLU A 13 2.72 2.51 3.20
C GLU A 13 2.15 2.94 1.85
N SER A 14 2.90 3.76 1.14
CA SER A 14 2.46 4.25 -0.16
C SER A 14 2.17 3.08 -1.09
N LEU A 15 2.47 1.87 -0.62
CA LEU A 15 2.24 0.67 -1.42
C LEU A 15 0.74 0.34 -1.47
N LEU A 16 0.14 0.21 -0.29
CA LEU A 16 -1.29 -0.11 -0.21
C LEU A 16 -2.12 1.16 -0.30
N ASN A 17 -1.61 2.25 0.26
CA ASN A 17 -2.32 3.53 0.25
C ASN A 17 -2.96 3.76 -1.11
N ASP A 18 -2.37 3.19 -2.15
CA ASP A 18 -2.90 3.33 -3.51
C ASP A 18 -4.32 2.79 -3.59
N ALA A 19 -4.59 1.72 -2.85
CA ALA A 19 -5.91 1.10 -2.85
C ALA A 19 -6.80 1.74 -1.78
N VAL A 20 -6.25 1.87 -0.57
CA VAL A 20 -7.01 2.44 0.53
C VAL A 20 -7.41 3.88 0.21
N THR A 21 -6.48 4.65 -0.33
CA THR A 21 -6.74 6.04 -0.68
C THR A 21 -8.05 6.15 -1.45
N VAL A 22 -8.07 5.59 -2.65
CA VAL A 22 -9.27 5.62 -3.48
C VAL A 22 -10.48 5.18 -2.68
N VAL A 23 -10.25 4.40 -1.63
CA VAL A 23 -11.34 3.92 -0.79
C VAL A 23 -11.55 4.86 0.39
N LEU A 24 -10.54 5.65 0.71
CA LEU A 24 -10.61 6.58 1.83
C LEU A 24 -10.98 7.98 1.36
N TYR A 25 -10.12 8.56 0.51
CA TYR A 25 -10.35 9.91 0.01
C TYR A 25 -11.55 9.95 -0.92
N LYS A 26 -11.37 9.52 -2.17
CA LYS A 26 -12.46 9.51 -3.13
C LYS A 26 -13.76 9.04 -2.48
N LYS A 27 -13.82 7.75 -2.16
CA LYS A 27 -15.00 7.20 -1.52
C LYS A 27 -15.12 7.69 -0.08
N HIS A 1 -10.81 -13.36 -1.25
CA HIS A 1 -9.44 -12.93 -0.84
C HIS A 1 -8.45 -14.05 -1.18
N ILE A 2 -7.84 -13.95 -2.35
CA ILE A 2 -6.87 -14.96 -2.79
C ILE A 2 -5.45 -14.44 -2.61
N ASN A 3 -4.61 -14.67 -3.61
CA ASN A 3 -3.22 -14.22 -3.55
C ASN A 3 -3.08 -12.86 -4.21
N GLU A 4 -4.17 -12.37 -4.80
CA GLU A 4 -4.17 -11.07 -5.47
C GLU A 4 -3.30 -10.07 -4.71
N LEU A 5 -3.46 -10.03 -3.39
CA LEU A 5 -2.69 -9.11 -2.56
C LEU A 5 -1.21 -9.15 -2.91
N LEU A 6 -0.81 -10.12 -3.72
CA LEU A 6 0.58 -10.25 -4.12
C LEU A 6 1.18 -8.88 -4.43
N HIS A 7 0.36 -8.03 -5.07
CA HIS A 7 0.82 -6.69 -5.42
C HIS A 7 1.01 -5.84 -4.17
N ILE A 8 -0.01 -5.83 -3.31
CA ILE A 8 0.05 -5.06 -2.07
C ILE A 8 1.03 -5.69 -1.09
N LEU A 9 1.14 -7.02 -1.14
CA LEU A 9 2.05 -7.73 -0.25
C LEU A 9 3.49 -7.28 -0.49
N VAL A 10 3.71 -6.61 -1.61
CA VAL A 10 5.05 -6.13 -1.97
C VAL A 10 5.37 -4.86 -1.19
N PHE A 11 4.76 -3.75 -1.61
CA PHE A 11 4.99 -2.47 -0.96
C PHE A 11 4.15 -2.37 0.31
N GLY A 12 2.84 -2.26 0.13
CA GLY A 12 1.93 -2.16 1.28
C GLY A 12 2.17 -0.87 2.06
N GLU A 13 3.33 -0.77 2.69
CA GLU A 13 3.66 0.41 3.48
C GLU A 13 3.95 1.60 2.57
N SER A 14 4.37 1.32 1.34
CA SER A 14 4.67 2.39 0.39
C SER A 14 3.39 2.95 -0.21
N LEU A 15 2.74 2.16 -1.07
CA LEU A 15 1.51 2.59 -1.71
C LEU A 15 0.36 2.61 -0.71
N LEU A 16 0.69 2.43 0.57
CA LEU A 16 -0.32 2.42 1.63
C LEU A 16 -1.43 3.43 1.34
N ASN A 17 -1.07 4.70 1.32
CA ASN A 17 -2.04 5.77 1.06
C ASN A 17 -2.87 5.43 -0.17
N ASP A 18 -2.29 4.67 -1.09
CA ASP A 18 -2.97 4.29 -2.31
C ASP A 18 -3.73 2.98 -2.12
N ALA A 19 -3.02 1.98 -1.58
CA ALA A 19 -3.63 0.67 -1.35
C ALA A 19 -5.06 0.81 -0.84
N VAL A 20 -5.30 1.88 -0.10
CA VAL A 20 -6.64 2.14 0.43
C VAL A 20 -7.67 2.14 -0.70
N THR A 21 -7.18 2.08 -1.93
CA THR A 21 -8.05 2.07 -3.10
C THR A 21 -8.41 0.65 -3.49
N VAL A 22 -7.59 -0.30 -3.05
CA VAL A 22 -7.81 -1.71 -3.35
C VAL A 22 -8.14 -2.49 -2.08
N VAL A 23 -7.22 -2.44 -1.12
CA VAL A 23 -7.42 -3.15 0.14
C VAL A 23 -8.78 -2.83 0.74
N LEU A 24 -9.32 -1.67 0.38
CA LEU A 24 -10.63 -1.25 0.89
C LEU A 24 -11.73 -1.68 -0.08
N TYR A 25 -11.50 -1.43 -1.36
CA TYR A 25 -12.48 -1.78 -2.38
C TYR A 25 -12.65 -3.29 -2.46
N LYS A 26 -11.54 -4.02 -2.46
CA LYS A 26 -11.58 -5.48 -2.54
C LYS A 26 -12.51 -6.04 -1.47
N LYS A 27 -12.89 -5.19 -0.53
CA LYS A 27 -13.78 -5.62 0.55
C LYS A 27 -14.73 -4.49 0.94
N HIS A 1 9.95 -16.33 4.51
CA HIS A 1 9.13 -15.91 3.34
C HIS A 1 9.01 -14.39 3.30
N ILE A 2 10.12 -13.72 3.60
CA ILE A 2 10.15 -12.26 3.61
C ILE A 2 10.83 -11.72 2.36
N ASN A 3 11.83 -12.46 1.88
CA ASN A 3 12.56 -12.04 0.69
C ASN A 3 11.66 -12.07 -0.54
N GLU A 4 10.93 -13.16 -0.72
CA GLU A 4 10.03 -13.29 -1.85
C GLU A 4 9.19 -12.02 -2.02
N LEU A 5 8.76 -11.47 -0.89
CA LEU A 5 7.96 -10.25 -0.90
C LEU A 5 8.83 -9.04 -1.26
N LEU A 6 10.04 -9.33 -1.75
CA LEU A 6 10.99 -8.28 -2.13
C LEU A 6 10.26 -7.05 -2.64
N HIS A 7 9.13 -7.25 -3.30
CA HIS A 7 8.35 -6.14 -3.83
C HIS A 7 7.59 -5.44 -2.71
N ILE A 8 6.61 -6.13 -2.16
CA ILE A 8 5.80 -5.57 -1.08
C ILE A 8 6.68 -5.20 0.11
N LEU A 9 7.91 -5.71 0.11
CA LEU A 9 8.85 -5.42 1.19
C LEU A 9 9.38 -3.99 1.06
N VAL A 10 9.96 -3.69 -0.10
CA VAL A 10 10.51 -2.35 -0.34
C VAL A 10 9.57 -1.28 0.22
N PHE A 11 8.47 -1.04 -0.48
CA PHE A 11 7.50 -0.03 -0.04
C PHE A 11 6.70 -0.53 1.15
N GLY A 12 5.72 -1.38 0.90
CA GLY A 12 4.89 -1.92 1.97
C GLY A 12 3.85 -0.90 2.43
N GLU A 13 4.29 0.05 3.25
CA GLU A 13 3.38 1.08 3.75
C GLU A 13 3.26 2.22 2.74
N SER A 14 3.95 2.09 1.63
CA SER A 14 3.92 3.12 0.59
C SER A 14 2.68 2.96 -0.28
N LEU A 15 2.62 1.86 -1.02
CA LEU A 15 1.48 1.59 -1.89
C LEU A 15 0.21 1.45 -1.06
N LEU A 16 0.35 1.57 0.24
CA LEU A 16 -0.81 1.46 1.14
C LEU A 16 -1.80 2.59 0.86
N ASN A 17 -1.37 3.82 1.11
CA ASN A 17 -2.23 4.98 0.88
C ASN A 17 -2.85 4.92 -0.52
N ASP A 18 -2.17 4.22 -1.42
CA ASP A 18 -2.66 4.09 -2.79
C ASP A 18 -3.57 2.86 -2.93
N ALA A 19 -3.58 2.03 -1.90
CA ALA A 19 -4.40 0.83 -1.91
C ALA A 19 -5.79 1.11 -1.32
N VAL A 20 -5.80 1.80 -0.18
CA VAL A 20 -7.07 2.13 0.48
C VAL A 20 -8.04 2.75 -0.52
N THR A 21 -7.51 3.30 -1.61
CA THR A 21 -8.35 3.91 -2.62
C THR A 21 -8.69 2.91 -3.72
N VAL A 22 -7.97 1.78 -3.72
CA VAL A 22 -8.19 0.74 -4.72
C VAL A 22 -8.76 -0.51 -4.06
N VAL A 23 -8.65 -0.58 -2.74
CA VAL A 23 -9.16 -1.73 -2.01
C VAL A 23 -10.60 -1.50 -1.56
N LEU A 24 -10.99 -0.23 -1.43
CA LEU A 24 -12.34 0.10 -1.00
C LEU A 24 -13.22 0.42 -2.19
N TYR A 25 -12.61 0.93 -3.26
CA TYR A 25 -13.35 1.29 -4.46
C TYR A 25 -13.42 0.12 -5.43
N LYS A 26 -12.36 -0.04 -6.23
CA LYS A 26 -12.31 -1.12 -7.21
C LYS A 26 -12.21 -2.47 -6.52
N LYS A 27 -11.94 -2.46 -5.22
CA LYS A 27 -11.82 -3.70 -4.46
C LYS A 27 -10.73 -4.59 -5.05
N HIS A 1 26.17 1.77 6.85
CA HIS A 1 24.77 1.81 7.35
C HIS A 1 23.82 1.98 6.17
N ILE A 2 22.63 1.37 6.28
CA ILE A 2 21.64 1.47 5.20
C ILE A 2 20.56 2.49 5.56
N ASN A 3 20.95 3.50 6.33
CA ASN A 3 20.01 4.54 6.74
C ASN A 3 19.26 5.09 5.53
N GLU A 4 19.68 4.71 4.34
CA GLU A 4 19.00 5.17 3.13
C GLU A 4 17.51 4.97 3.27
N LEU A 5 17.11 4.19 4.27
CA LEU A 5 15.70 3.91 4.51
C LEU A 5 14.86 5.16 4.23
N LEU A 6 15.42 6.33 4.53
CA LEU A 6 14.69 7.58 4.29
C LEU A 6 14.21 7.64 2.84
N HIS A 7 14.81 6.82 1.98
CA HIS A 7 14.43 6.79 0.57
C HIS A 7 13.12 6.03 0.38
N ILE A 8 13.14 4.74 0.67
CA ILE A 8 11.94 3.90 0.52
C ILE A 8 11.18 3.76 1.83
N LEU A 9 11.61 4.52 2.85
CA LEU A 9 10.97 4.46 4.16
C LEU A 9 9.46 4.33 4.02
N VAL A 10 8.81 5.43 3.63
CA VAL A 10 7.36 5.42 3.47
C VAL A 10 6.99 5.14 2.02
N PHE A 11 7.66 5.83 1.09
CA PHE A 11 7.39 5.64 -0.33
C PHE A 11 7.20 4.15 -0.63
N GLY A 12 7.77 3.30 0.22
CA GLY A 12 7.67 1.86 0.02
C GLY A 12 6.48 1.29 0.81
N GLU A 13 6.17 1.89 1.95
CA GLU A 13 5.07 1.42 2.78
C GLU A 13 3.73 1.95 2.25
N SER A 14 3.79 3.08 1.57
CA SER A 14 2.58 3.69 1.01
C SER A 14 1.89 2.72 0.06
N LEU A 15 2.56 1.60 -0.23
CA LEU A 15 1.99 0.61 -1.13
C LEU A 15 0.58 0.22 -0.69
N LEU A 16 0.27 0.47 0.58
CA LEU A 16 -1.05 0.14 1.10
C LEU A 16 -2.01 1.29 0.87
N ASN A 17 -1.58 2.51 1.18
CA ASN A 17 -2.42 3.69 1.01
C ASN A 17 -2.87 3.80 -0.44
N ASP A 18 -2.13 3.15 -1.34
CA ASP A 18 -2.47 3.19 -2.76
C ASP A 18 -3.90 2.69 -2.99
N ALA A 19 -4.33 1.76 -2.14
CA ALA A 19 -5.68 1.22 -2.26
C ALA A 19 -6.67 2.05 -1.46
N VAL A 20 -6.18 2.74 -0.44
CA VAL A 20 -7.03 3.57 0.40
C VAL A 20 -7.55 4.77 -0.38
N THR A 21 -7.13 4.86 -1.65
CA THR A 21 -7.56 5.97 -2.50
C THR A 21 -8.84 5.60 -3.25
N VAL A 22 -9.16 4.31 -3.27
CA VAL A 22 -10.36 3.84 -3.95
C VAL A 22 -11.02 2.71 -3.17
N VAL A 23 -10.27 1.64 -2.94
CA VAL A 23 -10.79 0.50 -2.19
C VAL A 23 -11.33 0.95 -0.84
N LEU A 24 -11.03 2.18 -0.46
CA LEU A 24 -11.50 2.71 0.82
C LEU A 24 -13.00 2.51 0.95
N TYR A 25 -13.76 3.23 0.13
CA TYR A 25 -15.22 3.13 0.15
C TYR A 25 -15.70 2.05 -0.81
N LYS A 26 -15.21 2.11 -2.05
CA LYS A 26 -15.61 1.14 -3.06
C LYS A 26 -15.61 -0.27 -2.47
N LYS A 27 -14.62 -0.55 -1.63
CA LYS A 27 -14.52 -1.87 -1.00
C LYS A 27 -14.87 -2.98 -1.99
N HIS A 1 15.48 -9.80 0.72
CA HIS A 1 15.88 -9.37 2.08
C HIS A 1 14.80 -8.47 2.67
N ILE A 2 14.64 -8.51 3.98
CA ILE A 2 13.63 -7.69 4.64
C ILE A 2 14.21 -6.34 5.02
N ASN A 3 15.53 -6.21 4.91
CA ASN A 3 16.20 -4.95 5.23
C ASN A 3 15.95 -3.92 4.14
N GLU A 4 15.25 -4.32 3.10
CA GLU A 4 14.95 -3.42 1.99
C GLU A 4 14.27 -2.16 2.51
N LEU A 5 13.88 -2.18 3.78
CA LEU A 5 13.21 -1.04 4.39
C LEU A 5 13.95 0.25 4.05
N LEU A 6 15.26 0.14 3.85
CA LEU A 6 16.07 1.30 3.53
C LEU A 6 16.29 1.42 2.02
N HIS A 7 15.87 0.40 1.28
CA HIS A 7 16.03 0.40 -0.16
C HIS A 7 14.82 1.02 -0.87
N ILE A 8 13.86 0.18 -1.23
CA ILE A 8 12.66 0.66 -1.91
C ILE A 8 11.49 0.79 -0.93
N LEU A 9 11.28 -0.25 -0.13
CA LEU A 9 10.20 -0.25 0.84
C LEU A 9 10.07 1.11 1.51
N VAL A 10 11.16 1.88 1.49
CA VAL A 10 11.15 3.20 2.10
C VAL A 10 9.86 3.93 1.75
N PHE A 11 9.67 4.22 0.48
CA PHE A 11 8.46 4.89 0.02
C PHE A 11 7.41 3.87 -0.41
N GLY A 12 7.87 2.70 -0.85
CA GLY A 12 6.96 1.65 -1.28
C GLY A 12 5.92 1.36 -0.21
N GLU A 13 6.14 1.88 0.99
CA GLU A 13 5.21 1.67 2.09
C GLU A 13 3.85 2.23 1.75
N SER A 14 3.78 3.06 0.71
CA SER A 14 2.52 3.65 0.30
C SER A 14 1.66 2.63 -0.45
N LEU A 15 2.18 1.42 -0.58
CA LEU A 15 1.46 0.36 -1.28
C LEU A 15 0.04 0.25 -0.74
N LEU A 16 -0.17 0.71 0.49
CA LEU A 16 -1.49 0.66 1.11
C LEU A 16 -2.30 1.90 0.76
N ASN A 17 -1.60 3.03 0.63
CA ASN A 17 -2.27 4.29 0.31
C ASN A 17 -2.88 4.22 -1.09
N ASP A 18 -2.03 4.28 -2.11
CA ASP A 18 -2.51 4.21 -3.49
C ASP A 18 -3.55 3.11 -3.65
N ALA A 19 -3.56 2.18 -2.70
CA ALA A 19 -4.51 1.07 -2.74
C ALA A 19 -5.80 1.44 -2.01
N VAL A 20 -5.65 2.07 -0.85
CA VAL A 20 -6.80 2.48 -0.06
C VAL A 20 -7.69 3.45 -0.85
N THR A 21 -7.05 4.23 -1.72
CA THR A 21 -7.79 5.21 -2.53
C THR A 21 -8.61 4.49 -3.60
N VAL A 22 -7.94 3.68 -4.41
CA VAL A 22 -8.63 2.95 -5.47
C VAL A 22 -9.87 2.26 -4.92
N VAL A 23 -9.92 2.13 -3.60
CA VAL A 23 -11.07 1.49 -2.96
C VAL A 23 -12.12 2.52 -2.59
N LEU A 24 -11.71 3.77 -2.45
CA LEU A 24 -12.62 4.85 -2.10
C LEU A 24 -13.40 5.31 -3.34
N TYR A 25 -12.68 5.57 -4.42
CA TYR A 25 -13.31 6.01 -5.66
C TYR A 25 -14.24 4.93 -6.21
N LYS A 26 -13.78 3.68 -6.13
CA LYS A 26 -14.57 2.56 -6.62
C LYS A 26 -15.86 2.43 -5.82
N LYS A 27 -15.85 2.89 -4.58
CA LYS A 27 -17.03 2.82 -3.73
C LYS A 27 -18.06 3.86 -4.16
N HIS A 1 10.97 -8.65 -7.07
CA HIS A 1 10.80 -7.28 -7.64
C HIS A 1 10.23 -7.39 -9.04
N ILE A 2 9.08 -6.76 -9.26
CA ILE A 2 8.43 -6.80 -10.57
C ILE A 2 8.75 -5.52 -11.35
N ASN A 3 8.51 -5.56 -12.66
CA ASN A 3 8.77 -4.41 -13.51
C ASN A 3 7.62 -3.42 -13.48
N GLU A 4 6.64 -3.68 -12.62
CA GLU A 4 5.48 -2.79 -12.51
C GLU A 4 5.77 -1.67 -11.51
N LEU A 5 7.02 -1.60 -11.07
CA LEU A 5 7.43 -0.57 -10.11
C LEU A 5 6.89 0.79 -10.52
N LEU A 6 6.39 0.90 -11.74
CA LEU A 6 5.85 2.17 -12.21
C LEU A 6 4.34 2.25 -11.94
N HIS A 7 3.69 1.09 -11.89
CA HIS A 7 2.25 1.05 -11.64
C HIS A 7 1.93 1.56 -10.24
N ILE A 8 1.79 0.63 -9.29
CA ILE A 8 1.47 0.99 -7.91
C ILE A 8 2.67 0.78 -6.98
N LEU A 9 3.54 -0.16 -7.33
CA LEU A 9 4.71 -0.43 -6.50
C LEU A 9 5.63 0.78 -6.44
N VAL A 10 5.21 1.87 -7.07
CA VAL A 10 6.01 3.10 -7.08
C VAL A 10 6.48 3.45 -5.68
N PHE A 11 5.57 3.38 -4.71
CA PHE A 11 5.91 3.70 -3.32
C PHE A 11 6.65 2.54 -2.67
N GLY A 12 5.90 1.50 -2.31
CA GLY A 12 6.48 0.33 -1.67
C GLY A 12 6.04 0.22 -0.21
N GLU A 13 6.22 1.30 0.54
CA GLU A 13 5.84 1.33 1.94
C GLU A 13 4.41 1.83 2.11
N SER A 14 3.98 2.68 1.17
CA SER A 14 2.63 3.23 1.21
C SER A 14 1.66 2.32 0.48
N LEU A 15 2.12 1.14 0.11
CA LEU A 15 1.28 0.18 -0.60
C LEU A 15 -0.13 0.10 0.01
N LEU A 16 -0.26 0.63 1.22
CA LEU A 16 -1.55 0.62 1.89
C LEU A 16 -2.34 1.88 1.56
N ASN A 17 -1.85 3.02 2.04
CA ASN A 17 -2.53 4.29 1.78
C ASN A 17 -2.80 4.45 0.29
N ASP A 18 -2.07 3.69 -0.52
CA ASP A 18 -2.24 3.75 -1.96
C ASP A 18 -3.23 2.70 -2.45
N ALA A 19 -3.69 1.86 -1.52
CA ALA A 19 -4.63 0.80 -1.87
C ALA A 19 -6.06 1.33 -1.82
N VAL A 20 -6.43 1.92 -0.69
CA VAL A 20 -7.79 2.45 -0.53
C VAL A 20 -8.17 3.31 -1.73
N THR A 21 -7.16 3.87 -2.40
CA THR A 21 -7.41 4.71 -3.56
C THR A 21 -7.18 3.94 -4.85
N VAL A 22 -6.80 2.67 -4.72
CA VAL A 22 -6.53 1.83 -5.89
C VAL A 22 -7.19 0.46 -5.74
N VAL A 23 -6.57 -0.42 -4.95
CA VAL A 23 -7.11 -1.76 -4.74
C VAL A 23 -8.61 -1.72 -4.49
N LEU A 24 -9.15 -0.54 -4.22
CA LEU A 24 -10.57 -0.40 -3.96
C LEU A 24 -11.37 -0.62 -5.25
N TYR A 25 -11.38 0.37 -6.13
CA TYR A 25 -12.12 0.26 -7.39
C TYR A 25 -11.20 -0.24 -8.50
N LYS A 26 -10.10 0.48 -8.73
CA LYS A 26 -9.15 0.10 -9.77
C LYS A 26 -8.94 -1.40 -9.77
N LYS A 27 -8.52 -1.93 -8.63
CA LYS A 27 -8.28 -3.37 -8.50
C LYS A 27 -7.32 -3.85 -9.58
N HIS A 1 14.68 -0.10 18.48
CA HIS A 1 14.53 -0.45 17.04
C HIS A 1 14.73 0.80 16.19
N ILE A 2 15.25 0.61 14.98
CA ILE A 2 15.49 1.72 14.08
C ILE A 2 14.32 1.90 13.11
N ASN A 3 13.11 2.00 13.66
CA ASN A 3 11.92 2.16 12.84
C ASN A 3 12.06 3.37 11.93
N GLU A 4 12.82 4.37 12.38
CA GLU A 4 13.03 5.59 11.61
C GLU A 4 13.20 5.26 10.12
N LEU A 5 13.59 4.03 9.84
CA LEU A 5 13.79 3.60 8.45
C LEU A 5 12.57 3.99 7.60
N LEU A 6 11.49 4.39 8.27
CA LEU A 6 10.27 4.78 7.58
C LEU A 6 10.60 5.58 6.32
N HIS A 7 11.44 6.59 6.47
CA HIS A 7 11.83 7.42 5.34
C HIS A 7 12.07 6.57 4.10
N ILE A 8 12.74 5.44 4.30
CA ILE A 8 13.02 4.53 3.19
C ILE A 8 11.98 3.41 3.14
N LEU A 9 11.55 2.97 4.31
CA LEU A 9 10.56 1.90 4.40
C LEU A 9 9.18 2.39 3.99
N VAL A 10 9.08 3.66 3.61
CA VAL A 10 7.82 4.23 3.19
C VAL A 10 7.48 3.81 1.75
N PHE A 11 8.42 4.02 0.85
CA PHE A 11 8.20 3.64 -0.55
C PHE A 11 7.51 2.29 -0.64
N GLY A 12 7.68 1.49 0.40
CA GLY A 12 7.07 0.16 0.45
C GLY A 12 5.70 0.22 1.09
N GLU A 13 5.53 1.12 2.07
CA GLU A 13 4.25 1.25 2.75
C GLU A 13 3.29 2.11 1.93
N SER A 14 3.84 2.97 1.09
CA SER A 14 3.02 3.83 0.25
C SER A 14 2.20 2.99 -0.72
N LEU A 15 2.64 1.74 -0.92
CA LEU A 15 1.93 0.85 -1.82
C LEU A 15 0.51 0.62 -1.30
N LEU A 16 0.30 0.96 -0.03
CA LEU A 16 -1.02 0.82 0.57
C LEU A 16 -1.82 2.10 0.38
N ASN A 17 -1.14 3.23 0.55
CA ASN A 17 -1.79 4.53 0.38
C ASN A 17 -2.41 4.62 -1.00
N ASP A 18 -1.96 3.75 -1.90
CA ASP A 18 -2.48 3.73 -3.27
C ASP A 18 -3.70 2.83 -3.37
N ALA A 19 -3.79 1.86 -2.46
CA ALA A 19 -4.91 0.93 -2.46
C ALA A 19 -6.00 1.41 -1.51
N VAL A 20 -5.59 2.00 -0.39
CA VAL A 20 -6.55 2.50 0.59
C VAL A 20 -7.30 3.71 0.05
N THR A 21 -6.94 4.15 -1.15
CA THR A 21 -7.60 5.30 -1.76
C THR A 21 -8.77 4.86 -2.64
N VAL A 22 -8.90 3.54 -2.81
CA VAL A 22 -9.98 2.99 -3.62
C VAL A 22 -10.80 1.99 -2.83
N VAL A 23 -10.16 0.91 -2.40
CA VAL A 23 -10.85 -0.13 -1.65
C VAL A 23 -11.51 0.47 -0.40
N LEU A 24 -11.10 1.68 -0.03
CA LEU A 24 -11.67 2.34 1.13
C LEU A 24 -12.83 3.25 0.73
N TYR A 25 -12.63 4.02 -0.33
CA TYR A 25 -13.66 4.95 -0.80
C TYR A 25 -14.60 4.24 -1.78
N LYS A 26 -14.02 3.59 -2.79
CA LYS A 26 -14.83 2.90 -3.78
C LYS A 26 -15.26 1.53 -3.27
N LYS A 27 -14.38 0.87 -2.54
CA LYS A 27 -14.70 -0.45 -1.99
C LYS A 27 -15.15 -1.39 -3.10
N HIS A 1 13.78 -2.85 5.31
CA HIS A 1 14.60 -3.04 4.08
C HIS A 1 14.98 -4.51 3.95
N ILE A 2 14.27 -5.22 3.07
CA ILE A 2 14.53 -6.63 2.85
C ILE A 2 14.73 -6.91 1.36
N ASN A 3 14.55 -8.18 0.97
CA ASN A 3 14.70 -8.56 -0.42
C ASN A 3 13.68 -7.84 -1.29
N GLU A 4 12.86 -7.01 -0.66
CA GLU A 4 11.84 -6.26 -1.38
C GLU A 4 12.30 -4.82 -1.63
N LEU A 5 13.56 -4.55 -1.31
CA LEU A 5 14.12 -3.21 -1.49
C LEU A 5 13.81 -2.64 -2.87
N LEU A 6 13.20 -3.46 -3.74
CA LEU A 6 12.85 -3.00 -5.08
C LEU A 6 11.43 -2.44 -5.07
N HIS A 7 10.54 -3.13 -4.36
CA HIS A 7 9.15 -2.71 -4.29
C HIS A 7 8.91 -1.85 -3.05
N ILE A 8 9.00 -2.48 -1.88
CA ILE A 8 8.77 -1.77 -0.62
C ILE A 8 9.39 -0.38 -0.65
N LEU A 9 10.71 -0.32 -0.82
CA LEU A 9 11.42 0.96 -0.86
C LEU A 9 10.60 2.02 -1.59
N VAL A 10 10.06 1.65 -2.75
CA VAL A 10 9.26 2.57 -3.54
C VAL A 10 8.04 3.02 -2.75
N PHE A 11 7.06 2.14 -2.64
CA PHE A 11 5.84 2.45 -1.91
C PHE A 11 6.00 2.12 -0.43
N GLY A 12 6.16 0.83 -0.13
CA GLY A 12 6.32 0.39 1.24
C GLY A 12 5.09 0.74 2.08
N GLU A 13 4.91 2.03 2.36
CA GLU A 13 3.77 2.48 3.15
C GLU A 13 2.61 2.84 2.24
N SER A 14 2.92 3.26 1.02
CA SER A 14 1.89 3.64 0.07
C SER A 14 1.18 2.41 -0.48
N LEU A 15 1.95 1.36 -0.76
CA LEU A 15 1.38 0.12 -1.29
C LEU A 15 0.07 -0.20 -0.59
N LEU A 16 -0.09 0.30 0.63
CA LEU A 16 -1.30 0.05 1.40
C LEU A 16 -2.31 1.17 1.17
N ASN A 17 -1.81 2.39 1.01
CA ASN A 17 -2.68 3.54 0.78
C ASN A 17 -3.01 3.68 -0.69
N ASP A 18 -2.01 3.47 -1.55
CA ASP A 18 -2.21 3.57 -2.99
C ASP A 18 -3.54 2.95 -3.40
N ALA A 19 -4.01 2.01 -2.60
CA ALA A 19 -5.28 1.34 -2.88
C ALA A 19 -6.43 2.07 -2.20
N VAL A 20 -6.23 2.42 -0.93
CA VAL A 20 -7.26 3.13 -0.18
C VAL A 20 -7.66 4.42 -0.88
N THR A 21 -6.69 5.06 -1.53
CA THR A 21 -6.95 6.30 -2.24
C THR A 21 -7.58 6.02 -3.60
N VAL A 22 -7.74 4.74 -3.92
CA VAL A 22 -8.34 4.33 -5.19
C VAL A 22 -9.46 3.33 -4.97
N VAL A 23 -9.66 2.94 -3.72
CA VAL A 23 -10.72 1.99 -3.40
C VAL A 23 -12.04 2.70 -3.14
N LEU A 24 -12.02 3.62 -2.19
CA LEU A 24 -13.22 4.38 -1.85
C LEU A 24 -13.41 5.54 -2.81
N TYR A 25 -12.35 5.89 -3.53
CA TYR A 25 -12.40 6.99 -4.48
C TYR A 25 -13.05 6.54 -5.79
N LYS A 26 -12.55 5.45 -6.34
CA LYS A 26 -13.09 4.92 -7.59
C LYS A 26 -14.61 4.81 -7.51
N LYS A 27 -15.15 4.96 -6.30
CA LYS A 27 -16.58 4.88 -6.11
C LYS A 27 -17.25 6.22 -6.47
N HIS A 1 18.37 -5.99 6.20
CA HIS A 1 19.15 -4.73 6.06
C HIS A 1 19.03 -3.91 7.33
N ILE A 2 19.54 -2.69 7.29
CA ILE A 2 19.48 -1.79 8.44
C ILE A 2 18.52 -0.64 8.18
N ASN A 3 18.39 -0.26 6.92
CA ASN A 3 17.50 0.83 6.54
C ASN A 3 16.09 0.32 6.30
N GLU A 4 15.90 -0.98 6.52
CA GLU A 4 14.59 -1.59 6.32
C GLU A 4 13.47 -0.67 6.81
N LEU A 5 13.56 -0.28 8.08
CA LEU A 5 12.55 0.60 8.67
C LEU A 5 12.20 1.73 7.70
N LEU A 6 13.09 1.97 6.74
CA LEU A 6 12.88 3.01 5.75
C LEU A 6 12.32 2.42 4.46
N HIS A 7 13.17 1.68 3.75
CA HIS A 7 12.74 1.06 2.50
C HIS A 7 11.66 0.01 2.73
N ILE A 8 12.05 -1.12 3.30
CA ILE A 8 11.10 -2.20 3.57
C ILE A 8 9.80 -1.62 4.13
N LEU A 9 9.90 -0.49 4.81
CA LEU A 9 8.73 0.14 5.41
C LEU A 9 8.07 1.10 4.41
N VAL A 10 8.88 1.91 3.74
CA VAL A 10 8.36 2.87 2.78
C VAL A 10 7.56 2.17 1.69
N PHE A 11 8.23 1.27 0.96
CA PHE A 11 7.56 0.55 -0.12
C PHE A 11 6.36 -0.22 0.43
N GLY A 12 6.16 -0.16 1.74
CA GLY A 12 5.05 -0.85 2.38
C GLY A 12 4.09 0.15 3.02
N GLU A 13 4.51 1.41 3.10
CA GLU A 13 3.67 2.45 3.69
C GLU A 13 2.77 3.07 2.63
N SER A 14 3.26 3.14 1.40
CA SER A 14 2.48 3.71 0.31
C SER A 14 1.76 2.62 -0.47
N LEU A 15 2.47 1.53 -0.72
CA LEU A 15 1.88 0.41 -1.46
C LEU A 15 0.46 0.16 -1.00
N LEU A 16 0.19 0.41 0.28
CA LEU A 16 -1.14 0.21 0.83
C LEU A 16 -1.99 1.46 0.62
N ASN A 17 -1.38 2.63 0.81
CA ASN A 17 -2.10 3.89 0.62
C ASN A 17 -2.42 4.11 -0.84
N ASP A 18 -1.98 3.19 -1.69
CA ASP A 18 -2.23 3.29 -3.13
C ASP A 18 -3.63 2.82 -3.45
N ALA A 19 -4.09 1.78 -2.75
CA ALA A 19 -5.43 1.25 -2.98
C ALA A 19 -6.42 1.89 -2.03
N VAL A 20 -6.17 1.73 -0.74
CA VAL A 20 -7.04 2.32 0.28
C VAL A 20 -7.46 3.72 -0.12
N THR A 21 -6.62 4.38 -0.91
CA THR A 21 -6.92 5.73 -1.36
C THR A 21 -7.87 5.71 -2.56
N VAL A 22 -7.30 5.43 -3.73
CA VAL A 22 -8.11 5.38 -4.95
C VAL A 22 -9.39 4.60 -4.72
N VAL A 23 -9.44 3.85 -3.63
CA VAL A 23 -10.62 3.06 -3.32
C VAL A 23 -11.63 3.89 -2.52
N LEU A 24 -11.12 4.75 -1.64
CA LEU A 24 -11.99 5.59 -0.83
C LEU A 24 -12.15 6.97 -1.46
N TYR A 25 -11.02 7.57 -1.83
CA TYR A 25 -11.04 8.90 -2.44
C TYR A 25 -11.82 8.88 -3.75
N LYS A 26 -11.16 8.43 -4.81
CA LYS A 26 -11.81 8.37 -6.12
C LYS A 26 -13.19 7.73 -6.01
N LYS A 27 -13.24 6.54 -5.42
CA LYS A 27 -14.50 5.83 -5.26
C LYS A 27 -15.05 6.03 -3.85
N HIS A 1 10.87 -7.87 15.42
CA HIS A 1 11.16 -6.97 14.26
C HIS A 1 11.80 -5.68 14.77
N ILE A 2 12.73 -5.14 14.00
CA ILE A 2 13.43 -3.91 14.38
C ILE A 2 13.26 -2.85 13.29
N ASN A 3 14.34 -2.11 13.04
CA ASN A 3 14.32 -1.06 12.03
C ASN A 3 14.75 -1.61 10.68
N GLU A 4 15.38 -2.77 10.69
CA GLU A 4 15.84 -3.39 9.46
C GLU A 4 14.76 -3.34 8.38
N LEU A 5 13.51 -3.26 8.80
CA LEU A 5 12.39 -3.21 7.84
C LEU A 5 12.18 -1.78 7.33
N LEU A 6 13.05 -0.89 7.77
CA LEU A 6 12.96 0.52 7.37
C LEU A 6 12.57 0.64 5.90
N HIS A 7 13.55 0.39 5.01
CA HIS A 7 13.29 0.48 3.59
C HIS A 7 12.04 -0.31 3.21
N ILE A 8 11.73 -1.32 4.01
CA ILE A 8 10.56 -2.15 3.75
C ILE A 8 9.34 -1.60 4.48
N LEU A 9 9.52 -0.51 5.23
CA LEU A 9 8.44 0.10 5.96
C LEU A 9 7.71 1.13 5.10
N VAL A 10 8.40 2.22 4.80
CA VAL A 10 7.81 3.28 3.98
C VAL A 10 7.34 2.72 2.64
N PHE A 11 8.26 2.17 1.87
CA PHE A 11 7.92 1.60 0.57
C PHE A 11 6.70 0.70 0.69
N GLY A 12 6.56 0.05 1.84
CA GLY A 12 5.44 -0.86 2.07
C GLY A 12 4.20 -0.07 2.51
N GLU A 13 4.41 1.20 2.87
CA GLU A 13 3.31 2.04 3.31
C GLU A 13 2.68 2.77 2.13
N SER A 14 3.51 3.55 1.43
CA SER A 14 3.02 4.30 0.27
C SER A 14 2.53 3.35 -0.82
N LEU A 15 2.61 2.06 -0.54
CA LEU A 15 2.17 1.05 -1.50
C LEU A 15 0.65 0.90 -1.48
N LEU A 16 0.12 0.55 -0.32
CA LEU A 16 -1.33 0.39 -0.18
C LEU A 16 -2.02 1.74 -0.18
N ASN A 17 -1.23 2.81 -0.19
CA ASN A 17 -1.78 4.16 -0.19
C ASN A 17 -2.82 4.31 -1.29
N ASP A 18 -2.46 3.89 -2.50
CA ASP A 18 -3.37 3.98 -3.64
C ASP A 18 -4.41 2.86 -3.59
N ALA A 19 -4.18 1.89 -2.72
CA ALA A 19 -5.11 0.77 -2.57
C ALA A 19 -6.11 1.05 -1.47
N VAL A 20 -5.66 1.73 -0.42
CA VAL A 20 -6.53 2.05 0.71
C VAL A 20 -7.41 3.24 0.37
N THR A 21 -6.94 4.06 -0.58
CA THR A 21 -7.70 5.25 -0.98
C THR A 21 -8.94 4.83 -1.75
N VAL A 22 -9.00 3.57 -2.17
CA VAL A 22 -10.14 3.07 -2.92
C VAL A 22 -11.45 3.49 -2.24
N VAL A 23 -11.38 3.70 -0.93
CA VAL A 23 -12.56 4.11 -0.18
C VAL A 23 -12.63 5.63 -0.06
N LEU A 24 -11.54 6.30 -0.39
CA LEU A 24 -11.50 7.76 -0.30
C LEU A 24 -12.68 8.37 -1.04
N TYR A 25 -12.71 8.19 -2.36
CA TYR A 25 -13.80 8.74 -3.17
C TYR A 25 -15.13 8.10 -2.77
N LYS A 26 -15.11 6.81 -2.50
CA LYS A 26 -16.32 6.10 -2.12
C LYS A 26 -17.16 6.93 -1.16
N LYS A 27 -16.49 7.78 -0.39
CA LYS A 27 -17.19 8.64 0.57
C LYS A 27 -17.35 10.04 0.01
N HIS A 1 -2.31 -8.52 10.02
CA HIS A 1 -1.54 -9.79 10.02
C HIS A 1 -0.05 -9.47 10.18
N ILE A 2 0.78 -10.50 10.08
CA ILE A 2 2.22 -10.33 10.21
C ILE A 2 2.97 -11.31 9.30
N ASN A 3 2.23 -11.92 8.37
CA ASN A 3 2.83 -12.87 7.44
C ASN A 3 3.35 -12.15 6.20
N GLU A 4 2.74 -11.01 5.90
CA GLU A 4 3.13 -10.23 4.73
C GLU A 4 4.51 -9.59 4.95
N LEU A 5 5.14 -9.94 6.06
CA LEU A 5 6.45 -9.39 6.38
C LEU A 5 7.39 -9.49 5.19
N LEU A 6 6.97 -10.23 4.17
CA LEU A 6 7.78 -10.41 2.98
C LEU A 6 7.32 -9.46 1.87
N HIS A 7 6.01 -9.23 1.81
CA HIS A 7 5.44 -8.34 0.79
C HIS A 7 5.36 -6.91 1.31
N ILE A 8 4.31 -6.62 2.08
CA ILE A 8 4.12 -5.28 2.64
C ILE A 8 5.45 -4.69 3.10
N LEU A 9 6.20 -5.47 3.86
CA LEU A 9 7.49 -5.01 4.36
C LEU A 9 8.28 -4.31 3.25
N VAL A 10 8.16 -4.84 2.04
CA VAL A 10 8.87 -4.25 0.90
C VAL A 10 8.66 -2.74 0.86
N PHE A 11 7.49 -2.33 0.38
CA PHE A 11 7.17 -0.90 0.29
C PHE A 11 6.73 -0.37 1.64
N GLY A 12 5.64 -0.92 2.16
CA GLY A 12 5.12 -0.48 3.45
C GLY A 12 3.83 0.32 3.28
N GLU A 13 3.95 1.64 3.36
CA GLU A 13 2.80 2.52 3.21
C GLU A 13 2.65 2.97 1.76
N SER A 14 3.72 2.84 0.99
CA SER A 14 3.70 3.25 -0.40
C SER A 14 2.39 2.82 -1.06
N LEU A 15 2.19 1.51 -1.19
CA LEU A 15 0.98 0.99 -1.80
C LEU A 15 -0.20 1.13 -0.86
N LEU A 16 -0.04 0.64 0.36
CA LEU A 16 -1.12 0.72 1.36
C LEU A 16 -1.75 2.11 1.36
N ASN A 17 -1.01 3.08 0.82
CA ASN A 17 -1.51 4.45 0.75
C ASN A 17 -2.27 4.69 -0.55
N ASP A 18 -1.70 4.23 -1.66
CA ASP A 18 -2.34 4.40 -2.95
C ASP A 18 -3.25 3.23 -3.27
N ALA A 19 -3.31 2.27 -2.34
CA ALA A 19 -4.16 1.10 -2.52
C ALA A 19 -5.55 1.33 -1.94
N VAL A 20 -5.60 1.57 -0.63
CA VAL A 20 -6.86 1.82 0.04
C VAL A 20 -7.67 2.89 -0.70
N THR A 21 -6.99 3.62 -1.58
CA THR A 21 -7.65 4.66 -2.35
C THR A 21 -8.23 4.10 -3.65
N VAL A 22 -8.05 2.80 -3.84
CA VAL A 22 -8.56 2.13 -5.04
C VAL A 22 -9.48 0.98 -4.65
N VAL A 23 -9.19 0.36 -3.51
CA VAL A 23 -10.01 -0.76 -3.04
C VAL A 23 -11.24 -0.26 -2.29
N LEU A 24 -11.12 0.93 -1.71
CA LEU A 24 -12.22 1.52 -0.97
C LEU A 24 -13.02 2.48 -1.85
N TYR A 25 -12.36 3.52 -2.35
CA TYR A 25 -13.03 4.50 -3.19
C TYR A 25 -13.58 3.84 -4.46
N LYS A 26 -12.71 3.65 -5.45
CA LYS A 26 -13.12 3.04 -6.71
C LYS A 26 -14.02 1.84 -6.46
N LYS A 27 -13.56 0.93 -5.60
CA LYS A 27 -14.34 -0.27 -5.29
C LYS A 27 -15.08 -0.10 -3.97
#